data_3BN6
# 
_entry.id   3BN6 
# 
_audit_conform.dict_name       mmcif_pdbx.dic 
_audit_conform.dict_version    5.398 
_audit_conform.dict_location   http://mmcif.pdb.org/dictionaries/ascii/mmcif_pdbx.dic 
# 
loop_
_database_2.database_id 
_database_2.database_code 
_database_2.pdbx_database_accession 
_database_2.pdbx_DOI 
PDB   3BN6         pdb_00003bn6 10.2210/pdb3bn6/pdb 
RCSB  RCSB045723   ?            ?                   
WWPDB D_1000045723 ?            ?                   
# 
loop_
_pdbx_audit_revision_history.ordinal 
_pdbx_audit_revision_history.data_content_type 
_pdbx_audit_revision_history.major_revision 
_pdbx_audit_revision_history.minor_revision 
_pdbx_audit_revision_history.revision_date 
1 'Structure model' 1 0 2007-12-25 
2 'Structure model' 1 1 2011-07-13 
3 'Structure model' 1 2 2017-10-25 
4 'Structure model' 1 3 2023-05-31 
5 'Structure model' 1 4 2023-09-20 
6 'Structure model' 1 5 2024-11-13 
# 
_pdbx_audit_revision_details.ordinal             1 
_pdbx_audit_revision_details.revision_ordinal    1 
_pdbx_audit_revision_details.data_content_type   'Structure model' 
_pdbx_audit_revision_details.provider            repository 
_pdbx_audit_revision_details.type                'Initial release' 
_pdbx_audit_revision_details.description         ? 
_pdbx_audit_revision_details.details             ? 
# 
loop_
_pdbx_audit_revision_group.ordinal 
_pdbx_audit_revision_group.revision_ordinal 
_pdbx_audit_revision_group.data_content_type 
_pdbx_audit_revision_group.group 
1 2 'Structure model' 'Version format compliance' 
2 3 'Structure model' 'Refinement description'    
3 4 'Structure model' 'Database references'       
4 5 'Structure model' 'Data collection'           
5 5 'Structure model' 'Refinement description'    
6 6 'Structure model' 'Structure summary'         
# 
loop_
_pdbx_audit_revision_category.ordinal 
_pdbx_audit_revision_category.revision_ordinal 
_pdbx_audit_revision_category.data_content_type 
_pdbx_audit_revision_category.category 
1 3 'Structure model' software                      
2 4 'Structure model' database_2                    
3 5 'Structure model' chem_comp_atom                
4 5 'Structure model' chem_comp_bond                
5 5 'Structure model' pdbx_initial_refinement_model 
6 6 'Structure model' pdbx_entry_details            
7 6 'Structure model' pdbx_modification_feature     
# 
loop_
_pdbx_audit_revision_item.ordinal 
_pdbx_audit_revision_item.revision_ordinal 
_pdbx_audit_revision_item.data_content_type 
_pdbx_audit_revision_item.item 
1 4 'Structure model' '_database_2.pdbx_DOI'                
2 4 'Structure model' '_database_2.pdbx_database_accession' 
# 
_pdbx_database_status.entry_id                        3BN6 
_pdbx_database_status.deposit_site                    RCSB 
_pdbx_database_status.process_site                    RCSB 
_pdbx_database_status.recvd_initial_deposition_date   2007-12-13 
_pdbx_database_status.status_code                     REL 
_pdbx_database_status.status_code_sf                  REL 
_pdbx_database_status.status_code_mr                  ? 
_pdbx_database_status.SG_entry                        ? 
_pdbx_database_status.pdb_format_compatible           Y 
_pdbx_database_status.status_code_cs                  ? 
_pdbx_database_status.methods_development_category    ? 
_pdbx_database_status.status_code_nmr_data            ? 
# 
loop_
_audit_author.name 
_audit_author.pdbx_ordinal 
'Shao, C.'        1 
'Novakovic, V.A.' 2 
'Head, J.F.'      3 
'Seaton, B.A.'    4 
'Gilbert, G.E.'   5 
# 
_citation.id                        primary 
_citation.title                     
;Crystal structure of lactadherin C2 domain at 1.7A resolution with mutational and computational analyses of its membrane-binding motif.
;
_citation.journal_abbrev            J.Biol.Chem. 
_citation.journal_volume            283 
_citation.page_first                7230 
_citation.page_last                 7241 
_citation.year                      2008 
_citation.journal_id_ASTM           JBCHA3 
_citation.country                   US 
_citation.journal_id_ISSN           0021-9258 
_citation.journal_id_CSD            0071 
_citation.book_publisher            ? 
_citation.pdbx_database_id_PubMed   18160406 
_citation.pdbx_database_id_DOI      10.1074/jbc.M705195200 
# 
loop_
_citation_author.citation_id 
_citation_author.name 
_citation_author.ordinal 
_citation_author.identifier_ORCID 
primary 'Shao, C.'        1 ? 
primary 'Novakovic, V.A.' 2 ? 
primary 'Head, J.F.'      3 ? 
primary 'Seaton, B.A.'    4 ? 
primary 'Gilbert, G.E.'   5 ? 
# 
loop_
_entity.id 
_entity.type 
_entity.src_method 
_entity.pdbx_description 
_entity.formula_weight 
_entity.pdbx_number_of_molecules 
_entity.pdbx_ec 
_entity.pdbx_mutation 
_entity.pdbx_fragment 
_entity.details 
1 polymer man Lactadherin 17996.102 1   ? ? 'F5/8 type C 2, C2, residues 270-427' ? 
2 water   nat water       18.015    233 ? ? ?                                     ? 
# 
_entity_name_com.entity_id   1 
_entity_name_com.name        
'Milk fat globule-EGF factor 8, MFG-E8, MGP57/53, PAS-6/PAS-7 glycoprotein, MFGM, Sperm surface protein SP47, BP47, Components 15/16' 
# 
_entity_poly.entity_id                      1 
_entity_poly.type                           'polypeptide(L)' 
_entity_poly.nstd_linkage                   no 
_entity_poly.nstd_monomer                   no 
_entity_poly.pdbx_seq_one_letter_code       
;CTEPLGLKDNTIPNKQITASSYYKTWGLSAFSWFPYYARLDNQGKFNAWTAQTNSASEWLQIDLGSQKRVTGIITQGARD
FGHIQYVAAYRVAYGDDGVTWTEYKDPGASESKIFPGNMDNNSHKKNIFETPFQARFVRIQPVAWHNRITLRVELLGC
;
_entity_poly.pdbx_seq_one_letter_code_can   
;CTEPLGLKDNTIPNKQITASSYYKTWGLSAFSWFPYYARLDNQGKFNAWTAQTNSASEWLQIDLGSQKRVTGIITQGARD
FGHIQYVAAYRVAYGDDGVTWTEYKDPGASESKIFPGNMDNNSHKKNIFETPFQARFVRIQPVAWHNRITLRVELLGC
;
_entity_poly.pdbx_strand_id                 A 
_entity_poly.pdbx_target_identifier         ? 
# 
_pdbx_entity_nonpoly.entity_id   2 
_pdbx_entity_nonpoly.name        water 
_pdbx_entity_nonpoly.comp_id     HOH 
# 
loop_
_entity_poly_seq.entity_id 
_entity_poly_seq.num 
_entity_poly_seq.mon_id 
_entity_poly_seq.hetero 
1 1   CYS n 
1 2   THR n 
1 3   GLU n 
1 4   PRO n 
1 5   LEU n 
1 6   GLY n 
1 7   LEU n 
1 8   LYS n 
1 9   ASP n 
1 10  ASN n 
1 11  THR n 
1 12  ILE n 
1 13  PRO n 
1 14  ASN n 
1 15  LYS n 
1 16  GLN n 
1 17  ILE n 
1 18  THR n 
1 19  ALA n 
1 20  SER n 
1 21  SER n 
1 22  TYR n 
1 23  TYR n 
1 24  LYS n 
1 25  THR n 
1 26  TRP n 
1 27  GLY n 
1 28  LEU n 
1 29  SER n 
1 30  ALA n 
1 31  PHE n 
1 32  SER n 
1 33  TRP n 
1 34  PHE n 
1 35  PRO n 
1 36  TYR n 
1 37  TYR n 
1 38  ALA n 
1 39  ARG n 
1 40  LEU n 
1 41  ASP n 
1 42  ASN n 
1 43  GLN n 
1 44  GLY n 
1 45  LYS n 
1 46  PHE n 
1 47  ASN n 
1 48  ALA n 
1 49  TRP n 
1 50  THR n 
1 51  ALA n 
1 52  GLN n 
1 53  THR n 
1 54  ASN n 
1 55  SER n 
1 56  ALA n 
1 57  SER n 
1 58  GLU n 
1 59  TRP n 
1 60  LEU n 
1 61  GLN n 
1 62  ILE n 
1 63  ASP n 
1 64  LEU n 
1 65  GLY n 
1 66  SER n 
1 67  GLN n 
1 68  LYS n 
1 69  ARG n 
1 70  VAL n 
1 71  THR n 
1 72  GLY n 
1 73  ILE n 
1 74  ILE n 
1 75  THR n 
1 76  GLN n 
1 77  GLY n 
1 78  ALA n 
1 79  ARG n 
1 80  ASP n 
1 81  PHE n 
1 82  GLY n 
1 83  HIS n 
1 84  ILE n 
1 85  GLN n 
1 86  TYR n 
1 87  VAL n 
1 88  ALA n 
1 89  ALA n 
1 90  TYR n 
1 91  ARG n 
1 92  VAL n 
1 93  ALA n 
1 94  TYR n 
1 95  GLY n 
1 96  ASP n 
1 97  ASP n 
1 98  GLY n 
1 99  VAL n 
1 100 THR n 
1 101 TRP n 
1 102 THR n 
1 103 GLU n 
1 104 TYR n 
1 105 LYS n 
1 106 ASP n 
1 107 PRO n 
1 108 GLY n 
1 109 ALA n 
1 110 SER n 
1 111 GLU n 
1 112 SER n 
1 113 LYS n 
1 114 ILE n 
1 115 PHE n 
1 116 PRO n 
1 117 GLY n 
1 118 ASN n 
1 119 MET n 
1 120 ASP n 
1 121 ASN n 
1 122 ASN n 
1 123 SER n 
1 124 HIS n 
1 125 LYS n 
1 126 LYS n 
1 127 ASN n 
1 128 ILE n 
1 129 PHE n 
1 130 GLU n 
1 131 THR n 
1 132 PRO n 
1 133 PHE n 
1 134 GLN n 
1 135 ALA n 
1 136 ARG n 
1 137 PHE n 
1 138 VAL n 
1 139 ARG n 
1 140 ILE n 
1 141 GLN n 
1 142 PRO n 
1 143 VAL n 
1 144 ALA n 
1 145 TRP n 
1 146 HIS n 
1 147 ASN n 
1 148 ARG n 
1 149 ILE n 
1 150 THR n 
1 151 LEU n 
1 152 ARG n 
1 153 VAL n 
1 154 GLU n 
1 155 LEU n 
1 156 LEU n 
1 157 GLY n 
1 158 CYS n 
# 
_entity_src_gen.entity_id                          1 
_entity_src_gen.pdbx_src_id                        1 
_entity_src_gen.pdbx_alt_source_flag               sample 
_entity_src_gen.pdbx_seq_type                      ? 
_entity_src_gen.pdbx_beg_seq_num                   ? 
_entity_src_gen.pdbx_end_seq_num                   ? 
_entity_src_gen.gene_src_common_name               cattle 
_entity_src_gen.gene_src_genus                     Bos 
_entity_src_gen.pdbx_gene_src_gene                 MFGE8 
_entity_src_gen.gene_src_species                   ? 
_entity_src_gen.gene_src_strain                    ? 
_entity_src_gen.gene_src_tissue                    ? 
_entity_src_gen.gene_src_tissue_fraction           ? 
_entity_src_gen.gene_src_details                   ? 
_entity_src_gen.pdbx_gene_src_fragment             ? 
_entity_src_gen.pdbx_gene_src_scientific_name      'Bos taurus' 
_entity_src_gen.pdbx_gene_src_ncbi_taxonomy_id     9913 
_entity_src_gen.pdbx_gene_src_variant              ? 
_entity_src_gen.pdbx_gene_src_cell_line            ? 
_entity_src_gen.pdbx_gene_src_atcc                 ? 
_entity_src_gen.pdbx_gene_src_organ                ? 
_entity_src_gen.pdbx_gene_src_organelle            ? 
_entity_src_gen.pdbx_gene_src_cell                 ? 
_entity_src_gen.pdbx_gene_src_cellular_location    ? 
_entity_src_gen.host_org_common_name               ? 
_entity_src_gen.pdbx_host_org_scientific_name      'Escherichia coli' 
_entity_src_gen.pdbx_host_org_ncbi_taxonomy_id     562 
_entity_src_gen.host_org_genus                     Escherichia 
_entity_src_gen.pdbx_host_org_gene                 ? 
_entity_src_gen.pdbx_host_org_organ                ? 
_entity_src_gen.host_org_species                   ? 
_entity_src_gen.pdbx_host_org_tissue               ? 
_entity_src_gen.pdbx_host_org_tissue_fraction      ? 
_entity_src_gen.pdbx_host_org_strain               ? 
_entity_src_gen.pdbx_host_org_variant              ? 
_entity_src_gen.pdbx_host_org_cell_line            ? 
_entity_src_gen.pdbx_host_org_atcc                 ? 
_entity_src_gen.pdbx_host_org_culture_collection   ? 
_entity_src_gen.pdbx_host_org_cell                 ? 
_entity_src_gen.pdbx_host_org_organelle            ? 
_entity_src_gen.pdbx_host_org_cellular_location    ? 
_entity_src_gen.pdbx_host_org_vector_type          plasmid 
_entity_src_gen.pdbx_host_org_vector               ? 
_entity_src_gen.host_org_details                   ? 
_entity_src_gen.expression_system_id               ? 
_entity_src_gen.plasmid_name                       pET28 
_entity_src_gen.plasmid_details                    ? 
_entity_src_gen.pdbx_description                   ? 
# 
loop_
_chem_comp.id 
_chem_comp.type 
_chem_comp.mon_nstd_flag 
_chem_comp.name 
_chem_comp.pdbx_synonyms 
_chem_comp.formula 
_chem_comp.formula_weight 
ALA 'L-peptide linking' y ALANINE         ? 'C3 H7 N O2'     89.093  
ARG 'L-peptide linking' y ARGININE        ? 'C6 H15 N4 O2 1' 175.209 
ASN 'L-peptide linking' y ASPARAGINE      ? 'C4 H8 N2 O3'    132.118 
ASP 'L-peptide linking' y 'ASPARTIC ACID' ? 'C4 H7 N O4'     133.103 
CYS 'L-peptide linking' y CYSTEINE        ? 'C3 H7 N O2 S'   121.158 
GLN 'L-peptide linking' y GLUTAMINE       ? 'C5 H10 N2 O3'   146.144 
GLU 'L-peptide linking' y 'GLUTAMIC ACID' ? 'C5 H9 N O4'     147.129 
GLY 'peptide linking'   y GLYCINE         ? 'C2 H5 N O2'     75.067  
HIS 'L-peptide linking' y HISTIDINE       ? 'C6 H10 N3 O2 1' 156.162 
HOH non-polymer         . WATER           ? 'H2 O'           18.015  
ILE 'L-peptide linking' y ISOLEUCINE      ? 'C6 H13 N O2'    131.173 
LEU 'L-peptide linking' y LEUCINE         ? 'C6 H13 N O2'    131.173 
LYS 'L-peptide linking' y LYSINE          ? 'C6 H15 N2 O2 1' 147.195 
MET 'L-peptide linking' y METHIONINE      ? 'C5 H11 N O2 S'  149.211 
PHE 'L-peptide linking' y PHENYLALANINE   ? 'C9 H11 N O2'    165.189 
PRO 'L-peptide linking' y PROLINE         ? 'C5 H9 N O2'     115.130 
SER 'L-peptide linking' y SERINE          ? 'C3 H7 N O3'     105.093 
THR 'L-peptide linking' y THREONINE       ? 'C4 H9 N O3'     119.119 
TRP 'L-peptide linking' y TRYPTOPHAN      ? 'C11 H12 N2 O2'  204.225 
TYR 'L-peptide linking' y TYROSINE        ? 'C9 H11 N O3'    181.189 
VAL 'L-peptide linking' y VALINE          ? 'C5 H11 N O2'    117.146 
# 
loop_
_pdbx_poly_seq_scheme.asym_id 
_pdbx_poly_seq_scheme.entity_id 
_pdbx_poly_seq_scheme.seq_id 
_pdbx_poly_seq_scheme.mon_id 
_pdbx_poly_seq_scheme.ndb_seq_num 
_pdbx_poly_seq_scheme.pdb_seq_num 
_pdbx_poly_seq_scheme.auth_seq_num 
_pdbx_poly_seq_scheme.pdb_mon_id 
_pdbx_poly_seq_scheme.auth_mon_id 
_pdbx_poly_seq_scheme.pdb_strand_id 
_pdbx_poly_seq_scheme.pdb_ins_code 
_pdbx_poly_seq_scheme.hetero 
A 1 1   CYS 1   1   1   CYS CYS A . n 
A 1 2   THR 2   2   2   THR THR A . n 
A 1 3   GLU 3   3   3   GLU GLU A . n 
A 1 4   PRO 4   4   4   PRO PRO A . n 
A 1 5   LEU 5   5   5   LEU LEU A . n 
A 1 6   GLY 6   6   6   GLY GLY A . n 
A 1 7   LEU 7   7   7   LEU LEU A . n 
A 1 8   LYS 8   8   8   LYS LYS A . n 
A 1 9   ASP 9   9   9   ASP ASP A . n 
A 1 10  ASN 10  10  10  ASN ASN A . n 
A 1 11  THR 11  11  11  THR THR A . n 
A 1 12  ILE 12  12  12  ILE ILE A . n 
A 1 13  PRO 13  13  13  PRO PRO A . n 
A 1 14  ASN 14  14  14  ASN ASN A . n 
A 1 15  LYS 15  15  15  LYS LYS A . n 
A 1 16  GLN 16  16  16  GLN GLN A . n 
A 1 17  ILE 17  17  17  ILE ILE A . n 
A 1 18  THR 18  18  18  THR THR A . n 
A 1 19  ALA 19  19  19  ALA ALA A . n 
A 1 20  SER 20  20  20  SER SER A . n 
A 1 21  SER 21  21  21  SER SER A . n 
A 1 22  TYR 22  22  22  TYR TYR A . n 
A 1 23  TYR 23  23  23  TYR TYR A . n 
A 1 24  LYS 24  24  24  LYS LYS A . n 
A 1 25  THR 25  25  25  THR THR A . n 
A 1 26  TRP 26  26  26  TRP TRP A . n 
A 1 27  GLY 27  27  27  GLY GLY A . n 
A 1 28  LEU 28  28  28  LEU LEU A . n 
A 1 29  SER 29  29  29  SER SER A . n 
A 1 30  ALA 30  30  30  ALA ALA A . n 
A 1 31  PHE 31  31  31  PHE PHE A . n 
A 1 32  SER 32  32  32  SER SER A . n 
A 1 33  TRP 33  33  33  TRP TRP A . n 
A 1 34  PHE 34  34  34  PHE PHE A . n 
A 1 35  PRO 35  35  35  PRO PRO A . n 
A 1 36  TYR 36  36  36  TYR TYR A . n 
A 1 37  TYR 37  37  37  TYR TYR A . n 
A 1 38  ALA 38  38  38  ALA ALA A . n 
A 1 39  ARG 39  39  39  ARG ARG A . n 
A 1 40  LEU 40  40  40  LEU LEU A . n 
A 1 41  ASP 41  41  41  ASP ASP A . n 
A 1 42  ASN 42  42  42  ASN ASN A . n 
A 1 43  GLN 43  43  43  GLN GLN A . n 
A 1 44  GLY 44  44  44  GLY GLY A . n 
A 1 45  LYS 45  45  45  LYS LYS A . n 
A 1 46  PHE 46  46  46  PHE PHE A . n 
A 1 47  ASN 47  47  47  ASN ASN A . n 
A 1 48  ALA 48  48  48  ALA ALA A . n 
A 1 49  TRP 49  49  49  TRP TRP A . n 
A 1 50  THR 50  50  50  THR THR A . n 
A 1 51  ALA 51  51  51  ALA ALA A . n 
A 1 52  GLN 52  52  52  GLN GLN A . n 
A 1 53  THR 53  53  53  THR THR A . n 
A 1 54  ASN 54  54  54  ASN ASN A . n 
A 1 55  SER 55  55  55  SER SER A . n 
A 1 56  ALA 56  56  56  ALA ALA A . n 
A 1 57  SER 57  57  57  SER SER A . n 
A 1 58  GLU 58  58  58  GLU GLU A . n 
A 1 59  TRP 59  59  59  TRP TRP A . n 
A 1 60  LEU 60  60  60  LEU LEU A . n 
A 1 61  GLN 61  61  61  GLN GLN A . n 
A 1 62  ILE 62  62  62  ILE ILE A . n 
A 1 63  ASP 63  63  63  ASP ASP A . n 
A 1 64  LEU 64  64  64  LEU LEU A . n 
A 1 65  GLY 65  65  65  GLY GLY A . n 
A 1 66  SER 66  66  66  SER SER A . n 
A 1 67  GLN 67  67  67  GLN GLN A . n 
A 1 68  LYS 68  68  68  LYS LYS A . n 
A 1 69  ARG 69  69  69  ARG ARG A . n 
A 1 70  VAL 70  70  70  VAL VAL A . n 
A 1 71  THR 71  71  71  THR THR A . n 
A 1 72  GLY 72  72  72  GLY GLY A . n 
A 1 73  ILE 73  73  73  ILE ILE A . n 
A 1 74  ILE 74  74  74  ILE ILE A . n 
A 1 75  THR 75  75  75  THR THR A . n 
A 1 76  GLN 76  76  76  GLN GLN A . n 
A 1 77  GLY 77  77  77  GLY GLY A . n 
A 1 78  ALA 78  78  78  ALA ALA A . n 
A 1 79  ARG 79  79  79  ARG ARG A . n 
A 1 80  ASP 80  80  80  ASP ASP A . n 
A 1 81  PHE 81  81  81  PHE PHE A . n 
A 1 82  GLY 82  82  82  GLY GLY A . n 
A 1 83  HIS 83  83  83  HIS HIS A . n 
A 1 84  ILE 84  84  84  ILE ILE A . n 
A 1 85  GLN 85  85  85  GLN GLN A . n 
A 1 86  TYR 86  86  86  TYR TYR A . n 
A 1 87  VAL 87  87  87  VAL VAL A . n 
A 1 88  ALA 88  88  88  ALA ALA A . n 
A 1 89  ALA 89  89  89  ALA ALA A . n 
A 1 90  TYR 90  90  90  TYR TYR A . n 
A 1 91  ARG 91  91  91  ARG ARG A . n 
A 1 92  VAL 92  92  92  VAL VAL A . n 
A 1 93  ALA 93  93  93  ALA ALA A . n 
A 1 94  TYR 94  94  94  TYR TYR A . n 
A 1 95  GLY 95  95  95  GLY GLY A . n 
A 1 96  ASP 96  96  96  ASP ASP A . n 
A 1 97  ASP 97  97  97  ASP ASP A . n 
A 1 98  GLY 98  98  98  GLY GLY A . n 
A 1 99  VAL 99  99  99  VAL VAL A . n 
A 1 100 THR 100 100 100 THR THR A . n 
A 1 101 TRP 101 101 101 TRP TRP A . n 
A 1 102 THR 102 102 102 THR THR A . n 
A 1 103 GLU 103 103 103 GLU GLU A . n 
A 1 104 TYR 104 104 104 TYR TYR A . n 
A 1 105 LYS 105 105 105 LYS LYS A . n 
A 1 106 ASP 106 106 106 ASP ASP A . n 
A 1 107 PRO 107 107 107 PRO PRO A . n 
A 1 108 GLY 108 108 108 GLY GLY A . n 
A 1 109 ALA 109 109 109 ALA ALA A . n 
A 1 110 SER 110 110 110 SER SER A . n 
A 1 111 GLU 111 111 111 GLU GLU A . n 
A 1 112 SER 112 112 112 SER SER A . n 
A 1 113 LYS 113 113 113 LYS LYS A . n 
A 1 114 ILE 114 114 114 ILE ILE A . n 
A 1 115 PHE 115 115 115 PHE PHE A . n 
A 1 116 PRO 116 116 116 PRO PRO A . n 
A 1 117 GLY 117 117 117 GLY GLY A . n 
A 1 118 ASN 118 118 118 ASN ASN A . n 
A 1 119 MET 119 119 119 MET MET A . n 
A 1 120 ASP 120 120 120 ASP ASP A . n 
A 1 121 ASN 121 121 121 ASN ASN A . n 
A 1 122 ASN 122 122 122 ASN ASN A . n 
A 1 123 SER 123 123 123 SER SER A . n 
A 1 124 HIS 124 124 124 HIS HIS A . n 
A 1 125 LYS 125 125 125 LYS LYS A . n 
A 1 126 LYS 126 126 126 LYS LYS A . n 
A 1 127 ASN 127 127 127 ASN ASN A . n 
A 1 128 ILE 128 128 128 ILE ILE A . n 
A 1 129 PHE 129 129 129 PHE PHE A . n 
A 1 130 GLU 130 130 130 GLU GLU A . n 
A 1 131 THR 131 131 131 THR THR A . n 
A 1 132 PRO 132 132 132 PRO PRO A . n 
A 1 133 PHE 133 133 133 PHE PHE A . n 
A 1 134 GLN 134 134 134 GLN GLN A . n 
A 1 135 ALA 135 135 135 ALA ALA A . n 
A 1 136 ARG 136 136 136 ARG ARG A . n 
A 1 137 PHE 137 137 137 PHE PHE A . n 
A 1 138 VAL 138 138 138 VAL VAL A . n 
A 1 139 ARG 139 139 139 ARG ARG A . n 
A 1 140 ILE 140 140 140 ILE ILE A . n 
A 1 141 GLN 141 141 141 GLN GLN A . n 
A 1 142 PRO 142 142 142 PRO PRO A . n 
A 1 143 VAL 143 143 143 VAL VAL A . n 
A 1 144 ALA 144 144 144 ALA ALA A . n 
A 1 145 TRP 145 145 145 TRP TRP A . n 
A 1 146 HIS 146 146 146 HIS HIS A . n 
A 1 147 ASN 147 147 147 ASN ASN A . n 
A 1 148 ARG 148 148 148 ARG ARG A . n 
A 1 149 ILE 149 149 149 ILE ILE A . n 
A 1 150 THR 150 150 150 THR THR A . n 
A 1 151 LEU 151 151 151 LEU LEU A . n 
A 1 152 ARG 152 152 152 ARG ARG A . n 
A 1 153 VAL 153 153 153 VAL VAL A . n 
A 1 154 GLU 154 154 154 GLU GLU A . n 
A 1 155 LEU 155 155 155 LEU LEU A . n 
A 1 156 LEU 156 156 156 LEU LEU A . n 
A 1 157 GLY 157 157 157 GLY GLY A . n 
A 1 158 CYS 158 158 158 CYS CYS A . n 
# 
loop_
_pdbx_nonpoly_scheme.asym_id 
_pdbx_nonpoly_scheme.entity_id 
_pdbx_nonpoly_scheme.mon_id 
_pdbx_nonpoly_scheme.ndb_seq_num 
_pdbx_nonpoly_scheme.pdb_seq_num 
_pdbx_nonpoly_scheme.auth_seq_num 
_pdbx_nonpoly_scheme.pdb_mon_id 
_pdbx_nonpoly_scheme.auth_mon_id 
_pdbx_nonpoly_scheme.pdb_strand_id 
_pdbx_nonpoly_scheme.pdb_ins_code 
B 2 HOH 1   159 1   HOH TIP A . 
B 2 HOH 2   160 2   HOH TIP A . 
B 2 HOH 3   161 3   HOH TIP A . 
B 2 HOH 4   162 4   HOH TIP A . 
B 2 HOH 5   163 5   HOH TIP A . 
B 2 HOH 6   164 6   HOH TIP A . 
B 2 HOH 7   165 7   HOH TIP A . 
B 2 HOH 8   166 8   HOH TIP A . 
B 2 HOH 9   167 9   HOH TIP A . 
B 2 HOH 10  168 10  HOH TIP A . 
B 2 HOH 11  169 11  HOH TIP A . 
B 2 HOH 12  170 12  HOH TIP A . 
B 2 HOH 13  171 13  HOH TIP A . 
B 2 HOH 14  172 14  HOH TIP A . 
B 2 HOH 15  173 15  HOH TIP A . 
B 2 HOH 16  174 16  HOH TIP A . 
B 2 HOH 17  175 17  HOH TIP A . 
B 2 HOH 18  176 18  HOH TIP A . 
B 2 HOH 19  177 19  HOH TIP A . 
B 2 HOH 20  178 20  HOH TIP A . 
B 2 HOH 21  179 21  HOH TIP A . 
B 2 HOH 22  180 22  HOH TIP A . 
B 2 HOH 23  181 23  HOH TIP A . 
B 2 HOH 24  182 24  HOH TIP A . 
B 2 HOH 25  183 25  HOH TIP A . 
B 2 HOH 26  184 26  HOH TIP A . 
B 2 HOH 27  185 27  HOH TIP A . 
B 2 HOH 28  186 28  HOH TIP A . 
B 2 HOH 29  187 29  HOH TIP A . 
B 2 HOH 30  188 30  HOH TIP A . 
B 2 HOH 31  189 31  HOH TIP A . 
B 2 HOH 32  190 32  HOH TIP A . 
B 2 HOH 33  191 33  HOH TIP A . 
B 2 HOH 34  192 34  HOH TIP A . 
B 2 HOH 35  193 35  HOH TIP A . 
B 2 HOH 36  194 36  HOH TIP A . 
B 2 HOH 37  195 37  HOH TIP A . 
B 2 HOH 38  196 38  HOH TIP A . 
B 2 HOH 39  197 39  HOH TIP A . 
B 2 HOH 40  198 40  HOH TIP A . 
B 2 HOH 41  199 41  HOH TIP A . 
B 2 HOH 42  200 42  HOH TIP A . 
B 2 HOH 43  201 43  HOH TIP A . 
B 2 HOH 44  202 44  HOH TIP A . 
B 2 HOH 45  203 45  HOH TIP A . 
B 2 HOH 46  204 46  HOH TIP A . 
B 2 HOH 47  205 47  HOH TIP A . 
B 2 HOH 48  206 48  HOH TIP A . 
B 2 HOH 49  207 49  HOH TIP A . 
B 2 HOH 50  208 50  HOH TIP A . 
B 2 HOH 51  209 51  HOH TIP A . 
B 2 HOH 52  210 52  HOH TIP A . 
B 2 HOH 53  211 53  HOH TIP A . 
B 2 HOH 54  212 54  HOH TIP A . 
B 2 HOH 55  213 55  HOH TIP A . 
B 2 HOH 56  214 56  HOH TIP A . 
B 2 HOH 57  215 57  HOH TIP A . 
B 2 HOH 58  216 58  HOH TIP A . 
B 2 HOH 59  217 59  HOH TIP A . 
B 2 HOH 60  218 60  HOH TIP A . 
B 2 HOH 61  219 61  HOH TIP A . 
B 2 HOH 62  220 62  HOH TIP A . 
B 2 HOH 63  221 63  HOH TIP A . 
B 2 HOH 64  222 64  HOH TIP A . 
B 2 HOH 65  223 65  HOH TIP A . 
B 2 HOH 66  224 66  HOH TIP A . 
B 2 HOH 67  225 67  HOH TIP A . 
B 2 HOH 68  226 68  HOH TIP A . 
B 2 HOH 69  227 69  HOH TIP A . 
B 2 HOH 70  228 70  HOH TIP A . 
B 2 HOH 71  229 71  HOH TIP A . 
B 2 HOH 72  230 72  HOH TIP A . 
B 2 HOH 73  231 73  HOH TIP A . 
B 2 HOH 74  232 74  HOH TIP A . 
B 2 HOH 75  233 75  HOH TIP A . 
B 2 HOH 76  234 76  HOH TIP A . 
B 2 HOH 77  235 77  HOH TIP A . 
B 2 HOH 78  236 78  HOH TIP A . 
B 2 HOH 79  237 79  HOH TIP A . 
B 2 HOH 80  238 80  HOH TIP A . 
B 2 HOH 81  239 81  HOH TIP A . 
B 2 HOH 82  240 82  HOH TIP A . 
B 2 HOH 83  241 83  HOH TIP A . 
B 2 HOH 84  242 84  HOH TIP A . 
B 2 HOH 85  243 85  HOH TIP A . 
B 2 HOH 86  244 86  HOH TIP A . 
B 2 HOH 87  245 87  HOH TIP A . 
B 2 HOH 88  246 88  HOH TIP A . 
B 2 HOH 89  247 89  HOH TIP A . 
B 2 HOH 90  248 90  HOH TIP A . 
B 2 HOH 91  249 91  HOH TIP A . 
B 2 HOH 92  250 92  HOH TIP A . 
B 2 HOH 93  251 93  HOH TIP A . 
B 2 HOH 94  252 94  HOH TIP A . 
B 2 HOH 95  253 95  HOH TIP A . 
B 2 HOH 96  254 96  HOH TIP A . 
B 2 HOH 97  255 97  HOH TIP A . 
B 2 HOH 98  256 98  HOH TIP A . 
B 2 HOH 99  257 99  HOH TIP A . 
B 2 HOH 100 258 100 HOH TIP A . 
B 2 HOH 101 259 101 HOH TIP A . 
B 2 HOH 102 260 102 HOH TIP A . 
B 2 HOH 103 261 103 HOH TIP A . 
B 2 HOH 104 262 104 HOH TIP A . 
B 2 HOH 105 263 105 HOH TIP A . 
B 2 HOH 106 264 106 HOH TIP A . 
B 2 HOH 107 265 107 HOH TIP A . 
B 2 HOH 108 266 108 HOH TIP A . 
B 2 HOH 109 267 109 HOH TIP A . 
B 2 HOH 110 268 110 HOH TIP A . 
B 2 HOH 111 269 111 HOH TIP A . 
B 2 HOH 112 270 112 HOH TIP A . 
B 2 HOH 113 271 113 HOH TIP A . 
B 2 HOH 114 272 114 HOH TIP A . 
B 2 HOH 115 273 115 HOH TIP A . 
B 2 HOH 116 274 116 HOH TIP A . 
B 2 HOH 117 275 117 HOH TIP A . 
B 2 HOH 118 276 118 HOH TIP A . 
B 2 HOH 119 277 119 HOH TIP A . 
B 2 HOH 120 278 120 HOH TIP A . 
B 2 HOH 121 279 121 HOH TIP A . 
B 2 HOH 122 280 122 HOH TIP A . 
B 2 HOH 123 281 123 HOH TIP A . 
B 2 HOH 124 282 124 HOH TIP A . 
B 2 HOH 125 283 125 HOH TIP A . 
B 2 HOH 126 284 126 HOH TIP A . 
B 2 HOH 127 285 127 HOH TIP A . 
B 2 HOH 128 286 128 HOH TIP A . 
B 2 HOH 129 287 129 HOH TIP A . 
B 2 HOH 130 288 130 HOH TIP A . 
B 2 HOH 131 289 131 HOH TIP A . 
B 2 HOH 132 290 132 HOH TIP A . 
B 2 HOH 133 291 133 HOH TIP A . 
B 2 HOH 134 292 134 HOH TIP A . 
B 2 HOH 135 293 135 HOH TIP A . 
B 2 HOH 136 294 136 HOH TIP A . 
B 2 HOH 137 295 137 HOH TIP A . 
B 2 HOH 138 296 138 HOH TIP A . 
B 2 HOH 139 297 139 HOH TIP A . 
B 2 HOH 140 298 140 HOH TIP A . 
B 2 HOH 141 299 141 HOH TIP A . 
B 2 HOH 142 300 142 HOH TIP A . 
B 2 HOH 143 301 143 HOH TIP A . 
B 2 HOH 144 302 144 HOH TIP A . 
B 2 HOH 145 303 145 HOH TIP A . 
B 2 HOH 146 304 146 HOH TIP A . 
B 2 HOH 147 305 147 HOH TIP A . 
B 2 HOH 148 306 148 HOH TIP A . 
B 2 HOH 149 307 149 HOH TIP A . 
B 2 HOH 150 308 150 HOH TIP A . 
B 2 HOH 151 309 151 HOH TIP A . 
B 2 HOH 152 310 152 HOH TIP A . 
B 2 HOH 153 311 153 HOH TIP A . 
B 2 HOH 154 312 154 HOH TIP A . 
B 2 HOH 155 313 155 HOH TIP A . 
B 2 HOH 156 314 156 HOH TIP A . 
B 2 HOH 157 315 157 HOH TIP A . 
B 2 HOH 158 316 158 HOH TIP A . 
B 2 HOH 159 317 159 HOH TIP A . 
B 2 HOH 160 318 160 HOH TIP A . 
B 2 HOH 161 319 161 HOH TIP A . 
B 2 HOH 162 320 162 HOH TIP A . 
B 2 HOH 163 321 163 HOH TIP A . 
B 2 HOH 164 322 164 HOH TIP A . 
B 2 HOH 165 323 165 HOH TIP A . 
B 2 HOH 166 324 166 HOH TIP A . 
B 2 HOH 167 325 167 HOH TIP A . 
B 2 HOH 168 326 168 HOH TIP A . 
B 2 HOH 169 327 169 HOH TIP A . 
B 2 HOH 170 328 170 HOH TIP A . 
B 2 HOH 171 329 171 HOH TIP A . 
B 2 HOH 172 330 172 HOH TIP A . 
B 2 HOH 173 331 173 HOH TIP A . 
B 2 HOH 174 332 174 HOH TIP A . 
B 2 HOH 175 333 175 HOH TIP A . 
B 2 HOH 176 334 176 HOH TIP A . 
B 2 HOH 177 335 177 HOH TIP A . 
B 2 HOH 178 336 178 HOH TIP A . 
B 2 HOH 179 337 179 HOH TIP A . 
B 2 HOH 180 338 180 HOH TIP A . 
B 2 HOH 181 339 181 HOH TIP A . 
B 2 HOH 182 340 182 HOH TIP A . 
B 2 HOH 183 341 183 HOH TIP A . 
B 2 HOH 184 342 184 HOH TIP A . 
B 2 HOH 185 343 185 HOH TIP A . 
B 2 HOH 186 344 186 HOH TIP A . 
B 2 HOH 187 345 187 HOH TIP A . 
B 2 HOH 188 346 188 HOH TIP A . 
B 2 HOH 189 347 189 HOH TIP A . 
B 2 HOH 190 348 190 HOH TIP A . 
B 2 HOH 191 349 191 HOH TIP A . 
B 2 HOH 192 350 192 HOH TIP A . 
B 2 HOH 193 351 193 HOH TIP A . 
B 2 HOH 194 352 194 HOH TIP A . 
B 2 HOH 195 353 195 HOH TIP A . 
B 2 HOH 196 354 196 HOH TIP A . 
B 2 HOH 197 355 197 HOH TIP A . 
B 2 HOH 198 356 198 HOH TIP A . 
B 2 HOH 199 357 199 HOH TIP A . 
B 2 HOH 200 358 200 HOH TIP A . 
B 2 HOH 201 359 201 HOH TIP A . 
B 2 HOH 202 360 202 HOH TIP A . 
B 2 HOH 203 361 203 HOH TIP A . 
B 2 HOH 204 362 204 HOH TIP A . 
B 2 HOH 205 363 205 HOH TIP A . 
B 2 HOH 206 364 206 HOH TIP A . 
B 2 HOH 207 365 207 HOH TIP A . 
B 2 HOH 208 366 208 HOH TIP A . 
B 2 HOH 209 367 209 HOH TIP A . 
B 2 HOH 210 368 210 HOH TIP A . 
B 2 HOH 211 369 211 HOH TIP A . 
B 2 HOH 212 370 212 HOH TIP A . 
B 2 HOH 213 371 213 HOH TIP A . 
B 2 HOH 214 372 214 HOH TIP A . 
B 2 HOH 215 373 215 HOH TIP A . 
B 2 HOH 216 374 216 HOH TIP A . 
B 2 HOH 217 375 217 HOH TIP A . 
B 2 HOH 218 376 218 HOH TIP A . 
B 2 HOH 219 377 219 HOH TIP A . 
B 2 HOH 220 378 220 HOH TIP A . 
B 2 HOH 221 379 221 HOH TIP A . 
B 2 HOH 222 380 222 HOH TIP A . 
B 2 HOH 223 381 223 HOH TIP A . 
B 2 HOH 224 382 224 HOH TIP A . 
B 2 HOH 225 383 225 HOH TIP A . 
B 2 HOH 226 384 226 HOH TIP A . 
B 2 HOH 227 385 227 HOH TIP A . 
B 2 HOH 228 386 228 HOH TIP A . 
B 2 HOH 229 387 229 HOH TIP A . 
B 2 HOH 230 388 230 HOH TIP A . 
B 2 HOH 231 389 231 HOH TIP A . 
B 2 HOH 232 390 232 HOH TIP A . 
B 2 HOH 233 391 233 HOH TIP A . 
# 
loop_
_software.name 
_software.version 
_software.date 
_software.type 
_software.contact_author 
_software.contact_author_email 
_software.classification 
_software.location 
_software.language 
_software.citation_id 
_software.pdbx_ordinal 
DENZO       .     ?                    package 'Zbyszek Otwinowski' zbyszek@mix.swmed.edu    'data reduction'  
http://www.lnls.br/infra/linhasluz/denzo-hkl.htm      ?          ? 1 
SCALEPACK   .     ?                    package 'Zbyszek Otwinowski' zbyszek@mix.swmed.edu    'data scaling'    
http://www.lnls.br/infra/linhasluz/denzo-hkl.htm      ?          ? 2 
EPMR        2.5   'Feb 2 2001'         other   'Charles R'          crk@agouron.com          phasing           
http://www.msg.ucsf.edu/local/programs/epmr/epmr.html ?          ? 3 
CNS         .     ?                    package 'Axel T. Brunger'    axel.brunger@yale.edu    refinement        
http://cns.csb.yale.edu/v1.1/                         Fortran_77 ? 4 
PDB_EXTRACT 3.004 'September 10, 2007' package PDB                  sw-help@rcsb.rutgers.edu 'data extraction' 
http://pdb.rutgers.edu/software/                      C++        ? 5 
HKL-2000    .     ?                    ?       ?                    ?                        'data collection' ? ?          ? 6 
# 
_cell.length_a           31.909 
_cell.length_b           56.033 
_cell.length_c           79.670 
_cell.angle_alpha        90.000 
_cell.angle_beta         90.000 
_cell.angle_gamma        90.000 
_cell.entry_id           3BN6 
_cell.pdbx_unique_axis   ? 
_cell.Z_PDB              4 
_cell.length_a_esd       ? 
_cell.length_b_esd       ? 
_cell.length_c_esd       ? 
_cell.angle_alpha_esd    ? 
_cell.angle_beta_esd     ? 
_cell.angle_gamma_esd    ? 
# 
_symmetry.space_group_name_H-M             'P 21 21 21' 
_symmetry.entry_id                         3BN6 
_symmetry.Int_Tables_number                19 
_symmetry.pdbx_full_space_group_name_H-M   ? 
_symmetry.cell_setting                     ? 
_symmetry.space_group_name_Hall            ? 
# 
_exptl.crystals_number   1 
_exptl.entry_id          3BN6 
_exptl.method            'X-RAY DIFFRACTION' 
# 
_exptl_crystal.id                    1 
_exptl_crystal.density_Matthews      1.98 
_exptl_crystal.density_meas          ? 
_exptl_crystal.density_percent_sol   37.84 
_exptl_crystal.description           ? 
_exptl_crystal.F_000                 ? 
_exptl_crystal.preparation           ? 
# 
_exptl_crystal_grow.crystal_id      1 
_exptl_crystal_grow.method          'VAPOR DIFFUSION, HANGING DROP' 
_exptl_crystal_grow.pH              7.5 
_exptl_crystal_grow.temp            290 
_exptl_crystal_grow.pdbx_details    
;18% (w/v) PEG4000, 0.1 M Hepes, pH 7.5, 0.2 M MgCl2, 10% isopropanol, micro-seeding, VAPOR DIFFUSION, HANGING DROP, temperature 290K
;
_exptl_crystal_grow.temp_details    ? 
_exptl_crystal_grow.pdbx_pH_range   . 
# 
_diffrn.id                     1 
_diffrn.ambient_temp           100 
_diffrn.ambient_temp_details   ? 
_diffrn.crystal_id             1 
# 
_diffrn_detector.diffrn_id              1 
_diffrn_detector.detector               'IMAGE PLATE' 
_diffrn_detector.type                   'RIGAKU RAXIS IV' 
_diffrn_detector.pdbx_collection_date   2006-03-01 
_diffrn_detector.details                ? 
# 
_diffrn_radiation.diffrn_id                        1 
_diffrn_radiation.pdbx_diffrn_protocol             'SINGLE WAVELENGTH' 
_diffrn_radiation.monochromator                    ? 
_diffrn_radiation.wavelength_id                    1 
_diffrn_radiation.pdbx_monochromatic_or_laue_m_l   M 
_diffrn_radiation.pdbx_scattering_type             x-ray 
# 
_diffrn_radiation_wavelength.id           1 
_diffrn_radiation_wavelength.wavelength   1.5418 
_diffrn_radiation_wavelength.wt           1.0 
# 
_diffrn_source.diffrn_id                   1 
_diffrn_source.source                      'ROTATING ANODE' 
_diffrn_source.type                        'RIGAKU RU300' 
_diffrn_source.pdbx_wavelength_list        1.5418 
_diffrn_source.pdbx_wavelength             ? 
_diffrn_source.pdbx_synchrotron_site       ? 
_diffrn_source.pdbx_synchrotron_beamline   ? 
# 
_reflns.entry_id                     3BN6 
_reflns.d_resolution_high            1.670 
_reflns.d_resolution_low             50.000 
_reflns.number_obs                   17121 
_reflns.pdbx_Rmerge_I_obs            0.051 
_reflns.pdbx_netI_over_sigmaI        19.900 
_reflns.pdbx_chi_squared             1.290 
_reflns.pdbx_redundancy              4.500 
_reflns.percent_possible_obs         98.900 
_reflns.observed_criterion_sigma_F   ? 
_reflns.observed_criterion_sigma_I   ? 
_reflns.number_all                   ? 
_reflns.pdbx_Rsym_value              ? 
_reflns.B_iso_Wilson_estimate        ? 
_reflns.R_free_details               ? 
_reflns.limit_h_max                  ? 
_reflns.limit_h_min                  ? 
_reflns.limit_k_max                  ? 
_reflns.limit_k_min                  ? 
_reflns.limit_l_max                  ? 
_reflns.limit_l_min                  ? 
_reflns.observed_criterion_F_max     ? 
_reflns.observed_criterion_F_min     ? 
_reflns.pdbx_scaling_rejects         ? 
_reflns.pdbx_diffrn_id               1 
_reflns.pdbx_ordinal                 1 
# 
loop_
_reflns_shell.d_res_high 
_reflns_shell.d_res_low 
_reflns_shell.number_measured_obs 
_reflns_shell.number_measured_all 
_reflns_shell.number_unique_obs 
_reflns_shell.Rmerge_I_obs 
_reflns_shell.meanI_over_sigI_obs 
_reflns_shell.pdbx_Rsym_value 
_reflns_shell.pdbx_chi_squared 
_reflns_shell.pdbx_redundancy 
_reflns_shell.percent_possible_obs 
_reflns_shell.number_unique_all 
_reflns_shell.percent_possible_all 
_reflns_shell.pdbx_diffrn_id 
_reflns_shell.pdbx_ordinal 
1.67 1.72  ? ? ? 0.334 ? ? 1.658 4.00 ? 1286 98.90 ? 1  
1.72 1.77  ? ? ? 0.283 ? ? 1.610 4.30 ? 1309 99.30 ? 2  
1.77 1.82  ? ? ? 0.210 ? ? 1.541 4.20 ? 1271 98.80 ? 3  
1.82 1.89  ? ? ? 0.170 ? ? 1.573 4.30 ? 1309 99.20 ? 4  
1.89 1.96  ? ? ? 0.140 ? ? 1.498 4.40 ? 1276 98.80 ? 5  
1.96 2.05  ? ? ? 0.111 ? ? 1.381 4.50 ? 1304 99.20 ? 6  
2.05 2.16  ? ? ? 0.090 ? ? 1.196 4.50 ? 1298 98.70 ? 7  
2.16 2.30  ? ? ? 0.076 ? ? 1.192 4.50 ? 1315 99.10 ? 8  
2.30 2.47  ? ? ? 0.066 ? ? 1.090 4.60 ? 1319 99.60 ? 9  
2.47 2.72  ? ? ? 0.053 ? ? 1.010 4.80 ? 1325 99.70 ? 10 
2.72 3.12  ? ? ? 0.045 ? ? 1.062 4.80 ? 1346 99.50 ? 11 
3.12 3.93  ? ? ? 0.038 ? ? 1.142 4.70 ? 1349 98.80 ? 12 
3.93 50.00 ? ? ? 0.034 ? ? 1.034 4.50 ? 1414 96.40 ? 13 
# 
_refine.entry_id                                 3BN6 
_refine.ls_d_res_high                            1.670 
_refine.ls_d_res_low                             50.000 
_refine.pdbx_ls_sigma_F                          0.00 
_refine.ls_percent_reflns_obs                    97.400 
_refine.ls_number_reflns_obs                     16784 
_refine.ls_R_factor_R_work                       0.190 
_refine.ls_R_factor_R_free                       0.224 
_refine.ls_percent_reflns_R_free                 7.700 
_refine.ls_number_reflns_R_free                  1322 
_refine.B_iso_mean                               21.196 
_refine.solvent_model_param_bsol                 45.560 
_refine.aniso_B[1][1]                            -3.637 
_refine.aniso_B[2][2]                            1.301 
_refine.aniso_B[3][3]                            2.337 
_refine.aniso_B[1][2]                            0.000 
_refine.aniso_B[1][3]                            0.000 
_refine.aniso_B[2][3]                            0.000 
_refine.pdbx_method_to_determine_struct          'MOLECULAR REPLACEMENT' 
_refine.overall_FOM_work_R_set                   0.865 
_refine.pdbx_ls_sigma_I                          ? 
_refine.ls_number_reflns_all                     ? 
_refine.ls_R_factor_all                          ? 
_refine.ls_R_factor_obs                          ? 
_refine.ls_redundancy_reflns_obs                 ? 
_refine.pdbx_data_cutoff_high_absF               ? 
_refine.pdbx_data_cutoff_low_absF                ? 
_refine.ls_number_parameters                     ? 
_refine.ls_number_restraints                     ? 
_refine.ls_R_factor_R_free_error                 ? 
_refine.ls_R_factor_R_free_error_details         ? 
_refine.pdbx_starting_model                      'PDB ENTRY 1CZT' 
_refine.pdbx_ls_cross_valid_method               ? 
_refine.pdbx_R_Free_selection_details            ? 
_refine.pdbx_stereochem_target_val_spec_case     ? 
_refine.pdbx_stereochemistry_target_values       ? 
_refine.solvent_model_details                    ? 
_refine.solvent_model_param_ksol                 ? 
_refine.occupancy_max                            ? 
_refine.occupancy_min                            ? 
_refine.pdbx_isotropic_thermal_model             ? 
_refine.details                                  ? 
_refine.B_iso_min                                ? 
_refine.B_iso_max                                ? 
_refine.correlation_coeff_Fo_to_Fc               ? 
_refine.correlation_coeff_Fo_to_Fc_free          ? 
_refine.pdbx_solvent_vdw_probe_radii             ? 
_refine.pdbx_solvent_ion_probe_radii             ? 
_refine.pdbx_solvent_shrinkage_radii             ? 
_refine.overall_SU_R_Cruickshank_DPI             ? 
_refine.overall_SU_R_free                        ? 
_refine.overall_SU_ML                            ? 
_refine.overall_SU_B                             ? 
_refine.pdbx_overall_ESU_R_Free                  ? 
_refine.pdbx_data_cutoff_high_rms_absF           ? 
_refine.pdbx_overall_ESU_R                       ? 
_refine.ls_wR_factor_R_free                      ? 
_refine.ls_wR_factor_R_work                      ? 
_refine.overall_FOM_free_R_set                   ? 
_refine.pdbx_refine_id                           'X-RAY DIFFRACTION' 
_refine.pdbx_diffrn_id                           1 
_refine.pdbx_TLS_residual_ADP_flag               ? 
_refine.pdbx_overall_phase_error                 ? 
_refine.pdbx_overall_SU_R_free_Cruickshank_DPI   ? 
_refine.pdbx_overall_SU_R_Blow_DPI               ? 
_refine.pdbx_overall_SU_R_free_Blow_DPI          ? 
# 
_refine_hist.pdbx_refine_id                   'X-RAY DIFFRACTION' 
_refine_hist.cycle_id                         LAST 
_refine_hist.pdbx_number_atoms_protein        1274 
_refine_hist.pdbx_number_atoms_nucleic_acid   0 
_refine_hist.pdbx_number_atoms_ligand         0 
_refine_hist.number_atoms_solvent             233 
_refine_hist.number_atoms_total               1507 
_refine_hist.d_res_high                       1.670 
_refine_hist.d_res_low                        50.000 
# 
loop_
_refine_ls_restr.type 
_refine_ls_restr.number 
_refine_ls_restr.dev_ideal 
_refine_ls_restr.dev_ideal_target 
_refine_ls_restr.weight 
_refine_ls_restr.pdbx_refine_id 
_refine_ls_restr.pdbx_restraint_function 
c_mcbond_it  ? 1.168 1.500 ? 'X-RAY DIFFRACTION' ? 
c_scbond_it  ? 1.959 2.000 ? 'X-RAY DIFFRACTION' ? 
c_mcangle_it ? 1.809 2.000 ? 'X-RAY DIFFRACTION' ? 
c_scangle_it ? 2.891 2.500 ? 'X-RAY DIFFRACTION' ? 
# 
loop_
_pdbx_xplor_file.serial_no 
_pdbx_xplor_file.param_file 
_pdbx_xplor_file.topol_file 
_pdbx_xplor_file.pdbx_refine_id 
1 protein_rep.param ? 'X-RAY DIFFRACTION' 
2 ion.param         ? 'X-RAY DIFFRACTION' 
3 water_rep.param   ? 'X-RAY DIFFRACTION' 
# 
_struct.entry_id                  3BN6 
_struct.title                     'Crystal Structure of the C2 Domain of Bovine Lactadherin at 1.67 Angstrom Resolution' 
_struct.pdbx_model_details        ? 
_struct.pdbx_CASP_flag            ? 
_struct.pdbx_model_type_details   ? 
# 
_struct_keywords.entry_id        3BN6 
_struct_keywords.text            
;anticoagulation, anti-coagulation, anticoagulant, anti-coagulant, membrane binding, phosphatidyl-serine binding, phosphatidylserine binding, Blood coagulation Factor V C2 homologue, Blood coagulation Factor VIII C2 homologue, milk fat globule, apoptosis, discoidin domain, FA58C, F5_F8_type_C, Alternative splicing, Cell adhesion, EGF-like domain, Fertilization, Glycoprotein, BLOOD CLOTTING
;
_struct_keywords.pdbx_keywords   'BLOOD CLOTTING, CELL ADHESION' 
# 
loop_
_struct_asym.id 
_struct_asym.pdbx_blank_PDB_chainid_flag 
_struct_asym.pdbx_modified 
_struct_asym.entity_id 
_struct_asym.details 
A N N 1 ? 
B N N 2 ? 
# 
_struct_ref.id                         1 
_struct_ref.db_name                    UNP 
_struct_ref.db_code                    MFGM_BOVIN 
_struct_ref.pdbx_db_accession          Q95114 
_struct_ref.entity_id                  1 
_struct_ref.pdbx_seq_one_letter_code   
;CTEPLGLKDNTIPNKQITASSYYKTWGLSAFSWFPYYARLDNQGKFNAWTAQTNSASEWLQIDLGSQKRVTGIITQGARD
FGHIQYVAAYRVAYGDDGVTWTEYKDPGASESKIFPGNMDNNSHKKNIFETPFQARFVRIQPVAWHNRITLRVELLGC
;
_struct_ref.pdbx_align_begin           270 
_struct_ref.pdbx_db_isoform            ? 
# 
_struct_ref_seq.align_id                      1 
_struct_ref_seq.ref_id                        1 
_struct_ref_seq.pdbx_PDB_id_code              3BN6 
_struct_ref_seq.pdbx_strand_id                A 
_struct_ref_seq.seq_align_beg                 1 
_struct_ref_seq.pdbx_seq_align_beg_ins_code   ? 
_struct_ref_seq.seq_align_end                 158 
_struct_ref_seq.pdbx_seq_align_end_ins_code   ? 
_struct_ref_seq.pdbx_db_accession             Q95114 
_struct_ref_seq.db_align_beg                  270 
_struct_ref_seq.pdbx_db_align_beg_ins_code    ? 
_struct_ref_seq.db_align_end                  427 
_struct_ref_seq.pdbx_db_align_end_ins_code    ? 
_struct_ref_seq.pdbx_auth_seq_align_beg       1 
_struct_ref_seq.pdbx_auth_seq_align_end       158 
# 
_pdbx_struct_assembly.id                   1 
_pdbx_struct_assembly.details              author_and_software_defined_assembly 
_pdbx_struct_assembly.method_details       PISA 
_pdbx_struct_assembly.oligomeric_details   monomeric 
_pdbx_struct_assembly.oligomeric_count     1 
# 
_pdbx_struct_assembly_gen.assembly_id       1 
_pdbx_struct_assembly_gen.oper_expression   1 
_pdbx_struct_assembly_gen.asym_id_list      A,B 
# 
_pdbx_struct_oper_list.id                   1 
_pdbx_struct_oper_list.type                 'identity operation' 
_pdbx_struct_oper_list.name                 1_555 
_pdbx_struct_oper_list.symmetry_operation   x,y,z 
_pdbx_struct_oper_list.matrix[1][1]         1.0000000000 
_pdbx_struct_oper_list.matrix[1][2]         0.0000000000 
_pdbx_struct_oper_list.matrix[1][3]         0.0000000000 
_pdbx_struct_oper_list.vector[1]            0.0000000000 
_pdbx_struct_oper_list.matrix[2][1]         0.0000000000 
_pdbx_struct_oper_list.matrix[2][2]         1.0000000000 
_pdbx_struct_oper_list.matrix[2][3]         0.0000000000 
_pdbx_struct_oper_list.vector[2]            0.0000000000 
_pdbx_struct_oper_list.matrix[3][1]         0.0000000000 
_pdbx_struct_oper_list.matrix[3][2]         0.0000000000 
_pdbx_struct_oper_list.matrix[3][3]         1.0000000000 
_pdbx_struct_oper_list.vector[3]            0.0000000000 
# 
_struct_biol.id        1 
_struct_biol.details   ? 
# 
loop_
_struct_conf.conf_type_id 
_struct_conf.id 
_struct_conf.pdbx_PDB_helix_id 
_struct_conf.beg_label_comp_id 
_struct_conf.beg_label_asym_id 
_struct_conf.beg_label_seq_id 
_struct_conf.pdbx_beg_PDB_ins_code 
_struct_conf.end_label_comp_id 
_struct_conf.end_label_asym_id 
_struct_conf.end_label_seq_id 
_struct_conf.pdbx_end_PDB_ins_code 
_struct_conf.beg_auth_comp_id 
_struct_conf.beg_auth_asym_id 
_struct_conf.beg_auth_seq_id 
_struct_conf.end_auth_comp_id 
_struct_conf.end_auth_asym_id 
_struct_conf.end_auth_seq_id 
_struct_conf.pdbx_PDB_helix_class 
_struct_conf.details 
_struct_conf.pdbx_PDB_helix_length 
HELX_P HELX_P1 1 PRO A 13 ? LYS A 15 ? PRO A 13 LYS A 15 5 ? 3 
HELX_P HELX_P2 2 LYS A 24 ? SER A 32 ? LYS A 24 SER A 32 5 ? 9 
HELX_P HELX_P3 3 PHE A 34 ? ALA A 38 ? PHE A 34 ALA A 38 5 ? 5 
# 
_struct_conf_type.id          HELX_P 
_struct_conf_type.criteria    ? 
_struct_conf_type.reference   ? 
# 
_struct_conn.id                            disulf1 
_struct_conn.conn_type_id                  disulf 
_struct_conn.pdbx_leaving_atom_flag        ? 
_struct_conn.pdbx_PDB_id                   ? 
_struct_conn.ptnr1_label_asym_id           A 
_struct_conn.ptnr1_label_comp_id           CYS 
_struct_conn.ptnr1_label_seq_id            1 
_struct_conn.ptnr1_label_atom_id           SG 
_struct_conn.pdbx_ptnr1_label_alt_id       ? 
_struct_conn.pdbx_ptnr1_PDB_ins_code       ? 
_struct_conn.pdbx_ptnr1_standard_comp_id   ? 
_struct_conn.ptnr1_symmetry                1_555 
_struct_conn.ptnr2_label_asym_id           A 
_struct_conn.ptnr2_label_comp_id           CYS 
_struct_conn.ptnr2_label_seq_id            158 
_struct_conn.ptnr2_label_atom_id           SG 
_struct_conn.pdbx_ptnr2_label_alt_id       ? 
_struct_conn.pdbx_ptnr2_PDB_ins_code       ? 
_struct_conn.ptnr1_auth_asym_id            A 
_struct_conn.ptnr1_auth_comp_id            CYS 
_struct_conn.ptnr1_auth_seq_id             1 
_struct_conn.ptnr2_auth_asym_id            A 
_struct_conn.ptnr2_auth_comp_id            CYS 
_struct_conn.ptnr2_auth_seq_id             158 
_struct_conn.ptnr2_symmetry                1_555 
_struct_conn.pdbx_ptnr3_label_atom_id      ? 
_struct_conn.pdbx_ptnr3_label_seq_id       ? 
_struct_conn.pdbx_ptnr3_label_comp_id      ? 
_struct_conn.pdbx_ptnr3_label_asym_id      ? 
_struct_conn.pdbx_ptnr3_label_alt_id       ? 
_struct_conn.pdbx_ptnr3_PDB_ins_code       ? 
_struct_conn.details                       ? 
_struct_conn.pdbx_dist_value               2.035 
_struct_conn.pdbx_value_order              ? 
_struct_conn.pdbx_role                     ? 
# 
_struct_conn_type.id          disulf 
_struct_conn_type.criteria    ? 
_struct_conn_type.reference   ? 
# 
_pdbx_modification_feature.ordinal                            1 
_pdbx_modification_feature.label_comp_id                      CYS 
_pdbx_modification_feature.label_asym_id                      A 
_pdbx_modification_feature.label_seq_id                       1 
_pdbx_modification_feature.label_alt_id                       ? 
_pdbx_modification_feature.modified_residue_label_comp_id     CYS 
_pdbx_modification_feature.modified_residue_label_asym_id     A 
_pdbx_modification_feature.modified_residue_label_seq_id      158 
_pdbx_modification_feature.modified_residue_label_alt_id      ? 
_pdbx_modification_feature.auth_comp_id                       CYS 
_pdbx_modification_feature.auth_asym_id                       A 
_pdbx_modification_feature.auth_seq_id                        1 
_pdbx_modification_feature.PDB_ins_code                       ? 
_pdbx_modification_feature.symmetry                           1_555 
_pdbx_modification_feature.modified_residue_auth_comp_id      CYS 
_pdbx_modification_feature.modified_residue_auth_asym_id      A 
_pdbx_modification_feature.modified_residue_auth_seq_id       158 
_pdbx_modification_feature.modified_residue_PDB_ins_code      ? 
_pdbx_modification_feature.modified_residue_symmetry          1_555 
_pdbx_modification_feature.comp_id_linking_atom               SG 
_pdbx_modification_feature.modified_residue_id_linking_atom   SG 
_pdbx_modification_feature.modified_residue_id                . 
_pdbx_modification_feature.ref_pcm_id                         . 
_pdbx_modification_feature.ref_comp_id                        . 
_pdbx_modification_feature.type                               None 
_pdbx_modification_feature.category                           'Disulfide bridge' 
# 
loop_
_struct_sheet.id 
_struct_sheet.type 
_struct_sheet.number_strands 
_struct_sheet.details 
A ? 8 ? 
B ? 7 ? 
# 
loop_
_struct_sheet_order.sheet_id 
_struct_sheet_order.range_id_1 
_struct_sheet_order.range_id_2 
_struct_sheet_order.offset 
_struct_sheet_order.sense 
A 1 2 ? anti-parallel 
A 2 3 ? anti-parallel 
A 3 4 ? anti-parallel 
A 4 5 ? anti-parallel 
A 5 6 ? anti-parallel 
A 6 7 ? anti-parallel 
A 7 8 ? anti-parallel 
B 1 2 ? anti-parallel 
B 2 3 ? anti-parallel 
B 3 4 ? anti-parallel 
B 4 5 ? anti-parallel 
B 5 6 ? anti-parallel 
B 6 7 ? anti-parallel 
# 
loop_
_struct_sheet_range.sheet_id 
_struct_sheet_range.id 
_struct_sheet_range.beg_label_comp_id 
_struct_sheet_range.beg_label_asym_id 
_struct_sheet_range.beg_label_seq_id 
_struct_sheet_range.pdbx_beg_PDB_ins_code 
_struct_sheet_range.end_label_comp_id 
_struct_sheet_range.end_label_asym_id 
_struct_sheet_range.end_label_seq_id 
_struct_sheet_range.pdbx_end_PDB_ins_code 
_struct_sheet_range.beg_auth_comp_id 
_struct_sheet_range.beg_auth_asym_id 
_struct_sheet_range.beg_auth_seq_id 
_struct_sheet_range.end_auth_comp_id 
_struct_sheet_range.end_auth_asym_id 
_struct_sheet_range.end_auth_seq_id 
A 1 GLU A 3   ? PRO A 4   ? GLU A 3   PRO A 4   
A 2 THR A 150 ? GLY A 157 ? THR A 150 GLY A 157 
A 3 TRP A 49  ? THR A 50  ? TRP A 49  THR A 50  
A 4 THR A 150 ? GLY A 157 ? THR A 150 GLY A 157 
A 5 LEU A 60  ? GLN A 76  ? LEU A 60  GLN A 76  
A 6 LYS A 125 ? HIS A 146 ? LYS A 125 HIS A 146 
A 7 HIS A 83  ? GLY A 95  ? HIS A 83  GLY A 95  
A 8 PHE A 115 ? PRO A 116 ? PHE A 115 PRO A 116 
B 1 ILE A 17  ? ALA A 19  ? ILE A 17  ALA A 19  
B 2 LEU A 60  ? GLN A 76  ? LEU A 60  GLN A 76  
B 3 LYS A 125 ? HIS A 146 ? LYS A 125 HIS A 146 
B 4 HIS A 83  ? GLY A 95  ? HIS A 83  GLY A 95  
B 5 ALA A 78  ? ASP A 80  ? ALA A 78  ASP A 80  
B 6 HIS A 83  ? GLY A 95  ? HIS A 83  GLY A 95  
B 7 THR A 102 ? GLU A 103 ? THR A 102 GLU A 103 
# 
loop_
_pdbx_struct_sheet_hbond.sheet_id 
_pdbx_struct_sheet_hbond.range_id_1 
_pdbx_struct_sheet_hbond.range_id_2 
_pdbx_struct_sheet_hbond.range_1_label_atom_id 
_pdbx_struct_sheet_hbond.range_1_label_comp_id 
_pdbx_struct_sheet_hbond.range_1_label_asym_id 
_pdbx_struct_sheet_hbond.range_1_label_seq_id 
_pdbx_struct_sheet_hbond.range_1_PDB_ins_code 
_pdbx_struct_sheet_hbond.range_1_auth_atom_id 
_pdbx_struct_sheet_hbond.range_1_auth_comp_id 
_pdbx_struct_sheet_hbond.range_1_auth_asym_id 
_pdbx_struct_sheet_hbond.range_1_auth_seq_id 
_pdbx_struct_sheet_hbond.range_2_label_atom_id 
_pdbx_struct_sheet_hbond.range_2_label_comp_id 
_pdbx_struct_sheet_hbond.range_2_label_asym_id 
_pdbx_struct_sheet_hbond.range_2_label_seq_id 
_pdbx_struct_sheet_hbond.range_2_PDB_ins_code 
_pdbx_struct_sheet_hbond.range_2_auth_atom_id 
_pdbx_struct_sheet_hbond.range_2_auth_comp_id 
_pdbx_struct_sheet_hbond.range_2_auth_asym_id 
_pdbx_struct_sheet_hbond.range_2_auth_seq_id 
A 1 2 N GLU A 3   ? N GLU A 3   O GLY A 157 ? O GLY A 157 
A 2 3 O LEU A 151 ? O LEU A 151 N TRP A 49  ? N TRP A 49  
A 3 4 N TRP A 49  ? N TRP A 49  O LEU A 151 ? O LEU A 151 
A 4 5 O LEU A 156 ? O LEU A 156 N GLY A 72  ? N GLY A 72  
A 5 6 N ILE A 62  ? N ILE A 62  O VAL A 138 ? O VAL A 138 
A 6 7 O VAL A 143 ? O VAL A 143 N ALA A 89  ? N ALA A 89  
A 7 8 N TYR A 90  ? N TYR A 90  O PHE A 115 ? O PHE A 115 
B 1 2 N THR A 18  ? N THR A 18  O GLN A 61  ? O GLN A 61  
B 2 3 N ILE A 62  ? N ILE A 62  O VAL A 138 ? O VAL A 138 
B 3 4 O VAL A 143 ? O VAL A 143 N ALA A 89  ? N ALA A 89  
B 4 5 O GLN A 85  ? O GLN A 85  N ALA A 78  ? N ALA A 78  
B 5 6 N ALA A 78  ? N ALA A 78  O GLN A 85  ? O GLN A 85  
B 6 7 N TYR A 94  ? N TYR A 94  O THR A 102 ? O THR A 102 
# 
_pdbx_entry_details.entry_id                   3BN6 
_pdbx_entry_details.compound_details           ? 
_pdbx_entry_details.source_details             ? 
_pdbx_entry_details.nonpolymer_details         ? 
_pdbx_entry_details.sequence_details           ? 
_pdbx_entry_details.has_ligand_of_interest     ? 
_pdbx_entry_details.has_protein_modification   Y 
# 
loop_
_pdbx_validate_torsion.id 
_pdbx_validate_torsion.PDB_model_num 
_pdbx_validate_torsion.auth_comp_id 
_pdbx_validate_torsion.auth_asym_id 
_pdbx_validate_torsion.auth_seq_id 
_pdbx_validate_torsion.PDB_ins_code 
_pdbx_validate_torsion.label_alt_id 
_pdbx_validate_torsion.phi 
_pdbx_validate_torsion.psi 
1 1 TRP A 26  ? ? 33.35   49.04  
2 1 PHE A 31  ? ? -109.36 44.51  
3 1 TRP A 33  ? ? -108.21 71.67  
4 1 ASN A 147 ? ? 67.31   -60.97 
# 
_pdbx_phasing_MR.entry_id                     3BN6 
_pdbx_phasing_MR.method_rotation              ? 
_pdbx_phasing_MR.method_translation           ? 
_pdbx_phasing_MR.model_details                ? 
_pdbx_phasing_MR.R_factor                     0.323 
_pdbx_phasing_MR.R_rigid_body                 ? 
_pdbx_phasing_MR.correlation_coeff_Fo_to_Fc   0.746 
_pdbx_phasing_MR.correlation_coeff_Io_to_Ic   ? 
_pdbx_phasing_MR.d_res_high_rotation          ? 
_pdbx_phasing_MR.d_res_low_rotation           ? 
_pdbx_phasing_MR.d_res_high_translation       4.000 
_pdbx_phasing_MR.d_res_low_translation        15.000 
_pdbx_phasing_MR.packing                      ? 
_pdbx_phasing_MR.reflns_percent_rotation      ? 
_pdbx_phasing_MR.reflns_percent_translation   ? 
_pdbx_phasing_MR.sigma_F_rotation             ? 
_pdbx_phasing_MR.sigma_F_translation          ? 
_pdbx_phasing_MR.sigma_I_rotation             ? 
_pdbx_phasing_MR.sigma_I_translation          ? 
# 
_phasing.method   MR 
# 
loop_
_chem_comp_atom.comp_id 
_chem_comp_atom.atom_id 
_chem_comp_atom.type_symbol 
_chem_comp_atom.pdbx_aromatic_flag 
_chem_comp_atom.pdbx_stereo_config 
_chem_comp_atom.pdbx_ordinal 
ALA N    N N N 1   
ALA CA   C N S 2   
ALA C    C N N 3   
ALA O    O N N 4   
ALA CB   C N N 5   
ALA OXT  O N N 6   
ALA H    H N N 7   
ALA H2   H N N 8   
ALA HA   H N N 9   
ALA HB1  H N N 10  
ALA HB2  H N N 11  
ALA HB3  H N N 12  
ALA HXT  H N N 13  
ARG N    N N N 14  
ARG CA   C N S 15  
ARG C    C N N 16  
ARG O    O N N 17  
ARG CB   C N N 18  
ARG CG   C N N 19  
ARG CD   C N N 20  
ARG NE   N N N 21  
ARG CZ   C N N 22  
ARG NH1  N N N 23  
ARG NH2  N N N 24  
ARG OXT  O N N 25  
ARG H    H N N 26  
ARG H2   H N N 27  
ARG HA   H N N 28  
ARG HB2  H N N 29  
ARG HB3  H N N 30  
ARG HG2  H N N 31  
ARG HG3  H N N 32  
ARG HD2  H N N 33  
ARG HD3  H N N 34  
ARG HE   H N N 35  
ARG HH11 H N N 36  
ARG HH12 H N N 37  
ARG HH21 H N N 38  
ARG HH22 H N N 39  
ARG HXT  H N N 40  
ASN N    N N N 41  
ASN CA   C N S 42  
ASN C    C N N 43  
ASN O    O N N 44  
ASN CB   C N N 45  
ASN CG   C N N 46  
ASN OD1  O N N 47  
ASN ND2  N N N 48  
ASN OXT  O N N 49  
ASN H    H N N 50  
ASN H2   H N N 51  
ASN HA   H N N 52  
ASN HB2  H N N 53  
ASN HB3  H N N 54  
ASN HD21 H N N 55  
ASN HD22 H N N 56  
ASN HXT  H N N 57  
ASP N    N N N 58  
ASP CA   C N S 59  
ASP C    C N N 60  
ASP O    O N N 61  
ASP CB   C N N 62  
ASP CG   C N N 63  
ASP OD1  O N N 64  
ASP OD2  O N N 65  
ASP OXT  O N N 66  
ASP H    H N N 67  
ASP H2   H N N 68  
ASP HA   H N N 69  
ASP HB2  H N N 70  
ASP HB3  H N N 71  
ASP HD2  H N N 72  
ASP HXT  H N N 73  
CYS N    N N N 74  
CYS CA   C N R 75  
CYS C    C N N 76  
CYS O    O N N 77  
CYS CB   C N N 78  
CYS SG   S N N 79  
CYS OXT  O N N 80  
CYS H    H N N 81  
CYS H2   H N N 82  
CYS HA   H N N 83  
CYS HB2  H N N 84  
CYS HB3  H N N 85  
CYS HG   H N N 86  
CYS HXT  H N N 87  
GLN N    N N N 88  
GLN CA   C N S 89  
GLN C    C N N 90  
GLN O    O N N 91  
GLN CB   C N N 92  
GLN CG   C N N 93  
GLN CD   C N N 94  
GLN OE1  O N N 95  
GLN NE2  N N N 96  
GLN OXT  O N N 97  
GLN H    H N N 98  
GLN H2   H N N 99  
GLN HA   H N N 100 
GLN HB2  H N N 101 
GLN HB3  H N N 102 
GLN HG2  H N N 103 
GLN HG3  H N N 104 
GLN HE21 H N N 105 
GLN HE22 H N N 106 
GLN HXT  H N N 107 
GLU N    N N N 108 
GLU CA   C N S 109 
GLU C    C N N 110 
GLU O    O N N 111 
GLU CB   C N N 112 
GLU CG   C N N 113 
GLU CD   C N N 114 
GLU OE1  O N N 115 
GLU OE2  O N N 116 
GLU OXT  O N N 117 
GLU H    H N N 118 
GLU H2   H N N 119 
GLU HA   H N N 120 
GLU HB2  H N N 121 
GLU HB3  H N N 122 
GLU HG2  H N N 123 
GLU HG3  H N N 124 
GLU HE2  H N N 125 
GLU HXT  H N N 126 
GLY N    N N N 127 
GLY CA   C N N 128 
GLY C    C N N 129 
GLY O    O N N 130 
GLY OXT  O N N 131 
GLY H    H N N 132 
GLY H2   H N N 133 
GLY HA2  H N N 134 
GLY HA3  H N N 135 
GLY HXT  H N N 136 
HIS N    N N N 137 
HIS CA   C N S 138 
HIS C    C N N 139 
HIS O    O N N 140 
HIS CB   C N N 141 
HIS CG   C Y N 142 
HIS ND1  N Y N 143 
HIS CD2  C Y N 144 
HIS CE1  C Y N 145 
HIS NE2  N Y N 146 
HIS OXT  O N N 147 
HIS H    H N N 148 
HIS H2   H N N 149 
HIS HA   H N N 150 
HIS HB2  H N N 151 
HIS HB3  H N N 152 
HIS HD1  H N N 153 
HIS HD2  H N N 154 
HIS HE1  H N N 155 
HIS HE2  H N N 156 
HIS HXT  H N N 157 
HOH O    O N N 158 
HOH H1   H N N 159 
HOH H2   H N N 160 
ILE N    N N N 161 
ILE CA   C N S 162 
ILE C    C N N 163 
ILE O    O N N 164 
ILE CB   C N S 165 
ILE CG1  C N N 166 
ILE CG2  C N N 167 
ILE CD1  C N N 168 
ILE OXT  O N N 169 
ILE H    H N N 170 
ILE H2   H N N 171 
ILE HA   H N N 172 
ILE HB   H N N 173 
ILE HG12 H N N 174 
ILE HG13 H N N 175 
ILE HG21 H N N 176 
ILE HG22 H N N 177 
ILE HG23 H N N 178 
ILE HD11 H N N 179 
ILE HD12 H N N 180 
ILE HD13 H N N 181 
ILE HXT  H N N 182 
LEU N    N N N 183 
LEU CA   C N S 184 
LEU C    C N N 185 
LEU O    O N N 186 
LEU CB   C N N 187 
LEU CG   C N N 188 
LEU CD1  C N N 189 
LEU CD2  C N N 190 
LEU OXT  O N N 191 
LEU H    H N N 192 
LEU H2   H N N 193 
LEU HA   H N N 194 
LEU HB2  H N N 195 
LEU HB3  H N N 196 
LEU HG   H N N 197 
LEU HD11 H N N 198 
LEU HD12 H N N 199 
LEU HD13 H N N 200 
LEU HD21 H N N 201 
LEU HD22 H N N 202 
LEU HD23 H N N 203 
LEU HXT  H N N 204 
LYS N    N N N 205 
LYS CA   C N S 206 
LYS C    C N N 207 
LYS O    O N N 208 
LYS CB   C N N 209 
LYS CG   C N N 210 
LYS CD   C N N 211 
LYS CE   C N N 212 
LYS NZ   N N N 213 
LYS OXT  O N N 214 
LYS H    H N N 215 
LYS H2   H N N 216 
LYS HA   H N N 217 
LYS HB2  H N N 218 
LYS HB3  H N N 219 
LYS HG2  H N N 220 
LYS HG3  H N N 221 
LYS HD2  H N N 222 
LYS HD3  H N N 223 
LYS HE2  H N N 224 
LYS HE3  H N N 225 
LYS HZ1  H N N 226 
LYS HZ2  H N N 227 
LYS HZ3  H N N 228 
LYS HXT  H N N 229 
MET N    N N N 230 
MET CA   C N S 231 
MET C    C N N 232 
MET O    O N N 233 
MET CB   C N N 234 
MET CG   C N N 235 
MET SD   S N N 236 
MET CE   C N N 237 
MET OXT  O N N 238 
MET H    H N N 239 
MET H2   H N N 240 
MET HA   H N N 241 
MET HB2  H N N 242 
MET HB3  H N N 243 
MET HG2  H N N 244 
MET HG3  H N N 245 
MET HE1  H N N 246 
MET HE2  H N N 247 
MET HE3  H N N 248 
MET HXT  H N N 249 
PHE N    N N N 250 
PHE CA   C N S 251 
PHE C    C N N 252 
PHE O    O N N 253 
PHE CB   C N N 254 
PHE CG   C Y N 255 
PHE CD1  C Y N 256 
PHE CD2  C Y N 257 
PHE CE1  C Y N 258 
PHE CE2  C Y N 259 
PHE CZ   C Y N 260 
PHE OXT  O N N 261 
PHE H    H N N 262 
PHE H2   H N N 263 
PHE HA   H N N 264 
PHE HB2  H N N 265 
PHE HB3  H N N 266 
PHE HD1  H N N 267 
PHE HD2  H N N 268 
PHE HE1  H N N 269 
PHE HE2  H N N 270 
PHE HZ   H N N 271 
PHE HXT  H N N 272 
PRO N    N N N 273 
PRO CA   C N S 274 
PRO C    C N N 275 
PRO O    O N N 276 
PRO CB   C N N 277 
PRO CG   C N N 278 
PRO CD   C N N 279 
PRO OXT  O N N 280 
PRO H    H N N 281 
PRO HA   H N N 282 
PRO HB2  H N N 283 
PRO HB3  H N N 284 
PRO HG2  H N N 285 
PRO HG3  H N N 286 
PRO HD2  H N N 287 
PRO HD3  H N N 288 
PRO HXT  H N N 289 
SER N    N N N 290 
SER CA   C N S 291 
SER C    C N N 292 
SER O    O N N 293 
SER CB   C N N 294 
SER OG   O N N 295 
SER OXT  O N N 296 
SER H    H N N 297 
SER H2   H N N 298 
SER HA   H N N 299 
SER HB2  H N N 300 
SER HB3  H N N 301 
SER HG   H N N 302 
SER HXT  H N N 303 
THR N    N N N 304 
THR CA   C N S 305 
THR C    C N N 306 
THR O    O N N 307 
THR CB   C N R 308 
THR OG1  O N N 309 
THR CG2  C N N 310 
THR OXT  O N N 311 
THR H    H N N 312 
THR H2   H N N 313 
THR HA   H N N 314 
THR HB   H N N 315 
THR HG1  H N N 316 
THR HG21 H N N 317 
THR HG22 H N N 318 
THR HG23 H N N 319 
THR HXT  H N N 320 
TRP N    N N N 321 
TRP CA   C N S 322 
TRP C    C N N 323 
TRP O    O N N 324 
TRP CB   C N N 325 
TRP CG   C Y N 326 
TRP CD1  C Y N 327 
TRP CD2  C Y N 328 
TRP NE1  N Y N 329 
TRP CE2  C Y N 330 
TRP CE3  C Y N 331 
TRP CZ2  C Y N 332 
TRP CZ3  C Y N 333 
TRP CH2  C Y N 334 
TRP OXT  O N N 335 
TRP H    H N N 336 
TRP H2   H N N 337 
TRP HA   H N N 338 
TRP HB2  H N N 339 
TRP HB3  H N N 340 
TRP HD1  H N N 341 
TRP HE1  H N N 342 
TRP HE3  H N N 343 
TRP HZ2  H N N 344 
TRP HZ3  H N N 345 
TRP HH2  H N N 346 
TRP HXT  H N N 347 
TYR N    N N N 348 
TYR CA   C N S 349 
TYR C    C N N 350 
TYR O    O N N 351 
TYR CB   C N N 352 
TYR CG   C Y N 353 
TYR CD1  C Y N 354 
TYR CD2  C Y N 355 
TYR CE1  C Y N 356 
TYR CE2  C Y N 357 
TYR CZ   C Y N 358 
TYR OH   O N N 359 
TYR OXT  O N N 360 
TYR H    H N N 361 
TYR H2   H N N 362 
TYR HA   H N N 363 
TYR HB2  H N N 364 
TYR HB3  H N N 365 
TYR HD1  H N N 366 
TYR HD2  H N N 367 
TYR HE1  H N N 368 
TYR HE2  H N N 369 
TYR HH   H N N 370 
TYR HXT  H N N 371 
VAL N    N N N 372 
VAL CA   C N S 373 
VAL C    C N N 374 
VAL O    O N N 375 
VAL CB   C N N 376 
VAL CG1  C N N 377 
VAL CG2  C N N 378 
VAL OXT  O N N 379 
VAL H    H N N 380 
VAL H2   H N N 381 
VAL HA   H N N 382 
VAL HB   H N N 383 
VAL HG11 H N N 384 
VAL HG12 H N N 385 
VAL HG13 H N N 386 
VAL HG21 H N N 387 
VAL HG22 H N N 388 
VAL HG23 H N N 389 
VAL HXT  H N N 390 
# 
loop_
_chem_comp_bond.comp_id 
_chem_comp_bond.atom_id_1 
_chem_comp_bond.atom_id_2 
_chem_comp_bond.value_order 
_chem_comp_bond.pdbx_aromatic_flag 
_chem_comp_bond.pdbx_stereo_config 
_chem_comp_bond.pdbx_ordinal 
ALA N   CA   sing N N 1   
ALA N   H    sing N N 2   
ALA N   H2   sing N N 3   
ALA CA  C    sing N N 4   
ALA CA  CB   sing N N 5   
ALA CA  HA   sing N N 6   
ALA C   O    doub N N 7   
ALA C   OXT  sing N N 8   
ALA CB  HB1  sing N N 9   
ALA CB  HB2  sing N N 10  
ALA CB  HB3  sing N N 11  
ALA OXT HXT  sing N N 12  
ARG N   CA   sing N N 13  
ARG N   H    sing N N 14  
ARG N   H2   sing N N 15  
ARG CA  C    sing N N 16  
ARG CA  CB   sing N N 17  
ARG CA  HA   sing N N 18  
ARG C   O    doub N N 19  
ARG C   OXT  sing N N 20  
ARG CB  CG   sing N N 21  
ARG CB  HB2  sing N N 22  
ARG CB  HB3  sing N N 23  
ARG CG  CD   sing N N 24  
ARG CG  HG2  sing N N 25  
ARG CG  HG3  sing N N 26  
ARG CD  NE   sing N N 27  
ARG CD  HD2  sing N N 28  
ARG CD  HD3  sing N N 29  
ARG NE  CZ   sing N N 30  
ARG NE  HE   sing N N 31  
ARG CZ  NH1  sing N N 32  
ARG CZ  NH2  doub N N 33  
ARG NH1 HH11 sing N N 34  
ARG NH1 HH12 sing N N 35  
ARG NH2 HH21 sing N N 36  
ARG NH2 HH22 sing N N 37  
ARG OXT HXT  sing N N 38  
ASN N   CA   sing N N 39  
ASN N   H    sing N N 40  
ASN N   H2   sing N N 41  
ASN CA  C    sing N N 42  
ASN CA  CB   sing N N 43  
ASN CA  HA   sing N N 44  
ASN C   O    doub N N 45  
ASN C   OXT  sing N N 46  
ASN CB  CG   sing N N 47  
ASN CB  HB2  sing N N 48  
ASN CB  HB3  sing N N 49  
ASN CG  OD1  doub N N 50  
ASN CG  ND2  sing N N 51  
ASN ND2 HD21 sing N N 52  
ASN ND2 HD22 sing N N 53  
ASN OXT HXT  sing N N 54  
ASP N   CA   sing N N 55  
ASP N   H    sing N N 56  
ASP N   H2   sing N N 57  
ASP CA  C    sing N N 58  
ASP CA  CB   sing N N 59  
ASP CA  HA   sing N N 60  
ASP C   O    doub N N 61  
ASP C   OXT  sing N N 62  
ASP CB  CG   sing N N 63  
ASP CB  HB2  sing N N 64  
ASP CB  HB3  sing N N 65  
ASP CG  OD1  doub N N 66  
ASP CG  OD2  sing N N 67  
ASP OD2 HD2  sing N N 68  
ASP OXT HXT  sing N N 69  
CYS N   CA   sing N N 70  
CYS N   H    sing N N 71  
CYS N   H2   sing N N 72  
CYS CA  C    sing N N 73  
CYS CA  CB   sing N N 74  
CYS CA  HA   sing N N 75  
CYS C   O    doub N N 76  
CYS C   OXT  sing N N 77  
CYS CB  SG   sing N N 78  
CYS CB  HB2  sing N N 79  
CYS CB  HB3  sing N N 80  
CYS SG  HG   sing N N 81  
CYS OXT HXT  sing N N 82  
GLN N   CA   sing N N 83  
GLN N   H    sing N N 84  
GLN N   H2   sing N N 85  
GLN CA  C    sing N N 86  
GLN CA  CB   sing N N 87  
GLN CA  HA   sing N N 88  
GLN C   O    doub N N 89  
GLN C   OXT  sing N N 90  
GLN CB  CG   sing N N 91  
GLN CB  HB2  sing N N 92  
GLN CB  HB3  sing N N 93  
GLN CG  CD   sing N N 94  
GLN CG  HG2  sing N N 95  
GLN CG  HG3  sing N N 96  
GLN CD  OE1  doub N N 97  
GLN CD  NE2  sing N N 98  
GLN NE2 HE21 sing N N 99  
GLN NE2 HE22 sing N N 100 
GLN OXT HXT  sing N N 101 
GLU N   CA   sing N N 102 
GLU N   H    sing N N 103 
GLU N   H2   sing N N 104 
GLU CA  C    sing N N 105 
GLU CA  CB   sing N N 106 
GLU CA  HA   sing N N 107 
GLU C   O    doub N N 108 
GLU C   OXT  sing N N 109 
GLU CB  CG   sing N N 110 
GLU CB  HB2  sing N N 111 
GLU CB  HB3  sing N N 112 
GLU CG  CD   sing N N 113 
GLU CG  HG2  sing N N 114 
GLU CG  HG3  sing N N 115 
GLU CD  OE1  doub N N 116 
GLU CD  OE2  sing N N 117 
GLU OE2 HE2  sing N N 118 
GLU OXT HXT  sing N N 119 
GLY N   CA   sing N N 120 
GLY N   H    sing N N 121 
GLY N   H2   sing N N 122 
GLY CA  C    sing N N 123 
GLY CA  HA2  sing N N 124 
GLY CA  HA3  sing N N 125 
GLY C   O    doub N N 126 
GLY C   OXT  sing N N 127 
GLY OXT HXT  sing N N 128 
HIS N   CA   sing N N 129 
HIS N   H    sing N N 130 
HIS N   H2   sing N N 131 
HIS CA  C    sing N N 132 
HIS CA  CB   sing N N 133 
HIS CA  HA   sing N N 134 
HIS C   O    doub N N 135 
HIS C   OXT  sing N N 136 
HIS CB  CG   sing N N 137 
HIS CB  HB2  sing N N 138 
HIS CB  HB3  sing N N 139 
HIS CG  ND1  sing Y N 140 
HIS CG  CD2  doub Y N 141 
HIS ND1 CE1  doub Y N 142 
HIS ND1 HD1  sing N N 143 
HIS CD2 NE2  sing Y N 144 
HIS CD2 HD2  sing N N 145 
HIS CE1 NE2  sing Y N 146 
HIS CE1 HE1  sing N N 147 
HIS NE2 HE2  sing N N 148 
HIS OXT HXT  sing N N 149 
HOH O   H1   sing N N 150 
HOH O   H2   sing N N 151 
ILE N   CA   sing N N 152 
ILE N   H    sing N N 153 
ILE N   H2   sing N N 154 
ILE CA  C    sing N N 155 
ILE CA  CB   sing N N 156 
ILE CA  HA   sing N N 157 
ILE C   O    doub N N 158 
ILE C   OXT  sing N N 159 
ILE CB  CG1  sing N N 160 
ILE CB  CG2  sing N N 161 
ILE CB  HB   sing N N 162 
ILE CG1 CD1  sing N N 163 
ILE CG1 HG12 sing N N 164 
ILE CG1 HG13 sing N N 165 
ILE CG2 HG21 sing N N 166 
ILE CG2 HG22 sing N N 167 
ILE CG2 HG23 sing N N 168 
ILE CD1 HD11 sing N N 169 
ILE CD1 HD12 sing N N 170 
ILE CD1 HD13 sing N N 171 
ILE OXT HXT  sing N N 172 
LEU N   CA   sing N N 173 
LEU N   H    sing N N 174 
LEU N   H2   sing N N 175 
LEU CA  C    sing N N 176 
LEU CA  CB   sing N N 177 
LEU CA  HA   sing N N 178 
LEU C   O    doub N N 179 
LEU C   OXT  sing N N 180 
LEU CB  CG   sing N N 181 
LEU CB  HB2  sing N N 182 
LEU CB  HB3  sing N N 183 
LEU CG  CD1  sing N N 184 
LEU CG  CD2  sing N N 185 
LEU CG  HG   sing N N 186 
LEU CD1 HD11 sing N N 187 
LEU CD1 HD12 sing N N 188 
LEU CD1 HD13 sing N N 189 
LEU CD2 HD21 sing N N 190 
LEU CD2 HD22 sing N N 191 
LEU CD2 HD23 sing N N 192 
LEU OXT HXT  sing N N 193 
LYS N   CA   sing N N 194 
LYS N   H    sing N N 195 
LYS N   H2   sing N N 196 
LYS CA  C    sing N N 197 
LYS CA  CB   sing N N 198 
LYS CA  HA   sing N N 199 
LYS C   O    doub N N 200 
LYS C   OXT  sing N N 201 
LYS CB  CG   sing N N 202 
LYS CB  HB2  sing N N 203 
LYS CB  HB3  sing N N 204 
LYS CG  CD   sing N N 205 
LYS CG  HG2  sing N N 206 
LYS CG  HG3  sing N N 207 
LYS CD  CE   sing N N 208 
LYS CD  HD2  sing N N 209 
LYS CD  HD3  sing N N 210 
LYS CE  NZ   sing N N 211 
LYS CE  HE2  sing N N 212 
LYS CE  HE3  sing N N 213 
LYS NZ  HZ1  sing N N 214 
LYS NZ  HZ2  sing N N 215 
LYS NZ  HZ3  sing N N 216 
LYS OXT HXT  sing N N 217 
MET N   CA   sing N N 218 
MET N   H    sing N N 219 
MET N   H2   sing N N 220 
MET CA  C    sing N N 221 
MET CA  CB   sing N N 222 
MET CA  HA   sing N N 223 
MET C   O    doub N N 224 
MET C   OXT  sing N N 225 
MET CB  CG   sing N N 226 
MET CB  HB2  sing N N 227 
MET CB  HB3  sing N N 228 
MET CG  SD   sing N N 229 
MET CG  HG2  sing N N 230 
MET CG  HG3  sing N N 231 
MET SD  CE   sing N N 232 
MET CE  HE1  sing N N 233 
MET CE  HE2  sing N N 234 
MET CE  HE3  sing N N 235 
MET OXT HXT  sing N N 236 
PHE N   CA   sing N N 237 
PHE N   H    sing N N 238 
PHE N   H2   sing N N 239 
PHE CA  C    sing N N 240 
PHE CA  CB   sing N N 241 
PHE CA  HA   sing N N 242 
PHE C   O    doub N N 243 
PHE C   OXT  sing N N 244 
PHE CB  CG   sing N N 245 
PHE CB  HB2  sing N N 246 
PHE CB  HB3  sing N N 247 
PHE CG  CD1  doub Y N 248 
PHE CG  CD2  sing Y N 249 
PHE CD1 CE1  sing Y N 250 
PHE CD1 HD1  sing N N 251 
PHE CD2 CE2  doub Y N 252 
PHE CD2 HD2  sing N N 253 
PHE CE1 CZ   doub Y N 254 
PHE CE1 HE1  sing N N 255 
PHE CE2 CZ   sing Y N 256 
PHE CE2 HE2  sing N N 257 
PHE CZ  HZ   sing N N 258 
PHE OXT HXT  sing N N 259 
PRO N   CA   sing N N 260 
PRO N   CD   sing N N 261 
PRO N   H    sing N N 262 
PRO CA  C    sing N N 263 
PRO CA  CB   sing N N 264 
PRO CA  HA   sing N N 265 
PRO C   O    doub N N 266 
PRO C   OXT  sing N N 267 
PRO CB  CG   sing N N 268 
PRO CB  HB2  sing N N 269 
PRO CB  HB3  sing N N 270 
PRO CG  CD   sing N N 271 
PRO CG  HG2  sing N N 272 
PRO CG  HG3  sing N N 273 
PRO CD  HD2  sing N N 274 
PRO CD  HD3  sing N N 275 
PRO OXT HXT  sing N N 276 
SER N   CA   sing N N 277 
SER N   H    sing N N 278 
SER N   H2   sing N N 279 
SER CA  C    sing N N 280 
SER CA  CB   sing N N 281 
SER CA  HA   sing N N 282 
SER C   O    doub N N 283 
SER C   OXT  sing N N 284 
SER CB  OG   sing N N 285 
SER CB  HB2  sing N N 286 
SER CB  HB3  sing N N 287 
SER OG  HG   sing N N 288 
SER OXT HXT  sing N N 289 
THR N   CA   sing N N 290 
THR N   H    sing N N 291 
THR N   H2   sing N N 292 
THR CA  C    sing N N 293 
THR CA  CB   sing N N 294 
THR CA  HA   sing N N 295 
THR C   O    doub N N 296 
THR C   OXT  sing N N 297 
THR CB  OG1  sing N N 298 
THR CB  CG2  sing N N 299 
THR CB  HB   sing N N 300 
THR OG1 HG1  sing N N 301 
THR CG2 HG21 sing N N 302 
THR CG2 HG22 sing N N 303 
THR CG2 HG23 sing N N 304 
THR OXT HXT  sing N N 305 
TRP N   CA   sing N N 306 
TRP N   H    sing N N 307 
TRP N   H2   sing N N 308 
TRP CA  C    sing N N 309 
TRP CA  CB   sing N N 310 
TRP CA  HA   sing N N 311 
TRP C   O    doub N N 312 
TRP C   OXT  sing N N 313 
TRP CB  CG   sing N N 314 
TRP CB  HB2  sing N N 315 
TRP CB  HB3  sing N N 316 
TRP CG  CD1  doub Y N 317 
TRP CG  CD2  sing Y N 318 
TRP CD1 NE1  sing Y N 319 
TRP CD1 HD1  sing N N 320 
TRP CD2 CE2  doub Y N 321 
TRP CD2 CE3  sing Y N 322 
TRP NE1 CE2  sing Y N 323 
TRP NE1 HE1  sing N N 324 
TRP CE2 CZ2  sing Y N 325 
TRP CE3 CZ3  doub Y N 326 
TRP CE3 HE3  sing N N 327 
TRP CZ2 CH2  doub Y N 328 
TRP CZ2 HZ2  sing N N 329 
TRP CZ3 CH2  sing Y N 330 
TRP CZ3 HZ3  sing N N 331 
TRP CH2 HH2  sing N N 332 
TRP OXT HXT  sing N N 333 
TYR N   CA   sing N N 334 
TYR N   H    sing N N 335 
TYR N   H2   sing N N 336 
TYR CA  C    sing N N 337 
TYR CA  CB   sing N N 338 
TYR CA  HA   sing N N 339 
TYR C   O    doub N N 340 
TYR C   OXT  sing N N 341 
TYR CB  CG   sing N N 342 
TYR CB  HB2  sing N N 343 
TYR CB  HB3  sing N N 344 
TYR CG  CD1  doub Y N 345 
TYR CG  CD2  sing Y N 346 
TYR CD1 CE1  sing Y N 347 
TYR CD1 HD1  sing N N 348 
TYR CD2 CE2  doub Y N 349 
TYR CD2 HD2  sing N N 350 
TYR CE1 CZ   doub Y N 351 
TYR CE1 HE1  sing N N 352 
TYR CE2 CZ   sing Y N 353 
TYR CE2 HE2  sing N N 354 
TYR CZ  OH   sing N N 355 
TYR OH  HH   sing N N 356 
TYR OXT HXT  sing N N 357 
VAL N   CA   sing N N 358 
VAL N   H    sing N N 359 
VAL N   H2   sing N N 360 
VAL CA  C    sing N N 361 
VAL CA  CB   sing N N 362 
VAL CA  HA   sing N N 363 
VAL C   O    doub N N 364 
VAL C   OXT  sing N N 365 
VAL CB  CG1  sing N N 366 
VAL CB  CG2  sing N N 367 
VAL CB  HB   sing N N 368 
VAL CG1 HG11 sing N N 369 
VAL CG1 HG12 sing N N 370 
VAL CG1 HG13 sing N N 371 
VAL CG2 HG21 sing N N 372 
VAL CG2 HG22 sing N N 373 
VAL CG2 HG23 sing N N 374 
VAL OXT HXT  sing N N 375 
# 
_pdbx_initial_refinement_model.id               1 
_pdbx_initial_refinement_model.entity_id_list   ? 
_pdbx_initial_refinement_model.type             'experimental model' 
_pdbx_initial_refinement_model.source_name      PDB 
_pdbx_initial_refinement_model.accession_code   1CZT 
_pdbx_initial_refinement_model.details          'PDB ENTRY 1CZT' 
# 
_atom_sites.entry_id                    3BN6 
_atom_sites.fract_transf_matrix[1][1]   0.01962330 
_atom_sites.fract_transf_matrix[1][2]   -0.02422423 
_atom_sites.fract_transf_matrix[1][3]   -0.00320088 
_atom_sites.fract_transf_matrix[2][1]   0.00628853 
_atom_sites.fract_transf_matrix[2][2]   0.00292119 
_atom_sites.fract_transf_matrix[2][3]   0.01644495 
_atom_sites.fract_transf_matrix[3][1]   -0.00873031 
_atom_sites.fract_transf_matrix[3][2]   -0.00769388 
_atom_sites.fract_transf_matrix[3][3]   0.00470516 
_atom_sites.fract_transf_vector[1]      0.388032 
_atom_sites.fract_transf_vector[2]      0.088058 
_atom_sites.fract_transf_vector[3]      0.128103 
# 
loop_
_atom_type.symbol 
C 
N 
O 
S 
# 
loop_
_atom_site.group_PDB 
_atom_site.id 
_atom_site.type_symbol 
_atom_site.label_atom_id 
_atom_site.label_alt_id 
_atom_site.label_comp_id 
_atom_site.label_asym_id 
_atom_site.label_entity_id 
_atom_site.label_seq_id 
_atom_site.pdbx_PDB_ins_code 
_atom_site.Cartn_x 
_atom_site.Cartn_y 
_atom_site.Cartn_z 
_atom_site.occupancy 
_atom_site.B_iso_or_equiv 
_atom_site.pdbx_formal_charge 
_atom_site.auth_seq_id 
_atom_site.auth_comp_id 
_atom_site.auth_asym_id 
_atom_site.auth_atom_id 
_atom_site.pdbx_PDB_model_num 
ATOM   1    N N   . CYS A 1 1   ? -8.586  -6.021  17.905  1.00 21.26 ? 1   CYS A N   1 
ATOM   2    C CA  . CYS A 1 1   ? -7.282  -5.849  17.202  1.00 19.47 ? 1   CYS A CA  1 
ATOM   3    C C   . CYS A 1 1   ? -7.487  -5.534  15.718  1.00 19.05 ? 1   CYS A C   1 
ATOM   4    O O   . CYS A 1 1   ? -6.906  -6.179  14.842  1.00 17.90 ? 1   CYS A O   1 
ATOM   5    C CB  . CYS A 1 1   ? -6.428  -7.111  17.368  1.00 18.79 ? 1   CYS A CB  1 
ATOM   6    S SG  . CYS A 1 1   ? -4.698  -6.943  16.817  1.00 19.48 ? 1   CYS A SG  1 
ATOM   7    N N   . THR A 1 2   ? -8.328  -4.541  15.440  1.00 19.57 ? 2   THR A N   1 
ATOM   8    C CA  . THR A 1 2   ? -8.587  -4.109  14.066  1.00 21.04 ? 2   THR A CA  1 
ATOM   9    C C   . THR A 1 2   ? -8.507  -2.588  14.003  1.00 21.82 ? 2   THR A C   1 
ATOM   10   O O   . THR A 1 2   ? -9.217  -1.947  13.229  1.00 22.53 ? 2   THR A O   1 
ATOM   11   C CB  . THR A 1 2   ? -9.983  -4.547  13.572  1.00 23.95 ? 2   THR A CB  1 
ATOM   12   O OG1 . THR A 1 2   ? -10.986 -4.067  14.475  1.00 25.73 ? 2   THR A OG1 1 
ATOM   13   C CG2 . THR A 1 2   ? -10.062 -6.058  13.476  1.00 26.68 ? 2   THR A CG2 1 
ATOM   14   N N   . GLU A 1 3   ? -7.627  -2.019  14.821  1.00 20.99 ? 3   GLU A N   1 
ATOM   15   C CA  . GLU A 1 3   ? -7.440  -0.574  14.879  1.00 22.09 ? 3   GLU A CA  1 
ATOM   16   C C   . GLU A 1 3   ? -6.474  -0.055  13.821  1.00 19.10 ? 3   GLU A C   1 
ATOM   17   O O   . GLU A 1 3   ? -5.532  -0.745  13.432  1.00 17.79 ? 3   GLU A O   1 
ATOM   18   C CB  . GLU A 1 3   ? -6.911  -0.173  16.258  1.00 25.51 ? 3   GLU A CB  1 
ATOM   19   C CG  . GLU A 1 3   ? -7.886  -0.416  17.393  1.00 32.68 ? 3   GLU A CG  1 
ATOM   20   C CD  . GLU A 1 3   ? -9.105  0.477   17.306  1.00 35.91 ? 3   GLU A CD  1 
ATOM   21   O OE1 . GLU A 1 3   ? -8.945  1.710   17.430  1.00 40.43 ? 3   GLU A OE1 1 
ATOM   22   O OE2 . GLU A 1 3   ? -10.220 -0.049  17.108  1.00 39.79 ? 3   GLU A OE2 1 
ATOM   23   N N   . PRO A 1 4   ? -6.708  1.171   13.329  1.00 18.33 ? 4   PRO A N   1 
ATOM   24   C CA  . PRO A 1 4   ? -5.818  1.749   12.319  1.00 16.85 ? 4   PRO A CA  1 
ATOM   25   C C   . PRO A 1 4   ? -4.432  1.858   12.942  1.00 17.06 ? 4   PRO A C   1 
ATOM   26   O O   . PRO A 1 4   ? -4.299  2.299   14.089  1.00 16.61 ? 4   PRO A O   1 
ATOM   27   C CB  . PRO A 1 4   ? -6.449  3.112   12.056  1.00 17.97 ? 4   PRO A CB  1 
ATOM   28   C CG  . PRO A 1 4   ? -7.906  2.822   12.222  1.00 20.51 ? 4   PRO A CG  1 
ATOM   29   C CD  . PRO A 1 4   ? -7.922  1.990   13.485  1.00 19.70 ? 4   PRO A CD  1 
ATOM   30   N N   . LEU A 1 5   ? -3.402  1.464   12.199  1.00 15.45 ? 5   LEU A N   1 
ATOM   31   C CA  . LEU A 1 5   ? -2.052  1.493   12.739  1.00 16.53 ? 5   LEU A CA  1 
ATOM   32   C C   . LEU A 1 5   ? -1.264  2.784   12.544  1.00 17.72 ? 5   LEU A C   1 
ATOM   33   O O   . LEU A 1 5   ? -0.077  2.841   12.865  1.00 19.45 ? 5   LEU A O   1 
ATOM   34   C CB  . LEU A 1 5   ? -1.260  0.278   12.226  1.00 14.52 ? 5   LEU A CB  1 
ATOM   35   C CG  . LEU A 1 5   ? -1.813  -1.057  12.754  1.00 13.37 ? 5   LEU A CG  1 
ATOM   36   C CD1 . LEU A 1 5   ? -1.016  -2.230  12.191  1.00 14.90 ? 5   LEU A CD1 1 
ATOM   37   C CD2 . LEU A 1 5   ? -1.753  -1.058  14.275  1.00 14.93 ? 5   LEU A CD2 1 
ATOM   38   N N   . GLY A 1 6   ? -1.914  3.823   12.023  1.00 17.28 ? 6   GLY A N   1 
ATOM   39   C CA  . GLY A 1 6   ? -1.228  5.096   11.885  1.00 18.58 ? 6   GLY A CA  1 
ATOM   40   C C   . GLY A 1 6   ? -0.952  5.728   10.538  1.00 17.46 ? 6   GLY A C   1 
ATOM   41   O O   . GLY A 1 6   ? -0.259  6.741   10.474  1.00 18.32 ? 6   GLY A O   1 
ATOM   42   N N   . LEU A 1 7   ? -1.469  5.166   9.456   1.00 17.51 ? 7   LEU A N   1 
ATOM   43   C CA  . LEU A 1 7   ? -1.208  5.774   8.161   1.00 16.54 ? 7   LEU A CA  1 
ATOM   44   C C   . LEU A 1 7   ? -2.093  6.999   7.924   1.00 17.53 ? 7   LEU A C   1 
ATOM   45   O O   . LEU A 1 7   ? -1.597  8.078   7.593   1.00 16.87 ? 7   LEU A O   1 
ATOM   46   C CB  . LEU A 1 7   ? -1.408  4.748   7.040   1.00 16.87 ? 7   LEU A CB  1 
ATOM   47   C CG  . LEU A 1 7   ? -0.309  3.684   6.954   1.00 18.64 ? 7   LEU A CG  1 
ATOM   48   C CD1 . LEU A 1 7   ? -0.683  2.623   5.931   1.00 18.88 ? 7   LEU A CD1 1 
ATOM   49   C CD2 . LEU A 1 7   ? 1.007   4.350   6.578   1.00 20.67 ? 7   LEU A CD2 1 
ATOM   50   N N   . LYS A 1 8   ? -3.395  6.842   8.133   1.00 18.08 ? 8   LYS A N   1 
ATOM   51   C CA  . LYS A 1 8   ? -4.332  7.936   7.896   1.00 19.42 ? 8   LYS A CA  1 
ATOM   52   C C   . LYS A 1 8   ? -4.164  9.183   8.760   1.00 20.47 ? 8   LYS A C   1 
ATOM   53   O O   . LYS A 1 8   ? -4.349  10.298  8.269   1.00 21.73 ? 8   LYS A O   1 
ATOM   54   C CB  . LYS A 1 8   ? -5.776  7.450   8.024   1.00 21.64 ? 8   LYS A CB  1 
ATOM   55   C CG  . LYS A 1 8   ? -6.792  8.524   7.647   1.00 25.92 ? 8   LYS A CG  1 
ATOM   56   C CD  . LYS A 1 8   ? -8.223  8.108   7.930   1.00 30.56 ? 8   LYS A CD  1 
ATOM   57   C CE  . LYS A 1 8   ? -8.527  8.118   9.418   1.00 32.10 ? 8   LYS A CE  1 
ATOM   58   N NZ  . LYS A 1 8   ? -9.951  7.776   9.695   1.00 34.38 ? 8   LYS A NZ  1 
ATOM   59   N N   . ASP A 1 9   ? -3.817  9.015   10.034  1.00 19.71 ? 9   ASP A N   1 
ATOM   60   C CA  . ASP A 1 9   ? -3.672  10.183  10.903  1.00 21.58 ? 9   ASP A CA  1 
ATOM   61   C C   . ASP A 1 9   ? -2.250  10.720  11.018  1.00 22.40 ? 9   ASP A C   1 
ATOM   62   O O   . ASP A 1 9   ? -1.950  11.518  11.911  1.00 22.65 ? 9   ASP A O   1 
ATOM   63   C CB  . ASP A 1 9   ? -4.236  9.899   12.302  1.00 22.69 ? 9   ASP A CB  1 
ATOM   64   C CG  . ASP A 1 9   ? -3.518  8.772   13.015  1.00 24.72 ? 9   ASP A CG  1 
ATOM   65   O OD1 . ASP A 1 9   ? -2.381  8.430   12.626  1.00 24.48 ? 9   ASP A OD1 1 
ATOM   66   O OD2 . ASP A 1 9   ? -4.092  8.238   13.987  1.00 28.06 ? 9   ASP A OD2 1 
ATOM   67   N N   . ASN A 1 10  ? -1.383  10.285  10.109  1.00 20.92 ? 10  ASN A N   1 
ATOM   68   C CA  . ASN A 1 10  ? 0.007   10.729  10.073  1.00 22.80 ? 10  ASN A CA  1 
ATOM   69   C C   . ASN A 1 10  ? 0.861   10.349  11.283  1.00 22.14 ? 10  ASN A C   1 
ATOM   70   O O   . ASN A 1 10  ? 1.934   10.918  11.475  1.00 24.02 ? 10  ASN A O   1 
ATOM   71   C CB  . ASN A 1 10  ? 0.073   12.253  9.878   1.00 24.61 ? 10  ASN A CB  1 
ATOM   72   C CG  . ASN A 1 10  ? -0.225  12.683  8.448   1.00 25.66 ? 10  ASN A CG  1 
ATOM   73   O OD1 . ASN A 1 10  ? -0.303  13.878  8.152   1.00 28.24 ? 10  ASN A OD1 1 
ATOM   74   N ND2 . ASN A 1 10  ? -0.389  11.717  7.557   1.00 26.43 ? 10  ASN A ND2 1 
ATOM   75   N N   . THR A 1 11  ? 0.409   9.406   12.105  1.00 22.34 ? 11  THR A N   1 
ATOM   76   C CA  . THR A 1 11  ? 1.216   9.016   13.258  1.00 22.13 ? 11  THR A CA  1 
ATOM   77   C C   . THR A 1 11  ? 2.482   8.310   12.774  1.00 20.84 ? 11  THR A C   1 
ATOM   78   O O   . THR A 1 11  ? 3.528   8.382   13.418  1.00 21.57 ? 11  THR A O   1 
ATOM   79   C CB  . THR A 1 11  ? 0.437   8.116   14.244  1.00 24.23 ? 11  THR A CB  1 
ATOM   80   O OG1 . THR A 1 11  ? -0.279  7.115   13.524  1.00 28.77 ? 11  THR A OG1 1 
ATOM   81   C CG2 . THR A 1 11  ? -0.544  8.949   15.058  1.00 26.80 ? 11  THR A CG2 1 
ATOM   82   N N   . ILE A 1 12  ? 2.382   7.620   11.641  1.00 19.68 ? 12  ILE A N   1 
ATOM   83   C CA  . ILE A 1 12  ? 3.545   6.969   11.046  1.00 17.96 ? 12  ILE A CA  1 
ATOM   84   C C   . ILE A 1 12  ? 4.159   8.101   10.223  1.00 17.79 ? 12  ILE A C   1 
ATOM   85   O O   . ILE A 1 12  ? 3.505   8.647   9.328   1.00 17.14 ? 12  ILE A O   1 
ATOM   86   C CB  . ILE A 1 12  ? 3.147   5.808   10.104  1.00 18.34 ? 12  ILE A CB  1 
ATOM   87   C CG1 . ILE A 1 12  ? 2.618   4.629   10.927  1.00 18.63 ? 12  ILE A CG1 1 
ATOM   88   C CG2 . ILE A 1 12  ? 4.351   5.375   9.270   1.00 16.97 ? 12  ILE A CG2 1 
ATOM   89   C CD1 . ILE A 1 12  ? 2.203   3.426   10.095  1.00 21.07 ? 12  ILE A CD1 1 
ATOM   90   N N   . PRO A 1 13  ? 5.410   8.480   10.520  1.00 16.85 ? 13  PRO A N   1 
ATOM   91   C CA  . PRO A 1 13  ? 6.066   9.567   9.783   1.00 18.19 ? 13  PRO A CA  1 
ATOM   92   C C   . PRO A 1 13  ? 6.381   9.249   8.330   1.00 18.37 ? 13  PRO A C   1 
ATOM   93   O O   . PRO A 1 13  ? 6.586   8.092   7.968   1.00 17.99 ? 13  PRO A O   1 
ATOM   94   C CB  . PRO A 1 13  ? 7.322   9.824   10.606  1.00 18.73 ? 13  PRO A CB  1 
ATOM   95   C CG  . PRO A 1 13  ? 7.674   8.452   11.082  1.00 19.70 ? 13  PRO A CG  1 
ATOM   96   C CD  . PRO A 1 13  ? 6.328   7.897   11.516  1.00 17.70 ? 13  PRO A CD  1 
ATOM   97   N N   . ASN A 1 14  ? 6.428   10.291  7.505   1.00 17.57 ? 14  ASN A N   1 
ATOM   98   C CA  . ASN A 1 14  ? 6.711   10.133  6.085   1.00 16.48 ? 14  ASN A CA  1 
ATOM   99   C C   . ASN A 1 14  ? 7.935   9.277   5.759   1.00 16.76 ? 14  ASN A C   1 
ATOM   100  O O   . ASN A 1 14  ? 7.891   8.458   4.846   1.00 16.90 ? 14  ASN A O   1 
ATOM   101  C CB  . ASN A 1 14  ? 6.878   11.505  5.409   1.00 16.12 ? 14  ASN A CB  1 
ATOM   102  C CG  . ASN A 1 14  ? 5.595   12.325  5.406   1.00 16.55 ? 14  ASN A CG  1 
ATOM   103  O OD1 . ASN A 1 14  ? 4.487   11.783  5.474   1.00 15.58 ? 14  ASN A OD1 1 
ATOM   104  N ND2 . ASN A 1 14  ? 5.741   13.644  5.302   1.00 16.72 ? 14  ASN A ND2 1 
ATOM   105  N N   . LYS A 1 15  ? 9.029   9.463   6.492   1.00 17.41 ? 15  LYS A N   1 
ATOM   106  C CA  . LYS A 1 15  ? 10.237  8.699   6.206   1.00 16.76 ? 15  LYS A CA  1 
ATOM   107  C C   . LYS A 1 15  ? 10.078  7.191   6.381   1.00 16.24 ? 15  LYS A C   1 
ATOM   108  O O   . LYS A 1 15  ? 10.918  6.421   5.912   1.00 16.79 ? 15  LYS A O   1 
ATOM   109  C CB  . LYS A 1 15  ? 11.403  9.195   7.063   1.00 18.90 ? 15  LYS A CB  1 
ATOM   110  C CG  . LYS A 1 15  ? 11.239  8.981   8.547   1.00 20.81 ? 15  LYS A CG  1 
ATOM   111  C CD  . LYS A 1 15  ? 12.516  9.380   9.276   1.00 22.74 ? 15  LYS A CD  1 
ATOM   112  C CE  . LYS A 1 15  ? 12.384  9.196   10.777  1.00 26.79 ? 15  LYS A CE  1 
ATOM   113  N NZ  . LYS A 1 15  ? 13.603  9.670   11.497  1.00 28.77 ? 15  LYS A NZ  1 
ATOM   114  N N   . GLN A 1 16  ? 9.011   6.765   7.048   1.00 16.32 ? 16  GLN A N   1 
ATOM   115  C CA  . GLN A 1 16  ? 8.796   5.337   7.245   1.00 15.67 ? 16  GLN A CA  1 
ATOM   116  C C   . GLN A 1 16  ? 7.958   4.704   6.135   1.00 15.31 ? 16  GLN A C   1 
ATOM   117  O O   . GLN A 1 16  ? 7.664   3.511   6.170   1.00 14.35 ? 16  GLN A O   1 
ATOM   118  C CB  . GLN A 1 16  ? 8.181   5.079   8.627   1.00 14.99 ? 16  GLN A CB  1 
ATOM   119  C CG  . GLN A 1 16  ? 9.215   5.241   9.743   1.00 16.44 ? 16  GLN A CG  1 
ATOM   120  C CD  . GLN A 1 16  ? 8.639   5.158   11.144  1.00 17.69 ? 16  GLN A CD  1 
ATOM   121  O OE1 . GLN A 1 16  ? 9.162   5.783   12.068  1.00 19.86 ? 16  GLN A OE1 1 
ATOM   122  N NE2 . GLN A 1 16  ? 7.577   4.381   11.317  1.00 18.33 ? 16  GLN A NE2 1 
ATOM   123  N N   . ILE A 1 17  ? 7.573   5.505   5.147   1.00 15.06 ? 17  ILE A N   1 
ATOM   124  C CA  . ILE A 1 17  ? 6.809   4.984   4.018   1.00 15.01 ? 17  ILE A CA  1 
ATOM   125  C C   . ILE A 1 17  ? 7.658   5.178   2.764   1.00 16.30 ? 17  ILE A C   1 
ATOM   126  O O   . ILE A 1 17  ? 7.899   6.304   2.325   1.00 15.81 ? 17  ILE A O   1 
ATOM   127  C CB  . ILE A 1 17  ? 5.466   5.714   3.837   1.00 14.59 ? 17  ILE A CB  1 
ATOM   128  C CG1 . ILE A 1 17  ? 4.644   5.628   5.125   1.00 15.38 ? 17  ILE A CG1 1 
ATOM   129  C CG2 . ILE A 1 17  ? 4.694   5.080   2.686   1.00 16.04 ? 17  ILE A CG2 1 
ATOM   130  C CD1 . ILE A 1 17  ? 3.361   6.456   5.095   1.00 13.84 ? 17  ILE A CD1 1 
ATOM   131  N N   . THR A 1 18  ? 8.115   4.069   2.200   1.00 15.74 ? 18  THR A N   1 
ATOM   132  C CA  . THR A 1 18  ? 8.962   4.097   1.015   1.00 17.37 ? 18  THR A CA  1 
ATOM   133  C C   . THR A 1 18  ? 8.385   3.237   -0.097  1.00 16.69 ? 18  THR A C   1 
ATOM   134  O O   . THR A 1 18  ? 7.369   2.571   0.083   1.00 15.55 ? 18  THR A O   1 
ATOM   135  C CB  . THR A 1 18  ? 10.368  3.583   1.352   1.00 17.18 ? 18  THR A CB  1 
ATOM   136  O OG1 . THR A 1 18  ? 10.269  2.274   1.929   1.00 19.05 ? 18  THR A OG1 1 
ATOM   137  C CG2 . THR A 1 18  ? 11.046  4.519   2.348   1.00 19.21 ? 18  THR A CG2 1 
ATOM   138  N N   . ALA A 1 19  ? 9.036   3.253   -1.253  1.00 17.27 ? 19  ALA A N   1 
ATOM   139  C CA  . ALA A 1 19  ? 8.563   2.465   -2.379  1.00 17.14 ? 19  ALA A CA  1 
ATOM   140  C C   . ALA A 1 19  ? 9.678   2.172   -3.368  1.00 19.27 ? 19  ALA A C   1 
ATOM   141  O O   . ALA A 1 19  ? 10.754  2.771   -3.310  1.00 20.00 ? 19  ALA A O   1 
ATOM   142  C CB  . ALA A 1 19  ? 7.420   3.193   -3.080  1.00 17.38 ? 19  ALA A CB  1 
ATOM   143  N N   . SER A 1 20  ? 9.406   1.234   -4.269  1.00 19.70 ? 20  SER A N   1 
ATOM   144  C CA  . SER A 1 20  ? 10.358  0.844   -5.297  1.00 20.62 ? 20  SER A CA  1 
ATOM   145  C C   . SER A 1 20  ? 10.695  2.061   -6.148  1.00 21.08 ? 20  SER A C   1 
ATOM   146  O O   . SER A 1 20  ? 11.804  2.183   -6.668  1.00 21.77 ? 20  SER A O   1 
ATOM   147  C CB  . SER A 1 20  ? 9.750   -0.250  -6.169  1.00 19.82 ? 20  SER A CB  1 
ATOM   148  O OG  . SER A 1 20  ? 8.429   0.096   -6.550  1.00 19.41 ? 20  SER A OG  1 
ATOM   149  N N   . SER A 1 21  ? 9.721   2.956   -6.275  1.00 20.91 ? 21  SER A N   1 
ATOM   150  C CA  . SER A 1 21  ? 9.873   4.181   -7.048  1.00 21.20 ? 21  SER A CA  1 
ATOM   151  C C   . SER A 1 21  ? 8.603   5.000   -6.875  1.00 22.50 ? 21  SER A C   1 
ATOM   152  O O   . SER A 1 21  ? 7.621   4.520   -6.315  1.00 21.43 ? 21  SER A O   1 
ATOM   153  C CB  . SER A 1 21  ? 10.054  3.859   -8.534  1.00 22.16 ? 21  SER A CB  1 
ATOM   154  O OG  . SER A 1 21  ? 8.851   3.358   -9.098  1.00 21.97 ? 21  SER A OG  1 
ATOM   155  N N   . TYR A 1 22  ? 8.627   6.242   -7.340  1.00 22.66 ? 22  TYR A N   1 
ATOM   156  C CA  . TYR A 1 22  ? 7.441   7.076   -7.268  1.00 22.33 ? 22  TYR A CA  1 
ATOM   157  C C   . TYR A 1 22  ? 7.386   7.933   -8.519  1.00 22.82 ? 22  TYR A C   1 
ATOM   158  O O   . TYR A 1 22  ? 8.418   8.320   -9.073  1.00 22.23 ? 22  TYR A O   1 
ATOM   159  C CB  . TYR A 1 22  ? 7.412   7.933   -5.994  1.00 22.89 ? 22  TYR A CB  1 
ATOM   160  C CG  . TYR A 1 22  ? 8.429   9.045   -5.916  1.00 23.87 ? 22  TYR A CG  1 
ATOM   161  C CD1 . TYR A 1 22  ? 9.726   8.804   -5.467  1.00 25.56 ? 22  TYR A CD1 1 
ATOM   162  C CD2 . TYR A 1 22  ? 8.082   10.348  -6.265  1.00 24.76 ? 22  TYR A CD2 1 
ATOM   163  C CE1 . TYR A 1 22  ? 10.654  9.841   -5.362  1.00 26.15 ? 22  TYR A CE1 1 
ATOM   164  C CE2 . TYR A 1 22  ? 8.997   11.386  -6.166  1.00 25.57 ? 22  TYR A CE2 1 
ATOM   165  C CZ  . TYR A 1 22  ? 10.279  11.128  -5.714  1.00 26.04 ? 22  TYR A CZ  1 
ATOM   166  O OH  . TYR A 1 22  ? 11.181  12.163  -5.617  1.00 29.06 ? 22  TYR A OH  1 
ATOM   167  N N   . TYR A 1 23  ? 6.167   8.203   -8.962  1.00 22.33 ? 23  TYR A N   1 
ATOM   168  C CA  . TYR A 1 23  ? 5.904   8.961   -10.174 1.00 24.68 ? 23  TYR A CA  1 
ATOM   169  C C   . TYR A 1 23  ? 6.045   10.477  -10.069 1.00 25.96 ? 23  TYR A C   1 
ATOM   170  O O   . TYR A 1 23  ? 5.712   11.084  -9.051  1.00 23.42 ? 23  TYR A O   1 
ATOM   171  C CB  . TYR A 1 23  ? 4.497   8.604   -10.659 1.00 25.30 ? 23  TYR A CB  1 
ATOM   172  C CG  . TYR A 1 23  ? 4.083   9.231   -11.964 1.00 26.81 ? 23  TYR A CG  1 
ATOM   173  C CD1 . TYR A 1 23  ? 4.847   9.064   -13.115 1.00 27.33 ? 23  TYR A CD1 1 
ATOM   174  C CD2 . TYR A 1 23  ? 2.897   9.955   -12.057 1.00 26.50 ? 23  TYR A CD2 1 
ATOM   175  C CE1 . TYR A 1 23  ? 4.435   9.601   -14.333 1.00 29.47 ? 23  TYR A CE1 1 
ATOM   176  C CE2 . TYR A 1 23  ? 2.477   10.497  -13.266 1.00 27.95 ? 23  TYR A CE2 1 
ATOM   177  C CZ  . TYR A 1 23  ? 3.248   10.315  -14.399 1.00 28.54 ? 23  TYR A CZ  1 
ATOM   178  O OH  . TYR A 1 23  ? 2.819   10.840  -15.597 1.00 31.93 ? 23  TYR A OH  1 
ATOM   179  N N   . LYS A 1 24  ? 6.548   11.071  -11.148 1.00 28.21 ? 24  LYS A N   1 
ATOM   180  C CA  . LYS A 1 24  ? 6.727   12.517  -11.262 1.00 31.62 ? 24  LYS A CA  1 
ATOM   181  C C   . LYS A 1 24  ? 6.239   12.899  -12.654 1.00 31.95 ? 24  LYS A C   1 
ATOM   182  O O   . LYS A 1 24  ? 6.898   12.581  -13.643 1.00 32.97 ? 24  LYS A O   1 
ATOM   183  C CB  . LYS A 1 24  ? 8.203   12.909  -11.153 1.00 32.62 ? 24  LYS A CB  1 
ATOM   184  C CG  . LYS A 1 24  ? 8.872   12.634  -9.825  1.00 34.68 ? 24  LYS A CG  1 
ATOM   185  C CD  . LYS A 1 24  ? 10.313  13.126  -9.876  1.00 36.38 ? 24  LYS A CD  1 
ATOM   186  C CE  . LYS A 1 24  ? 11.075  12.803  -8.608  1.00 38.96 ? 24  LYS A CE  1 
ATOM   187  N NZ  . LYS A 1 24  ? 12.492  13.264  -8.695  1.00 40.33 ? 24  LYS A NZ  1 
ATOM   188  N N   . THR A 1 25  ? 5.094   13.567  -12.743 1.00 34.01 ? 25  THR A N   1 
ATOM   189  C CA  . THR A 1 25  ? 4.579   13.962  -14.047 1.00 37.52 ? 25  THR A CA  1 
ATOM   190  C C   . THR A 1 25  ? 5.690   14.714  -14.776 1.00 39.03 ? 25  THR A C   1 
ATOM   191  O O   . THR A 1 25  ? 6.293   15.637  -14.224 1.00 38.62 ? 25  THR A O   1 
ATOM   192  C CB  . THR A 1 25  ? 3.340   14.857  -13.918 1.00 38.63 ? 25  THR A CB  1 
ATOM   193  O OG1 . THR A 1 25  ? 2.400   14.243  -13.026 1.00 39.33 ? 25  THR A OG1 1 
ATOM   194  C CG2 . THR A 1 25  ? 2.680   15.035  -15.273 1.00 38.90 ? 25  THR A CG2 1 
ATOM   195  N N   . TRP A 1 26  ? 5.955   14.304  -16.015 1.00 39.69 ? 26  TRP A N   1 
ATOM   196  C CA  . TRP A 1 26  ? 7.016   14.883  -16.834 1.00 41.06 ? 26  TRP A CA  1 
ATOM   197  C C   . TRP A 1 26  ? 8.243   15.345  -16.049 1.00 40.89 ? 26  TRP A C   1 
ATOM   198  O O   . TRP A 1 26  ? 8.729   16.461  -16.225 1.00 42.68 ? 26  TRP A O   1 
ATOM   199  C CB  . TRP A 1 26  ? 6.485   16.019  -17.725 1.00 42.25 ? 26  TRP A CB  1 
ATOM   200  C CG  . TRP A 1 26  ? 5.385   16.854  -17.149 1.00 43.16 ? 26  TRP A CG  1 
ATOM   201  C CD1 . TRP A 1 26  ? 5.452   17.662  -16.054 1.00 44.75 ? 26  TRP A CD1 1 
ATOM   202  C CD2 . TRP A 1 26  ? 4.055   16.984  -17.666 1.00 44.28 ? 26  TRP A CD2 1 
ATOM   203  N NE1 . TRP A 1 26  ? 4.246   18.292  -15.855 1.00 44.76 ? 26  TRP A NE1 1 
ATOM   204  C CE2 . TRP A 1 26  ? 3.371   17.894  -16.831 1.00 44.90 ? 26  TRP A CE2 1 
ATOM   205  C CE3 . TRP A 1 26  ? 3.376   16.420  -18.755 1.00 44.44 ? 26  TRP A CE3 1 
ATOM   206  C CZ2 . TRP A 1 26  ? 2.037   18.255  -17.049 1.00 45.76 ? 26  TRP A CZ2 1 
ATOM   207  C CZ3 . TRP A 1 26  ? 2.050   16.779  -18.973 1.00 45.28 ? 26  TRP A CZ3 1 
ATOM   208  C CH2 . TRP A 1 26  ? 1.395   17.689  -18.122 1.00 45.93 ? 26  TRP A CH2 1 
ATOM   209  N N   . GLY A 1 27  ? 8.732   14.460  -15.183 1.00 39.62 ? 27  GLY A N   1 
ATOM   210  C CA  . GLY A 1 27  ? 9.915   14.729  -14.383 1.00 38.64 ? 27  GLY A CA  1 
ATOM   211  C C   . GLY A 1 27  ? 9.950   15.960  -13.495 1.00 37.92 ? 27  GLY A C   1 
ATOM   212  O O   . GLY A 1 27  ? 11.021  16.340  -13.030 1.00 40.14 ? 27  GLY A O   1 
ATOM   213  N N   . LEU A 1 28  ? 8.803   16.581  -13.243 1.00 37.43 ? 28  LEU A N   1 
ATOM   214  C CA  . LEU A 1 28  ? 8.777   17.772  -12.398 1.00 35.79 ? 28  LEU A CA  1 
ATOM   215  C C   . LEU A 1 28  ? 8.552   17.444  -10.924 1.00 35.13 ? 28  LEU A C   1 
ATOM   216  O O   . LEU A 1 28  ? 7.555   16.819  -10.564 1.00 33.97 ? 28  LEU A O   1 
ATOM   217  C CB  . LEU A 1 28  ? 7.692   18.743  -12.870 1.00 37.18 ? 28  LEU A CB  1 
ATOM   218  C CG  . LEU A 1 28  ? 7.873   19.407  -14.239 1.00 37.65 ? 28  LEU A CG  1 
ATOM   219  C CD1 . LEU A 1 28  ? 6.679   20.306  -14.529 1.00 39.08 ? 28  LEU A CD1 1 
ATOM   220  C CD2 . LEU A 1 28  ? 9.163   20.214  -14.256 1.00 37.88 ? 28  LEU A CD2 1 
ATOM   221  N N   . SER A 1 29  ? 9.490   17.869  -10.082 1.00 32.60 ? 29  SER A N   1 
ATOM   222  C CA  . SER A 1 29  ? 9.401   17.649  -8.641  1.00 30.45 ? 29  SER A CA  1 
ATOM   223  C C   . SER A 1 29  ? 8.033   18.094  -8.128  1.00 27.63 ? 29  SER A C   1 
ATOM   224  O O   . SER A 1 29  ? 7.493   17.520  -7.179  1.00 25.83 ? 29  SER A O   1 
ATOM   225  C CB  . SER A 1 29  ? 10.503  18.439  -7.926  1.00 30.69 ? 29  SER A CB  1 
ATOM   226  O OG  . SER A 1 29  ? 10.361  18.380  -6.515  1.00 33.03 ? 29  SER A OG  1 
ATOM   227  N N   . ALA A 1 30  ? 7.474   19.115  -8.770  1.00 26.49 ? 30  ALA A N   1 
ATOM   228  C CA  . ALA A 1 30  ? 6.173   19.657  -8.392  1.00 25.32 ? 30  ALA A CA  1 
ATOM   229  C C   . ALA A 1 30  ? 5.037   18.652  -8.566  1.00 25.51 ? 30  ALA A C   1 
ATOM   230  O O   . ALA A 1 30  ? 4.007   18.758  -7.905  1.00 25.42 ? 30  ALA A O   1 
ATOM   231  C CB  . ALA A 1 30  ? 5.882   20.912  -9.205  1.00 27.11 ? 30  ALA A CB  1 
ATOM   232  N N   . PHE A 1 31  ? 5.230   17.680  -9.451  1.00 25.01 ? 31  PHE A N   1 
ATOM   233  C CA  . PHE A 1 31  ? 4.211   16.664  -9.705  1.00 24.88 ? 31  PHE A CA  1 
ATOM   234  C C   . PHE A 1 31  ? 4.618   15.300  -9.165  1.00 23.89 ? 31  PHE A C   1 
ATOM   235  O O   . PHE A 1 31  ? 4.461   14.278  -9.836  1.00 24.01 ? 31  PHE A O   1 
ATOM   236  C CB  . PHE A 1 31  ? 3.929   16.557  -11.206 1.00 27.24 ? 31  PHE A CB  1 
ATOM   237  C CG  . PHE A 1 31  ? 3.269   17.774  -11.784 1.00 28.97 ? 31  PHE A CG  1 
ATOM   238  C CD1 . PHE A 1 31  ? 3.985   18.955  -11.955 1.00 31.32 ? 31  PHE A CD1 1 
ATOM   239  C CD2 . PHE A 1 31  ? 1.923   17.750  -12.131 1.00 29.91 ? 31  PHE A CD2 1 
ATOM   240  C CE1 . PHE A 1 31  ? 3.368   20.095  -12.461 1.00 31.64 ? 31  PHE A CE1 1 
ATOM   241  C CE2 . PHE A 1 31  ? 1.295   18.886  -12.637 1.00 32.39 ? 31  PHE A CE2 1 
ATOM   242  C CZ  . PHE A 1 31  ? 2.020   20.061  -12.802 1.00 31.58 ? 31  PHE A CZ  1 
ATOM   243  N N   . SER A 1 32  ? 5.143   15.294  -7.946  1.00 22.10 ? 32  SER A N   1 
ATOM   244  C CA  . SER A 1 32  ? 5.579   14.062  -7.301  1.00 20.32 ? 32  SER A CA  1 
ATOM   245  C C   . SER A 1 32  ? 4.446   13.382  -6.545  1.00 18.10 ? 32  SER A C   1 
ATOM   246  O O   . SER A 1 32  ? 3.707   14.024  -5.803  1.00 17.32 ? 32  SER A O   1 
ATOM   247  C CB  . SER A 1 32  ? 6.714   14.351  -6.315  1.00 20.67 ? 32  SER A CB  1 
ATOM   248  O OG  . SER A 1 32  ? 7.836   14.926  -6.961  1.00 23.63 ? 32  SER A OG  1 
ATOM   249  N N   . TRP A 1 33  ? 4.313   12.079  -6.751  1.00 17.50 ? 33  TRP A N   1 
ATOM   250  C CA  . TRP A 1 33  ? 3.304   11.292  -6.055  1.00 16.98 ? 33  TRP A CA  1 
ATOM   251  C C   . TRP A 1 33  ? 4.100   10.453  -5.063  1.00 15.78 ? 33  TRP A C   1 
ATOM   252  O O   . TRP A 1 33  ? 4.257   9.243   -5.226  1.00 17.03 ? 33  TRP A O   1 
ATOM   253  C CB  . TRP A 1 33  ? 2.539   10.406  -7.042  1.00 17.17 ? 33  TRP A CB  1 
ATOM   254  C CG  . TRP A 1 33  ? 1.678   11.199  -7.979  1.00 19.26 ? 33  TRP A CG  1 
ATOM   255  C CD1 . TRP A 1 33  ? 2.094   11.929  -9.058  1.00 21.60 ? 33  TRP A CD1 1 
ATOM   256  C CD2 . TRP A 1 33  ? 0.262   11.410  -7.874  1.00 21.08 ? 33  TRP A CD2 1 
ATOM   257  N NE1 . TRP A 1 33  ? 1.025   12.586  -9.626  1.00 22.24 ? 33  TRP A NE1 1 
ATOM   258  C CE2 . TRP A 1 33  ? -0.110  12.285  -8.920  1.00 21.70 ? 33  TRP A CE2 1 
ATOM   259  C CE3 . TRP A 1 33  ? -0.727  10.947  -6.993  1.00 20.80 ? 33  TRP A CE3 1 
ATOM   260  C CZ2 . TRP A 1 33  ? -1.433  12.708  -9.111  1.00 23.10 ? 33  TRP A CZ2 1 
ATOM   261  C CZ3 . TRP A 1 33  ? -2.044  11.367  -7.183  1.00 22.57 ? 33  TRP A CZ3 1 
ATOM   262  C CH2 . TRP A 1 33  ? -2.382  12.241  -8.236  1.00 22.61 ? 33  TRP A CH2 1 
ATOM   263  N N   . PHE A 1 34  ? 4.612   11.126  -4.034  1.00 15.77 ? 34  PHE A N   1 
ATOM   264  C CA  . PHE A 1 34  ? 5.441   10.497  -3.009  1.00 14.60 ? 34  PHE A CA  1 
ATOM   265  C C   . PHE A 1 34  ? 4.847   9.262   -2.340  1.00 16.03 ? 34  PHE A C   1 
ATOM   266  O O   . PHE A 1 34  ? 3.639   9.161   -2.148  1.00 14.43 ? 34  PHE A O   1 
ATOM   267  C CB  . PHE A 1 34  ? 5.793   11.515  -1.921  1.00 15.66 ? 34  PHE A CB  1 
ATOM   268  C CG  . PHE A 1 34  ? 6.622   12.670  -2.409  1.00 15.35 ? 34  PHE A CG  1 
ATOM   269  C CD1 . PHE A 1 34  ? 6.130   13.968  -2.339  1.00 15.92 ? 34  PHE A CD1 1 
ATOM   270  C CD2 . PHE A 1 34  ? 7.902   12.464  -2.907  1.00 16.37 ? 34  PHE A CD2 1 
ATOM   271  C CE1 . PHE A 1 34  ? 6.908   15.052  -2.756  1.00 16.12 ? 34  PHE A CE1 1 
ATOM   272  C CE2 . PHE A 1 34  ? 8.687   13.539  -3.325  1.00 17.71 ? 34  PHE A CE2 1 
ATOM   273  C CZ  . PHE A 1 34  ? 8.187   14.835  -3.248  1.00 16.93 ? 34  PHE A CZ  1 
ATOM   274  N N   . PRO A 1 35  ? 5.711   8.305   -1.961  1.00 15.17 ? 35  PRO A N   1 
ATOM   275  C CA  . PRO A 1 35  ? 5.237   7.085   -1.307  1.00 14.43 ? 35  PRO A CA  1 
ATOM   276  C C   . PRO A 1 35  ? 4.444   7.401   -0.043  1.00 14.50 ? 35  PRO A C   1 
ATOM   277  O O   . PRO A 1 35  ? 3.437   6.748   0.248   1.00 15.37 ? 35  PRO A O   1 
ATOM   278  C CB  . PRO A 1 35  ? 6.532   6.333   -1.007  1.00 15.47 ? 35  PRO A CB  1 
ATOM   279  C CG  . PRO A 1 35  ? 7.430   6.751   -2.147  1.00 15.35 ? 35  PRO A CG  1 
ATOM   280  C CD  . PRO A 1 35  ? 7.164   8.242   -2.198  1.00 16.06 ? 35  PRO A CD  1 
ATOM   281  N N   . TYR A 1 36  ? 4.880   8.418   0.697   1.00 14.26 ? 36  TYR A N   1 
ATOM   282  C CA  . TYR A 1 36  ? 4.197   8.778   1.936   1.00 15.09 ? 36  TYR A CA  1 
ATOM   283  C C   . TYR A 1 36  ? 2.857   9.492   1.770   1.00 13.40 ? 36  TYR A C   1 
ATOM   284  O O   . TYR A 1 36  ? 2.243   9.913   2.750   1.00 14.51 ? 36  TYR A O   1 
ATOM   285  C CB  . TYR A 1 36  ? 5.131   9.578   2.847   1.00 14.53 ? 36  TYR A CB  1 
ATOM   286  C CG  . TYR A 1 36  ? 5.789   10.769  2.205   1.00 16.52 ? 36  TYR A CG  1 
ATOM   287  C CD1 . TYR A 1 36  ? 5.093   11.964  2.027   1.00 15.37 ? 36  TYR A CD1 1 
ATOM   288  C CD2 . TYR A 1 36  ? 7.120   10.710  1.802   1.00 16.70 ? 36  TYR A CD2 1 
ATOM   289  C CE1 . TYR A 1 36  ? 5.714   13.075  1.469   1.00 18.43 ? 36  TYR A CE1 1 
ATOM   290  C CE2 . TYR A 1 36  ? 7.748   11.812  1.242   1.00 16.75 ? 36  TYR A CE2 1 
ATOM   291  C CZ  . TYR A 1 36  ? 7.042   12.991  1.082   1.00 18.26 ? 36  TYR A CZ  1 
ATOM   292  O OH  . TYR A 1 36  ? 7.677   14.091  0.561   1.00 23.13 ? 36  TYR A OH  1 
ATOM   293  N N   . TYR A 1 37  ? 2.401   9.621   0.529   1.00 14.42 ? 37  TYR A N   1 
ATOM   294  C CA  . TYR A 1 37  ? 1.095   10.217  0.268   1.00 14.28 ? 37  TYR A CA  1 
ATOM   295  C C   . TYR A 1 37  ? 0.074   9.082   0.261   1.00 14.47 ? 37  TYR A C   1 
ATOM   296  O O   . TYR A 1 37  ? -1.126  9.319   0.180   1.00 14.94 ? 37  TYR A O   1 
ATOM   297  C CB  . TYR A 1 37  ? 1.045   10.902  -1.102  1.00 13.96 ? 37  TYR A CB  1 
ATOM   298  C CG  . TYR A 1 37  ? 1.710   12.259  -1.181  1.00 16.94 ? 37  TYR A CG  1 
ATOM   299  C CD1 . TYR A 1 37  ? 1.935   13.023  -0.035  1.00 17.72 ? 37  TYR A CD1 1 
ATOM   300  C CD2 . TYR A 1 37  ? 2.077   12.796  -2.415  1.00 15.91 ? 37  TYR A CD2 1 
ATOM   301  C CE1 . TYR A 1 37  ? 2.515   14.295  -0.119  1.00 18.32 ? 37  TYR A CE1 1 
ATOM   302  C CE2 . TYR A 1 37  ? 2.653   14.064  -2.509  1.00 16.82 ? 37  TYR A CE2 1 
ATOM   303  C CZ  . TYR A 1 37  ? 2.868   14.806  -1.360  1.00 17.63 ? 37  TYR A CZ  1 
ATOM   304  O OH  . TYR A 1 37  ? 3.433   16.059  -1.453  1.00 19.61 ? 37  TYR A OH  1 
ATOM   305  N N   . ALA A 1 38  ? 0.561   7.846   0.337   1.00 14.10 ? 38  ALA A N   1 
ATOM   306  C CA  . ALA A 1 38  ? -0.313  6.674   0.301   1.00 14.07 ? 38  ALA A CA  1 
ATOM   307  C C   . ALA A 1 38  ? -1.031  6.452   1.628   1.00 14.14 ? 38  ALA A C   1 
ATOM   308  O O   . ALA A 1 38  ? -0.885  5.406   2.250   1.00 14.28 ? 38  ALA A O   1 
ATOM   309  C CB  . ALA A 1 38  ? 0.502   5.435   -0.072  1.00 14.51 ? 38  ALA A CB  1 
ATOM   310  N N   . ARG A 1 39  ? -1.819  7.436   2.045   1.00 13.71 ? 39  ARG A N   1 
ATOM   311  C CA  . ARG A 1 39  ? -2.544  7.360   3.308   1.00 13.27 ? 39  ARG A CA  1 
ATOM   312  C C   . ARG A 1 39  ? -4.047  7.448   3.054   1.00 14.39 ? 39  ARG A C   1 
ATOM   313  O O   . ARG A 1 39  ? -4.504  8.301   2.293   1.00 15.31 ? 39  ARG A O   1 
ATOM   314  C CB  . ARG A 1 39  ? -2.085  8.493   4.229   1.00 14.60 ? 39  ARG A CB  1 
ATOM   315  C CG  . ARG A 1 39  ? -0.584  8.469   4.539   1.00 13.49 ? 39  ARG A CG  1 
ATOM   316  C CD  . ARG A 1 39  ? -0.157  9.754   5.235   1.00 16.44 ? 39  ARG A CD  1 
ATOM   317  N NE  . ARG A 1 39  ? 1.284   9.835   5.476   1.00 16.51 ? 39  ARG A NE  1 
ATOM   318  C CZ  . ARG A 1 39  ? 1.909   9.320   6.531   1.00 16.56 ? 39  ARG A CZ  1 
ATOM   319  N NH1 . ARG A 1 39  ? 1.232   8.668   7.468   1.00 15.42 ? 39  ARG A NH1 1 
ATOM   320  N NH2 . ARG A 1 39  ? 3.219   9.482   6.665   1.00 14.91 ? 39  ARG A NH2 1 
ATOM   321  N N   . LEU A 1 40  ? -4.807  6.565   3.697   1.00 12.98 ? 40  LEU A N   1 
ATOM   322  C CA  . LEU A 1 40  ? -6.252  6.516   3.521   1.00 12.25 ? 40  LEU A CA  1 
ATOM   323  C C   . LEU A 1 40  ? -6.896  7.897   3.648   1.00 13.78 ? 40  LEU A C   1 
ATOM   324  O O   . LEU A 1 40  ? -6.568  8.673   4.549   1.00 14.32 ? 40  LEU A O   1 
ATOM   325  C CB  . LEU A 1 40  ? -6.874  5.546   4.532   1.00 13.27 ? 40  LEU A CB  1 
ATOM   326  C CG  . LEU A 1 40  ? -8.248  4.974   4.171   1.00 14.04 ? 40  LEU A CG  1 
ATOM   327  C CD1 . LEU A 1 40  ? -8.113  4.006   3.007   1.00 13.75 ? 40  LEU A CD1 1 
ATOM   328  C CD2 . LEU A 1 40  ? -8.838  4.252   5.374   1.00 13.49 ? 40  LEU A CD2 1 
ATOM   329  N N   . ASP A 1 41  ? -7.812  8.190   2.729   1.00 13.17 ? 41  ASP A N   1 
ATOM   330  C CA  . ASP A 1 41  ? -8.527  9.464   2.692   1.00 13.76 ? 41  ASP A CA  1 
ATOM   331  C C   . ASP A 1 41  ? -7.675  10.723  2.540   1.00 13.73 ? 41  ASP A C   1 
ATOM   332  O O   . ASP A 1 41  ? -8.125  11.819  2.874   1.00 15.92 ? 41  ASP A O   1 
ATOM   333  C CB  . ASP A 1 41  ? -9.441  9.609   3.912   1.00 14.86 ? 41  ASP A CB  1 
ATOM   334  C CG  . ASP A 1 41  ? -10.716 8.790   3.780   1.00 16.43 ? 41  ASP A CG  1 
ATOM   335  O OD1 . ASP A 1 41  ? -10.977 8.273   2.674   1.00 16.35 ? 41  ASP A OD1 1 
ATOM   336  O OD2 . ASP A 1 41  ? -11.458 8.675   4.773   1.00 17.56 ? 41  ASP A OD2 1 
ATOM   337  N N   . ASN A 1 42  ? -6.456  10.573  2.027   1.00 14.55 ? 42  ASN A N   1 
ATOM   338  C CA  . ASN A 1 42  ? -5.595  11.729  1.797   1.00 15.42 ? 42  ASN A CA  1 
ATOM   339  C C   . ASN A 1 42  ? -6.341  12.596  0.775   1.00 17.29 ? 42  ASN A C   1 
ATOM   340  O O   . ASN A 1 42  ? -6.894  12.072  -0.195  1.00 16.13 ? 42  ASN A O   1 
ATOM   341  C CB  . ASN A 1 42  ? -4.242  11.278  1.232   1.00 15.50 ? 42  ASN A CB  1 
ATOM   342  C CG  . ASN A 1 42  ? -3.217  12.401  1.191   1.00 16.57 ? 42  ASN A CG  1 
ATOM   343  O OD1 . ASN A 1 42  ? -3.486  13.517  1.632   1.00 17.68 ? 42  ASN A OD1 1 
ATOM   344  N ND2 . ASN A 1 42  ? -2.036  12.107  0.665   1.00 15.53 ? 42  ASN A ND2 1 
ATOM   345  N N   . GLN A 1 43  ? -6.362  13.909  0.997   1.00 17.39 ? 43  GLN A N   1 
ATOM   346  C CA  . GLN A 1 43  ? -7.075  14.837  0.114   1.00 18.94 ? 43  GLN A CA  1 
ATOM   347  C C   . GLN A 1 43  ? -6.157  15.706  -0.743  1.00 19.84 ? 43  GLN A C   1 
ATOM   348  O O   . GLN A 1 43  ? -5.015  15.970  -0.375  1.00 21.45 ? 43  GLN A O   1 
ATOM   349  C CB  . GLN A 1 43  ? -7.956  15.769  0.950   1.00 18.69 ? 43  GLN A CB  1 
ATOM   350  C CG  . GLN A 1 43  ? -8.903  15.080  1.915   1.00 18.03 ? 43  GLN A CG  1 
ATOM   351  C CD  . GLN A 1 43  ? -10.073 14.423  1.216   1.00 20.38 ? 43  GLN A CD  1 
ATOM   352  O OE1 . GLN A 1 43  ? -10.748 15.047  0.401   1.00 21.94 ? 43  GLN A OE1 1 
ATOM   353  N NE2 . GLN A 1 43  ? -10.331 13.163  1.543   1.00 18.55 ? 43  GLN A NE2 1 
ATOM   354  N N   . GLY A 1 44  ? -6.666  16.156  -1.885  1.00 21.25 ? 44  GLY A N   1 
ATOM   355  C CA  . GLY A 1 44  ? -5.873  17.026  -2.738  1.00 22.35 ? 44  GLY A CA  1 
ATOM   356  C C   . GLY A 1 44  ? -5.393  16.489  -4.072  1.00 23.86 ? 44  GLY A C   1 
ATOM   357  O O   . GLY A 1 44  ? -5.590  15.324  -4.409  1.00 23.29 ? 44  GLY A O   1 
ATOM   358  N N   . LYS A 1 45  ? -4.749  17.371  -4.831  1.00 24.33 ? 45  LYS A N   1 
ATOM   359  C CA  . LYS A 1 45  ? -4.212  17.052  -6.151  1.00 26.01 ? 45  LYS A CA  1 
ATOM   360  C C   . LYS A 1 45  ? -3.258  15.860  -6.124  1.00 25.73 ? 45  LYS A C   1 
ATOM   361  O O   . LYS A 1 45  ? -3.418  14.906  -6.886  1.00 26.46 ? 45  LYS A O   1 
ATOM   362  C CB  . LYS A 1 45  ? -3.488  18.279  -6.709  1.00 28.61 ? 45  LYS A CB  1 
ATOM   363  C CG  . LYS A 1 45  ? -2.469  18.851  -5.743  1.00 32.84 ? 45  LYS A CG  1 
ATOM   364  C CD  . LYS A 1 45  ? -1.862  20.147  -6.243  1.00 36.36 ? 45  LYS A CD  1 
ATOM   365  C CE  . LYS A 1 45  ? -0.847  20.680  -5.241  1.00 36.78 ? 45  LYS A CE  1 
ATOM   366  N NZ  . LYS A 1 45  ? -1.439  20.809  -3.880  1.00 38.31 ? 45  LYS A NZ  1 
ATOM   367  N N   . PHE A 1 46  ? -2.261  15.921  -5.249  1.00 23.81 ? 46  PHE A N   1 
ATOM   368  C CA  . PHE A 1 46  ? -1.290  14.840  -5.118  1.00 22.60 ? 46  PHE A CA  1 
ATOM   369  C C   . PHE A 1 46  ? -1.596  14.173  -3.789  1.00 21.96 ? 46  PHE A C   1 
ATOM   370  O O   . PHE A 1 46  ? -0.985  14.473  -2.764  1.00 23.11 ? 46  PHE A O   1 
ATOM   371  C CB  . PHE A 1 46  ? 0.123   15.421  -5.145  1.00 23.46 ? 46  PHE A CB  1 
ATOM   372  C CG  . PHE A 1 46  ? 0.421   16.186  -6.403  1.00 25.12 ? 46  PHE A CG  1 
ATOM   373  C CD1 . PHE A 1 46  ? 0.592   15.518  -7.612  1.00 25.75 ? 46  PHE A CD1 1 
ATOM   374  C CD2 . PHE A 1 46  ? 0.473   17.575  -6.392  1.00 24.36 ? 46  PHE A CD2 1 
ATOM   375  C CE1 . PHE A 1 46  ? 0.806   16.219  -8.794  1.00 25.79 ? 46  PHE A CE1 1 
ATOM   376  C CE2 . PHE A 1 46  ? 0.687   18.287  -7.571  1.00 23.34 ? 46  PHE A CE2 1 
ATOM   377  C CZ  . PHE A 1 46  ? 0.853   17.607  -8.773  1.00 24.69 ? 46  PHE A CZ  1 
ATOM   378  N N   . ASN A 1 47  ? -2.558  13.258  -3.827  1.00 19.44 ? 47  ASN A N   1 
ATOM   379  C CA  . ASN A 1 47  ? -3.025  12.585  -2.626  1.00 17.76 ? 47  ASN A CA  1 
ATOM   380  C C   . ASN A 1 47  ? -2.836  11.077  -2.582  1.00 15.94 ? 47  ASN A C   1 
ATOM   381  O O   . ASN A 1 47  ? -3.616  10.382  -1.933  1.00 15.17 ? 47  ASN A O   1 
ATOM   382  C CB  . ASN A 1 47  ? -4.505  12.909  -2.432  1.00 17.23 ? 47  ASN A CB  1 
ATOM   383  C CG  . ASN A 1 47  ? -5.384  12.308  -3.522  1.00 18.75 ? 47  ASN A CG  1 
ATOM   384  O OD1 . ASN A 1 47  ? -4.954  12.136  -4.667  1.00 17.92 ? 47  ASN A OD1 1 
ATOM   385  N ND2 . ASN A 1 47  ? -6.628  12.001  -3.173  1.00 17.04 ? 47  ASN A ND2 1 
ATOM   386  N N   . ALA A 1 48  ? -1.804  10.573  -3.246  1.00 15.16 ? 48  ALA A N   1 
ATOM   387  C CA  . ALA A 1 48  ? -1.550  9.138   -3.253  1.00 14.77 ? 48  ALA A CA  1 
ATOM   388  C C   . ALA A 1 48  ? -0.172  8.823   -3.800  1.00 15.26 ? 48  ALA A C   1 
ATOM   389  O O   . ALA A 1 48  ? 0.504   9.692   -4.353  1.00 15.60 ? 48  ALA A O   1 
ATOM   390  C CB  . ALA A 1 48  ? -2.609  8.429   -4.104  1.00 13.43 ? 48  ALA A CB  1 
ATOM   391  N N   . TRP A 1 49  ? 0.249   7.574   -3.621  1.00 14.66 ? 49  TRP A N   1 
ATOM   392  C CA  . TRP A 1 49  ? 1.516   7.128   -4.164  1.00 14.27 ? 49  TRP A CA  1 
ATOM   393  C C   . TRP A 1 49  ? 1.195   6.519   -5.515  1.00 14.00 ? 49  TRP A C   1 
ATOM   394  O O   . TRP A 1 49  ? 0.199   5.813   -5.659  1.00 14.45 ? 49  TRP A O   1 
ATOM   395  C CB  . TRP A 1 49  ? 2.160   6.036   -3.309  1.00 14.91 ? 49  TRP A CB  1 
ATOM   396  C CG  . TRP A 1 49  ? 3.264   5.309   -4.053  1.00 14.78 ? 49  TRP A CG  1 
ATOM   397  C CD1 . TRP A 1 49  ? 4.462   5.835   -4.462  1.00 15.40 ? 49  TRP A CD1 1 
ATOM   398  C CD2 . TRP A 1 49  ? 3.255   3.944   -4.500  1.00 15.42 ? 49  TRP A CD2 1 
ATOM   399  N NE1 . TRP A 1 49  ? 5.195   4.885   -5.134  1.00 14.16 ? 49  TRP A NE1 1 
ATOM   400  C CE2 . TRP A 1 49  ? 4.479   3.715   -5.173  1.00 15.02 ? 49  TRP A CE2 1 
ATOM   401  C CE3 . TRP A 1 49  ? 2.333   2.892   -4.400  1.00 14.77 ? 49  TRP A CE3 1 
ATOM   402  C CZ2 . TRP A 1 49  ? 4.806   2.477   -5.741  1.00 14.92 ? 49  TRP A CZ2 1 
ATOM   403  C CZ3 . TRP A 1 49  ? 2.659   1.657   -4.966  1.00 15.01 ? 49  TRP A CZ3 1 
ATOM   404  C CH2 . TRP A 1 49  ? 3.886   1.463   -5.627  1.00 15.34 ? 49  TRP A CH2 1 
ATOM   405  N N   . THR A 1 50  ? 2.025   6.819   -6.503  1.00 13.78 ? 50  THR A N   1 
ATOM   406  C CA  . THR A 1 50  ? 1.877   6.253   -7.834  1.00 15.01 ? 50  THR A CA  1 
ATOM   407  C C   . THR A 1 50  ? 3.270   5.795   -8.231  1.00 15.87 ? 50  THR A C   1 
ATOM   408  O O   . THR A 1 50  ? 4.231   6.557   -8.129  1.00 16.30 ? 50  THR A O   1 
ATOM   409  C CB  . THR A 1 50  ? 1.370   7.283   -8.859  1.00 15.79 ? 50  THR A CB  1 
ATOM   410  O OG1 . THR A 1 50  ? 0.039   7.671   -8.525  1.00 16.53 ? 50  THR A OG1 1 
ATOM   411  C CG2 . THR A 1 50  ? 1.362   6.678   -10.262 1.00 17.19 ? 50  THR A CG2 1 
ATOM   412  N N   . ALA A 1 51  ? 3.377   4.540   -8.656  1.00 16.66 ? 51  ALA A N   1 
ATOM   413  C CA  . ALA A 1 51  ? 4.651   3.971   -9.072  1.00 17.26 ? 51  ALA A CA  1 
ATOM   414  C C   . ALA A 1 51  ? 5.128   4.678   -10.340 1.00 17.54 ? 51  ALA A C   1 
ATOM   415  O O   . ALA A 1 51  ? 4.315   5.135   -11.137 1.00 18.74 ? 51  ALA A O   1 
ATOM   416  C CB  . ALA A 1 51  ? 4.486   2.481   -9.332  1.00 16.29 ? 51  ALA A CB  1 
ATOM   417  N N   . GLN A 1 52  ? 6.441   4.770   -10.524 1.00 19.45 ? 52  GLN A N   1 
ATOM   418  C CA  . GLN A 1 52  ? 6.985   5.427   -11.705 1.00 21.02 ? 52  GLN A CA  1 
ATOM   419  C C   . GLN A 1 52  ? 6.559   4.683   -12.966 1.00 21.56 ? 52  GLN A C   1 
ATOM   420  O O   . GLN A 1 52  ? 6.187   5.298   -13.963 1.00 21.42 ? 52  GLN A O   1 
ATOM   421  C CB  . GLN A 1 52  ? 8.514   5.491   -11.628 1.00 23.67 ? 52  GLN A CB  1 
ATOM   422  C CG  . GLN A 1 52  ? 9.177   6.045   -12.892 1.00 28.63 ? 52  GLN A CG  1 
ATOM   423  C CD  . GLN A 1 52  ? 8.778   7.479   -13.200 1.00 31.38 ? 52  GLN A CD  1 
ATOM   424  O OE1 . GLN A 1 52  ? 8.992   7.971   -14.311 1.00 34.73 ? 52  GLN A OE1 1 
ATOM   425  N NE2 . GLN A 1 52  ? 8.207   8.162   -12.214 1.00 34.01 ? 52  GLN A NE2 1 
ATOM   426  N N   . THR A 1 53  ? 6.606   3.355   -12.911 1.00 21.84 ? 53  THR A N   1 
ATOM   427  C CA  . THR A 1 53  ? 6.222   2.529   -14.050 1.00 23.39 ? 53  THR A CA  1 
ATOM   428  C C   . THR A 1 53  ? 5.128   1.543   -13.662 1.00 23.15 ? 53  THR A C   1 
ATOM   429  O O   . THR A 1 53  ? 4.935   1.252   -12.479 1.00 23.90 ? 53  THR A O   1 
ATOM   430  C CB  . THR A 1 53  ? 7.415   1.713   -14.575 1.00 24.55 ? 53  THR A CB  1 
ATOM   431  O OG1 . THR A 1 53  ? 7.711   0.655   -13.652 1.00 26.21 ? 53  THR A OG1 1 
ATOM   432  C CG2 . THR A 1 53  ? 8.641   2.601   -14.726 1.00 26.94 ? 53  THR A CG2 1 
ATOM   433  N N   . ASN A 1 54  ? 4.406   1.040   -14.658 1.00 22.60 ? 54  ASN A N   1 
ATOM   434  C CA  . ASN A 1 54  ? 3.358   0.060   -14.411 1.00 23.22 ? 54  ASN A CA  1 
ATOM   435  C C   . ASN A 1 54  ? 3.980   -1.320  -14.526 1.00 24.70 ? 54  ASN A C   1 
ATOM   436  O O   . ASN A 1 54  ? 3.902   -1.966  -15.571 1.00 25.87 ? 54  ASN A O   1 
ATOM   437  C CB  . ASN A 1 54  ? 2.219   0.193   -15.424 1.00 24.31 ? 54  ASN A CB  1 
ATOM   438  C CG  . ASN A 1 54  ? 1.329   1.390   -15.151 1.00 22.90 ? 54  ASN A CG  1 
ATOM   439  O OD1 . ASN A 1 54  ? 1.237   1.867   -14.019 1.00 22.09 ? 54  ASN A OD1 1 
ATOM   440  N ND2 . ASN A 1 54  ? 0.650   1.867   -16.185 1.00 25.88 ? 54  ASN A ND2 1 
ATOM   441  N N   . SER A 1 55  ? 4.607   -1.765  -13.445 1.00 25.65 ? 55  SER A N   1 
ATOM   442  C CA  . SER A 1 55  ? 5.256   -3.065  -13.421 1.00 27.12 ? 55  SER A CA  1 
ATOM   443  C C   . SER A 1 55  ? 4.893   -3.818  -12.152 1.00 26.95 ? 55  SER A C   1 
ATOM   444  O O   . SER A 1 55  ? 4.669   -3.209  -11.109 1.00 28.62 ? 55  SER A O   1 
ATOM   445  C CB  . SER A 1 55  ? 6.773   -2.891  -13.497 1.00 26.76 ? 55  SER A CB  1 
ATOM   446  O OG  . SER A 1 55  ? 7.433   -4.132  -13.344 1.00 29.24 ? 55  SER A OG  1 
ATOM   447  N N   . ALA A 1 56  ? 4.839   -5.143  -12.245 1.00 27.77 ? 56  ALA A N   1 
ATOM   448  C CA  . ALA A 1 56  ? 4.510   -5.975  -11.096 1.00 27.48 ? 56  ALA A CA  1 
ATOM   449  C C   . ALA A 1 56  ? 5.717   -6.098  -10.172 1.00 27.14 ? 56  ALA A C   1 
ATOM   450  O O   . ALA A 1 56  ? 5.687   -6.839  -9.192  1.00 28.64 ? 56  ALA A O   1 
ATOM   451  C CB  . ALA A 1 56  ? 4.059   -7.350  -11.559 1.00 30.02 ? 56  ALA A CB  1 
ATOM   452  N N   . SER A 1 57  ? 6.782   -5.369  -10.492 1.00 25.30 ? 57  SER A N   1 
ATOM   453  C CA  . SER A 1 57  ? 7.989   -5.391  -9.678  1.00 24.80 ? 57  SER A CA  1 
ATOM   454  C C   . SER A 1 57  ? 8.005   -4.180  -8.752  1.00 23.12 ? 57  SER A C   1 
ATOM   455  O O   . SER A 1 57  ? 8.974   -3.947  -8.030  1.00 22.69 ? 57  SER A O   1 
ATOM   456  C CB  . SER A 1 57  ? 9.239   -5.383  -10.562 1.00 27.58 ? 57  SER A CB  1 
ATOM   457  O OG  . SER A 1 57  ? 9.333   -4.185  -11.313 1.00 32.64 ? 57  SER A OG  1 
ATOM   458  N N   . GLU A 1 58  ? 6.922   -3.410  -8.777  1.00 20.59 ? 58  GLU A N   1 
ATOM   459  C CA  . GLU A 1 58  ? 6.814   -2.227  -7.929  1.00 19.78 ? 58  GLU A CA  1 
ATOM   460  C C   . GLU A 1 58  ? 6.301   -2.636  -6.552  1.00 18.31 ? 58  GLU A C   1 
ATOM   461  O O   . GLU A 1 58  ? 5.709   -3.699  -6.390  1.00 18.31 ? 58  GLU A O   1 
ATOM   462  C CB  . GLU A 1 58  ? 5.848   -1.209  -8.551  1.00 20.07 ? 58  GLU A CB  1 
ATOM   463  C CG  . GLU A 1 58  ? 6.270   -0.659  -9.907  1.00 23.39 ? 58  GLU A CG  1 
ATOM   464  C CD  . GLU A 1 58  ? 7.560   0.136   -9.850  1.00 26.38 ? 58  GLU A CD  1 
ATOM   465  O OE1 . GLU A 1 58  ? 7.720   0.955   -8.921  1.00 25.13 ? 58  GLU A OE1 1 
ATOM   466  O OE2 . GLU A 1 58  ? 8.412   -0.047  -10.745 1.00 31.24 ? 58  GLU A OE2 1 
ATOM   467  N N   . TRP A 1 59  ? 6.536   -1.791  -5.555  1.00 16.90 ? 59  TRP A N   1 
ATOM   468  C CA  . TRP A 1 59  ? 6.075   -2.074  -4.202  1.00 16.65 ? 59  TRP A CA  1 
ATOM   469  C C   . TRP A 1 59  ? 6.054   -0.835  -3.324  1.00 14.78 ? 59  TRP A C   1 
ATOM   470  O O   . TRP A 1 59  ? 6.827   0.103   -3.532  1.00 13.51 ? 59  TRP A O   1 
ATOM   471  C CB  . TRP A 1 59  ? 6.943   -3.156  -3.529  1.00 17.57 ? 59  TRP A CB  1 
ATOM   472  C CG  . TRP A 1 59  ? 8.436   -2.923  -3.585  1.00 18.40 ? 59  TRP A CG  1 
ATOM   473  C CD1 . TRP A 1 59  ? 9.322   -3.507  -4.446  1.00 16.68 ? 59  TRP A CD1 1 
ATOM   474  C CD2 . TRP A 1 59  ? 9.209   -2.032  -2.763  1.00 16.91 ? 59  TRP A CD2 1 
ATOM   475  N NE1 . TRP A 1 59  ? 10.592  -3.035  -4.216  1.00 17.64 ? 59  TRP A NE1 1 
ATOM   476  C CE2 . TRP A 1 59  ? 10.552  -2.128  -3.192  1.00 16.88 ? 59  TRP A CE2 1 
ATOM   477  C CE3 . TRP A 1 59  ? 8.896   -1.160  -1.711  1.00 13.76 ? 59  TRP A CE3 1 
ATOM   478  C CZ2 . TRP A 1 59  ? 11.584  -1.381  -2.604  1.00 17.76 ? 59  TRP A CZ2 1 
ATOM   479  C CZ3 . TRP A 1 59  ? 9.921   -0.418  -1.128  1.00 17.17 ? 59  TRP A CZ3 1 
ATOM   480  C CH2 . TRP A 1 59  ? 11.250  -0.534  -1.578  1.00 17.02 ? 59  TRP A CH2 1 
ATOM   481  N N   . LEU A 1 60  ? 5.139   -0.839  -2.357  1.00 13.21 ? 60  LEU A N   1 
ATOM   482  C CA  . LEU A 1 60  ? 4.999   0.243   -1.390  1.00 11.89 ? 60  LEU A CA  1 
ATOM   483  C C   . LEU A 1 60  ? 5.351   -0.398  -0.056  1.00 13.70 ? 60  LEU A C   1 
ATOM   484  O O   . LEU A 1 60  ? 4.794   -1.439  0.298   1.00 13.74 ? 60  LEU A O   1 
ATOM   485  C CB  . LEU A 1 60  ? 3.554   0.754   -1.344  1.00 12.88 ? 60  LEU A CB  1 
ATOM   486  C CG  . LEU A 1 60  ? 3.241   1.820   -0.283  1.00 11.13 ? 60  LEU A CG  1 
ATOM   487  C CD1 . LEU A 1 60  ? 4.001   3.116   -0.579  1.00 13.14 ? 60  LEU A CD1 1 
ATOM   488  C CD2 . LEU A 1 60  ? 1.741   2.078   -0.274  1.00 14.85 ? 60  LEU A CD2 1 
ATOM   489  N N   . GLN A 1 61  ? 6.270   0.219   0.680   1.00 12.91 ? 61  GLN A N   1 
ATOM   490  C CA  . GLN A 1 61  ? 6.697   -0.329  1.961   1.00 14.08 ? 61  GLN A CA  1 
ATOM   491  C C   . GLN A 1 61  ? 6.327   0.553   3.136   1.00 13.92 ? 61  GLN A C   1 
ATOM   492  O O   . GLN A 1 61  ? 6.584   1.756   3.134   1.00 14.04 ? 61  GLN A O   1 
ATOM   493  C CB  . GLN A 1 61  ? 8.207   -0.551  1.953   1.00 15.58 ? 61  GLN A CB  1 
ATOM   494  C CG  . GLN A 1 61  ? 8.768   -1.089  3.257   1.00 15.24 ? 61  GLN A CG  1 
ATOM   495  C CD  . GLN A 1 61  ? 10.256  -1.363  3.165   1.00 16.57 ? 61  GLN A CD  1 
ATOM   496  O OE1 . GLN A 1 61  ? 10.699  -2.164  2.343   1.00 17.53 ? 61  GLN A OE1 1 
ATOM   497  N NE2 . GLN A 1 61  ? 11.037  -0.694  4.007   1.00 18.62 ? 61  GLN A NE2 1 
ATOM   498  N N   . ILE A 1 62  ? 5.727   -0.062  4.148   1.00 14.24 ? 62  ILE A N   1 
ATOM   499  C CA  . ILE A 1 62  ? 5.319   0.665   5.336   1.00 13.47 ? 62  ILE A CA  1 
ATOM   500  C C   . ILE A 1 62  ? 6.049   0.157   6.567   1.00 12.92 ? 62  ILE A C   1 
ATOM   501  O O   . ILE A 1 62  ? 5.956   -1.020  6.914   1.00 13.35 ? 62  ILE A O   1 
ATOM   502  C CB  . ILE A 1 62  ? 3.801   0.525   5.579   1.00 14.57 ? 62  ILE A CB  1 
ATOM   503  C CG1 . ILE A 1 62  ? 3.038   1.048   4.361   1.00 16.94 ? 62  ILE A CG1 1 
ATOM   504  C CG2 . ILE A 1 62  ? 3.401   1.305   6.838   1.00 13.08 ? 62  ILE A CG2 1 
ATOM   505  C CD1 . ILE A 1 62  ? 1.621   0.545   4.264   1.00 21.33 ? 62  ILE A CD1 1 
ATOM   506  N N   . ASP A 1 63  ? 6.779   1.052   7.220   1.00 12.48 ? 63  ASP A N   1 
ATOM   507  C CA  . ASP A 1 63  ? 7.494   0.717   8.442   1.00 11.79 ? 63  ASP A CA  1 
ATOM   508  C C   . ASP A 1 63  ? 6.580   1.193   9.571   1.00 13.58 ? 63  ASP A C   1 
ATOM   509  O O   . ASP A 1 63  ? 6.373   2.391   9.749   1.00 13.62 ? 63  ASP A O   1 
ATOM   510  C CB  . ASP A 1 63  ? 8.841   1.451   8.483   1.00 13.30 ? 63  ASP A CB  1 
ATOM   511  C CG  . ASP A 1 63  ? 9.587   1.244   9.791   1.00 13.36 ? 63  ASP A CG  1 
ATOM   512  O OD1 . ASP A 1 63  ? 9.089   0.504   10.666  1.00 15.99 ? 63  ASP A OD1 1 
ATOM   513  O OD2 . ASP A 1 63  ? 10.683  1.829   9.945   1.00 14.55 ? 63  ASP A OD2 1 
ATOM   514  N N   . LEU A 1 64  ? 6.005   0.251   10.310  1.00 13.37 ? 64  LEU A N   1 
ATOM   515  C CA  . LEU A 1 64  ? 5.099   0.593   11.403  1.00 13.74 ? 64  LEU A CA  1 
ATOM   516  C C   . LEU A 1 64  ? 5.815   1.239   12.585  1.00 14.90 ? 64  LEU A C   1 
ATOM   517  O O   . LEU A 1 64  ? 5.172   1.816   13.463  1.00 16.21 ? 64  LEU A O   1 
ATOM   518  C CB  . LEU A 1 64  ? 4.349   -0.655  11.869  1.00 14.02 ? 64  LEU A CB  1 
ATOM   519  C CG  . LEU A 1 64  ? 3.463   -1.307  10.803  1.00 14.86 ? 64  LEU A CG  1 
ATOM   520  C CD1 . LEU A 1 64  ? 2.958   -2.653  11.302  1.00 15.14 ? 64  LEU A CD1 1 
ATOM   521  C CD2 . LEU A 1 64  ? 2.297   -0.382  10.479  1.00 16.62 ? 64  LEU A CD2 1 
ATOM   522  N N   . GLY A 1 65  ? 7.140   1.129   12.610  1.00 14.20 ? 65  GLY A N   1 
ATOM   523  C CA  . GLY A 1 65  ? 7.914   1.728   13.688  1.00 14.44 ? 65  GLY A CA  1 
ATOM   524  C C   . GLY A 1 65  ? 8.236   0.788   14.837  1.00 14.13 ? 65  GLY A C   1 
ATOM   525  O O   . GLY A 1 65  ? 9.174   1.031   15.599  1.00 16.26 ? 65  GLY A O   1 
ATOM   526  N N   . SER A 1 66  ? 7.445   -0.270  14.970  1.00 14.77 ? 66  SER A N   1 
ATOM   527  C CA  . SER A 1 66  ? 7.626   -1.276  16.015  1.00 14.74 ? 66  SER A CA  1 
ATOM   528  C C   . SER A 1 66  ? 6.845   -2.514  15.589  1.00 14.70 ? 66  SER A C   1 
ATOM   529  O O   . SER A 1 66  ? 6.081   -2.459  14.621  1.00 13.54 ? 66  SER A O   1 
ATOM   530  C CB  . SER A 1 66  ? 7.093   -0.762  17.357  1.00 15.36 ? 66  SER A CB  1 
ATOM   531  O OG  . SER A 1 66  ? 5.701   -0.505  17.284  1.00 18.33 ? 66  SER A OG  1 
ATOM   532  N N   . GLN A 1 67  ? 7.035   -3.631  16.286  1.00 14.31 ? 67  GLN A N   1 
ATOM   533  C CA  . GLN A 1 67  ? 6.302   -4.840  15.929  1.00 15.04 ? 67  GLN A CA  1 
ATOM   534  C C   . GLN A 1 67  ? 4.824   -4.708  16.278  1.00 13.12 ? 67  GLN A C   1 
ATOM   535  O O   . GLN A 1 67  ? 4.464   -4.277  17.376  1.00 14.30 ? 67  GLN A O   1 
ATOM   536  C CB  . GLN A 1 67  ? 6.874   -6.074  16.635  1.00 19.57 ? 67  GLN A CB  1 
ATOM   537  C CG  . GLN A 1 67  ? 8.040   -6.723  15.919  1.00 24.01 ? 67  GLN A CG  1 
ATOM   538  C CD  . GLN A 1 67  ? 8.159   -8.203  16.244  1.00 26.88 ? 67  GLN A CD  1 
ATOM   539  O OE1 . GLN A 1 67  ? 8.204   -8.590  17.410  1.00 26.44 ? 67  GLN A OE1 1 
ATOM   540  N NE2 . GLN A 1 67  ? 8.206   -9.037  15.208  1.00 27.68 ? 67  GLN A NE2 1 
ATOM   541  N N   . LYS A 1 68  ? 3.975   -5.090  15.333  1.00 12.29 ? 68  LYS A N   1 
ATOM   542  C CA  . LYS A 1 68  ? 2.533   -5.023  15.524  1.00 13.65 ? 68  LYS A CA  1 
ATOM   543  C C   . LYS A 1 68  ? 1.894   -6.304  15.013  1.00 14.24 ? 68  LYS A C   1 
ATOM   544  O O   . LYS A 1 68  ? 2.514   -7.062  14.267  1.00 14.61 ? 68  LYS A O   1 
ATOM   545  C CB  . LYS A 1 68  ? 1.952   -3.849  14.730  1.00 13.97 ? 68  LYS A CB  1 
ATOM   546  C CG  . LYS A 1 68  ? 2.466   -2.484  15.138  1.00 15.99 ? 68  LYS A CG  1 
ATOM   547  C CD  . LYS A 1 68  ? 1.858   -2.050  16.454  1.00 18.33 ? 68  LYS A CD  1 
ATOM   548  C CE  . LYS A 1 68  ? 2.386   -0.696  16.876  1.00 19.95 ? 68  LYS A CE  1 
ATOM   549  N NZ  . LYS A 1 68  ? 1.830   -0.290  18.195  1.00 24.00 ? 68  LYS A NZ  1 
ATOM   550  N N   . ARG A 1 69  ? 0.661   -6.550  15.439  1.00 12.52 ? 69  ARG A N   1 
ATOM   551  C CA  . ARG A 1 69  ? -0.086  -7.692  14.940  1.00 12.44 ? 69  ARG A CA  1 
ATOM   552  C C   . ARG A 1 69  ? -0.908  -7.051  13.826  1.00 13.12 ? 69  ARG A C   1 
ATOM   553  O O   . ARG A 1 69  ? -1.674  -6.124  14.079  1.00 13.84 ? 69  ARG A O   1 
ATOM   554  C CB  . ARG A 1 69  ? -1.017  -8.270  16.012  1.00 12.72 ? 69  ARG A CB  1 
ATOM   555  C CG  . ARG A 1 69  ? -1.838  -9.474  15.527  1.00 13.39 ? 69  ARG A CG  1 
ATOM   556  C CD  . ARG A 1 69  ? -2.631  -10.093 16.667  1.00 14.86 ? 69  ARG A CD  1 
ATOM   557  N NE  . ARG A 1 69  ? -3.403  -11.275 16.275  1.00 15.77 ? 69  ARG A NE  1 
ATOM   558  C CZ  . ARG A 1 69  ? -2.877  -12.461 15.971  1.00 16.53 ? 69  ARG A CZ  1 
ATOM   559  N NH1 . ARG A 1 69  ? -1.564  -12.649 16.002  1.00 14.99 ? 69  ARG A NH1 1 
ATOM   560  N NH2 . ARG A 1 69  ? -3.671  -13.472 15.653  1.00 18.94 ? 69  ARG A NH2 1 
ATOM   561  N N   . VAL A 1 70  ? -0.732  -7.522  12.597  1.00 12.76 ? 70  VAL A N   1 
ATOM   562  C CA  . VAL A 1 70  ? -1.459  -6.963  11.460  1.00 13.07 ? 70  VAL A CA  1 
ATOM   563  C C   . VAL A 1 70  ? -2.585  -7.913  11.068  1.00 13.09 ? 70  VAL A C   1 
ATOM   564  O O   . VAL A 1 70  ? -2.342  -9.061  10.698  1.00 12.93 ? 70  VAL A O   1 
ATOM   565  C CB  . VAL A 1 70  ? -0.508  -6.735  10.266  1.00 13.52 ? 70  VAL A CB  1 
ATOM   566  C CG1 . VAL A 1 70  ? -1.220  -5.923  9.175   1.00 12.94 ? 70  VAL A CG1 1 
ATOM   567  C CG2 . VAL A 1 70  ? 0.736   -5.996  10.740  1.00 15.07 ? 70  VAL A CG2 1 
ATOM   568  N N   . THR A 1 71  ? -3.816  -7.416  11.141  1.00 12.99 ? 71  THR A N   1 
ATOM   569  C CA  . THR A 1 71  ? -4.995  -8.223  10.855  1.00 14.24 ? 71  THR A CA  1 
ATOM   570  C C   . THR A 1 71  ? -5.777  -7.806  9.618   1.00 13.85 ? 71  THR A C   1 
ATOM   571  O O   . THR A 1 71  ? -6.684  -8.519  9.187   1.00 14.40 ? 71  THR A O   1 
ATOM   572  C CB  . THR A 1 71  ? -5.969  -8.184  12.033  1.00 15.15 ? 71  THR A CB  1 
ATOM   573  O OG1 . THR A 1 71  ? -6.401  -6.832  12.236  1.00 16.49 ? 71  THR A OG1 1 
ATOM   574  C CG2 . THR A 1 71  ? -5.293  -8.697  13.304  1.00 15.07 ? 71  THR A CG2 1 
ATOM   575  N N   . GLY A 1 72  ? -5.445  -6.653  9.055   1.00 12.66 ? 72  GLY A N   1 
ATOM   576  C CA  . GLY A 1 72  ? -6.172  -6.211  7.884   1.00 13.83 ? 72  GLY A CA  1 
ATOM   577  C C   . GLY A 1 72  ? -5.518  -5.062  7.152   1.00 13.85 ? 72  GLY A C   1 
ATOM   578  O O   . GLY A 1 72  ? -4.510  -4.512  7.589   1.00 14.04 ? 72  GLY A O   1 
ATOM   579  N N   . ILE A 1 73  ? -6.118  -4.692  6.029   1.00 12.67 ? 73  ILE A N   1 
ATOM   580  C CA  . ILE A 1 73  ? -5.604  -3.609  5.208   1.00 11.81 ? 73  ILE A CA  1 
ATOM   581  C C   . ILE A 1 73  ? -6.759  -2.989  4.437   1.00 11.50 ? 73  ILE A C   1 
ATOM   582  O O   . ILE A 1 73  ? -7.692  -3.686  4.044   1.00 12.09 ? 73  ILE A O   1 
ATOM   583  C CB  . ILE A 1 73  ? -4.537  -4.140  4.213   1.00 12.47 ? 73  ILE A CB  1 
ATOM   584  C CG1 . ILE A 1 73  ? -4.035  -3.009  3.314   1.00 12.05 ? 73  ILE A CG1 1 
ATOM   585  C CG2 . ILE A 1 73  ? -5.121  -5.276  3.369   1.00 14.56 ? 73  ILE A CG2 1 
ATOM   586  C CD1 . ILE A 1 73  ? -2.906  -3.425  2.383   1.00 15.76 ? 73  ILE A CD1 1 
ATOM   587  N N   . ILE A 1 74  ? -6.713  -1.672  4.256   1.00 10.40 ? 74  ILE A N   1 
ATOM   588  C CA  . ILE A 1 74  ? -7.743  -0.966  3.501   1.00 9.17  ? 74  ILE A CA  1 
ATOM   589  C C   . ILE A 1 74  ? -7.025  -0.136  2.448   1.00 9.46  ? 74  ILE A C   1 
ATOM   590  O O   . ILE A 1 74  ? -6.033  0.524   2.759   1.00 11.42 ? 74  ILE A O   1 
ATOM   591  C CB  . ILE A 1 74  ? -8.563  0.002   4.395   1.00 10.01 ? 74  ILE A CB  1 
ATOM   592  C CG1 . ILE A 1 74  ? -9.138  -0.745  5.602   1.00 11.99 ? 74  ILE A CG1 1 
ATOM   593  C CG2 . ILE A 1 74  ? -9.686  0.638   3.568   1.00 9.73  ? 74  ILE A CG2 1 
ATOM   594  C CD1 . ILE A 1 74  ? -9.862  0.154   6.611   1.00 13.02 ? 74  ILE A CD1 1 
ATOM   595  N N   . THR A 1 75  ? -7.508  -0.163  1.208   1.00 10.50 ? 75  THR A N   1 
ATOM   596  C CA  . THR A 1 75  ? -6.874  0.627   0.156   1.00 9.61  ? 75  THR A CA  1 
ATOM   597  C C   . THR A 1 75  ? -7.870  1.405   -0.692  1.00 11.87 ? 75  THR A C   1 
ATOM   598  O O   . THR A 1 75  ? -9.067  1.105   -0.717  1.00 12.41 ? 75  THR A O   1 
ATOM   599  C CB  . THR A 1 75  ? -6.035  -0.242  -0.823  1.00 11.58 ? 75  THR A CB  1 
ATOM   600  O OG1 . THR A 1 75  ? -6.894  -1.154  -1.520  1.00 12.46 ? 75  THR A OG1 1 
ATOM   601  C CG2 . THR A 1 75  ? -4.964  -1.019  -0.074  1.00 11.86 ? 75  THR A CG2 1 
ATOM   602  N N   . GLN A 1 76  ? -7.343  2.419   -1.370  1.00 12.79 ? 76  GLN A N   1 
ATOM   603  C CA  . GLN A 1 76  ? -8.092  3.268   -2.286  1.00 12.59 ? 76  GLN A CA  1 
ATOM   604  C C   . GLN A 1 76  ? -7.139  3.545   -3.434  1.00 12.67 ? 76  GLN A C   1 
ATOM   605  O O   . GLN A 1 76  ? -5.933  3.317   -3.325  1.00 13.43 ? 76  GLN A O   1 
ATOM   606  C CB  . GLN A 1 76  ? -8.416  4.633   -1.682  1.00 11.93 ? 76  GLN A CB  1 
ATOM   607  C CG  . GLN A 1 76  ? -9.353  4.684   -0.507  1.00 14.04 ? 76  GLN A CG  1 
ATOM   608  C CD  . GLN A 1 76  ? -9.383  6.084   0.074   1.00 12.63 ? 76  GLN A CD  1 
ATOM   609  O OE1 . GLN A 1 76  ? -8.412  6.528   0.689   1.00 14.79 ? 76  GLN A OE1 1 
ATOM   610  N NE2 . GLN A 1 76  ? -10.485 6.798   -0.147  1.00 12.92 ? 76  GLN A NE2 1 
ATOM   611  N N   . GLY A 1 77  ? -7.689  4.047   -4.530  1.00 13.51 ? 77  GLY A N   1 
ATOM   612  C CA  . GLY A 1 77  ? -6.867  4.427   -5.661  1.00 14.17 ? 77  GLY A CA  1 
ATOM   613  C C   . GLY A 1 77  ? -6.861  5.946   -5.606  1.00 16.06 ? 77  GLY A C   1 
ATOM   614  O O   . GLY A 1 77  ? -6.839  6.525   -4.517  1.00 15.37 ? 77  GLY A O   1 
ATOM   615  N N   . ALA A 1 78  ? -6.881  6.595   -6.764  1.00 16.32 ? 78  ALA A N   1 
ATOM   616  C CA  . ALA A 1 78  ? -6.917  8.054   -6.823  1.00 19.20 ? 78  ALA A CA  1 
ATOM   617  C C   . ALA A 1 78  ? -7.188  8.483   -8.254  1.00 20.58 ? 78  ALA A C   1 
ATOM   618  O O   . ALA A 1 78  ? -7.289  7.649   -9.152  1.00 19.67 ? 78  ALA A O   1 
ATOM   619  C CB  . ALA A 1 78  ? -5.599  8.647   -6.333  1.00 19.69 ? 78  ALA A CB  1 
ATOM   620  N N   . ARG A 1 79  ? -7.310  9.787   -8.464  1.00 23.20 ? 79  ARG A N   1 
ATOM   621  C CA  . ARG A 1 79  ? -7.564  10.312  -9.796  1.00 26.38 ? 79  ARG A CA  1 
ATOM   622  C C   . ARG A 1 79  ? -6.516  11.351  -10.172 1.00 27.82 ? 79  ARG A C   1 
ATOM   623  O O   . ARG A 1 79  ? -6.096  12.152  -9.338  1.00 27.83 ? 79  ARG A O   1 
ATOM   624  C CB  . ARG A 1 79  ? -8.959  10.939  -9.857  1.00 28.44 ? 79  ARG A CB  1 
ATOM   625  C CG  . ARG A 1 79  ? -9.292  11.568  -11.202 1.00 33.43 ? 79  ARG A CG  1 
ATOM   626  C CD  . ARG A 1 79  ? -10.679 12.194  -11.193 1.00 35.89 ? 79  ARG A CD  1 
ATOM   627  N NE  . ARG A 1 79  ? -11.728 11.197  -11.010 1.00 39.95 ? 79  ARG A NE  1 
ATOM   628  C CZ  . ARG A 1 79  ? -13.027 11.477  -10.965 1.00 42.57 ? 79  ARG A CZ  1 
ATOM   629  N NH1 . ARG A 1 79  ? -13.441 12.731  -11.088 1.00 43.75 ? 79  ARG A NH1 1 
ATOM   630  N NH2 . ARG A 1 79  ? -13.913 10.503  -10.798 1.00 43.51 ? 79  ARG A NH2 1 
ATOM   631  N N   . ASP A 1 80  ? -6.084  11.322  -11.427 1.00 28.48 ? 80  ASP A N   1 
ATOM   632  C CA  . ASP A 1 80  ? -5.098  12.278  -11.908 1.00 29.93 ? 80  ASP A CA  1 
ATOM   633  C C   . ASP A 1 80  ? -5.527  12.784  -13.279 1.00 31.63 ? 80  ASP A C   1 
ATOM   634  O O   . ASP A 1 80  ? -5.557  12.032  -14.253 1.00 30.99 ? 80  ASP A O   1 
ATOM   635  C CB  . ASP A 1 80  ? -3.714  11.632  -11.981 1.00 29.82 ? 80  ASP A CB  1 
ATOM   636  C CG  . ASP A 1 80  ? -2.623  12.632  -12.312 1.00 29.71 ? 80  ASP A CG  1 
ATOM   637  O OD1 . ASP A 1 80  ? -2.754  13.806  -11.908 1.00 29.22 ? 80  ASP A OD1 1 
ATOM   638  O OD2 . ASP A 1 80  ? -1.631  12.244  -12.960 1.00 32.59 ? 80  ASP A OD2 1 
ATOM   639  N N   . PHE A 1 81  ? -5.868  14.068  -13.337 1.00 34.22 ? 81  PHE A N   1 
ATOM   640  C CA  . PHE A 1 81  ? -6.316  14.706  -14.569 1.00 35.83 ? 81  PHE A CA  1 
ATOM   641  C C   . PHE A 1 81  ? -7.483  13.969  -15.210 1.00 35.08 ? 81  PHE A C   1 
ATOM   642  O O   . PHE A 1 81  ? -7.463  13.672  -16.404 1.00 35.04 ? 81  PHE A O   1 
ATOM   643  C CB  . PHE A 1 81  ? -5.161  14.822  -15.569 1.00 38.94 ? 81  PHE A CB  1 
ATOM   644  C CG  . PHE A 1 81  ? -4.203  15.936  -15.256 1.00 42.55 ? 81  PHE A CG  1 
ATOM   645  C CD1 . PHE A 1 81  ? -3.302  15.824  -14.201 1.00 44.78 ? 81  PHE A CD1 1 
ATOM   646  C CD2 . PHE A 1 81  ? -4.225  17.113  -15.996 1.00 44.32 ? 81  PHE A CD2 1 
ATOM   647  C CE1 . PHE A 1 81  ? -2.433  16.871  -13.888 1.00 45.65 ? 81  PHE A CE1 1 
ATOM   648  C CE2 . PHE A 1 81  ? -3.363  18.166  -15.692 1.00 45.55 ? 81  PHE A CE2 1 
ATOM   649  C CZ  . PHE A 1 81  ? -2.466  18.044  -14.636 1.00 45.70 ? 81  PHE A CZ  1 
ATOM   650  N N   . GLY A 1 82  ? -8.497  13.676  -14.403 1.00 34.02 ? 82  GLY A N   1 
ATOM   651  C CA  . GLY A 1 82  ? -9.675  12.992  -14.902 1.00 33.42 ? 82  GLY A CA  1 
ATOM   652  C C   . GLY A 1 82  ? -9.520  11.502  -15.139 1.00 31.95 ? 82  GLY A C   1 
ATOM   653  O O   . GLY A 1 82  ? -10.477 10.840  -15.534 1.00 33.18 ? 82  GLY A O   1 
ATOM   654  N N   . HIS A 1 83  ? -8.328  10.965  -14.901 1.00 30.58 ? 83  HIS A N   1 
ATOM   655  C CA  . HIS A 1 83  ? -8.097  9.540   -15.107 1.00 28.61 ? 83  HIS A CA  1 
ATOM   656  C C   . HIS A 1 83  ? -8.108  8.739   -13.816 1.00 25.34 ? 83  HIS A C   1 
ATOM   657  O O   . HIS A 1 83  ? -7.291  8.971   -12.926 1.00 25.25 ? 83  HIS A O   1 
ATOM   658  C CB  . HIS A 1 83  ? -6.767  9.305   -15.825 1.00 31.21 ? 83  HIS A CB  1 
ATOM   659  C CG  . HIS A 1 83  ? -6.779  9.705   -17.266 1.00 35.90 ? 83  HIS A CG  1 
ATOM   660  N ND1 . HIS A 1 83  ? -6.816  11.020  -17.675 1.00 38.16 ? 83  HIS A ND1 1 
ATOM   661  C CD2 . HIS A 1 83  ? -6.776  8.960   -18.396 1.00 37.28 ? 83  HIS A CD2 1 
ATOM   662  C CE1 . HIS A 1 83  ? -6.834  11.069  -18.995 1.00 38.45 ? 83  HIS A CE1 1 
ATOM   663  N NE2 . HIS A 1 83  ? -6.811  9.831   -19.457 1.00 39.04 ? 83  HIS A NE2 1 
ATOM   664  N N   . ILE A 1 84  ? -9.036  7.790   -13.727 1.00 21.76 ? 84  ILE A N   1 
ATOM   665  C CA  . ILE A 1 84  ? -9.158  6.929   -12.556 1.00 18.75 ? 84  ILE A CA  1 
ATOM   666  C C   . ILE A 1 84  ? -7.985  5.944   -12.532 1.00 18.07 ? 84  ILE A C   1 
ATOM   667  O O   . ILE A 1 84  ? -7.706  5.273   -13.524 1.00 16.21 ? 84  ILE A O   1 
ATOM   668  C CB  . ILE A 1 84  ? -10.494 6.147   -12.589 1.00 19.28 ? 84  ILE A CB  1 
ATOM   669  C CG1 . ILE A 1 84  ? -11.665 7.130   -12.465 1.00 19.74 ? 84  ILE A CG1 1 
ATOM   670  C CG2 . ILE A 1 84  ? -10.542 5.114   -11.462 1.00 19.44 ? 84  ILE A CG2 1 
ATOM   671  C CD1 . ILE A 1 84  ? -13.028 6.478   -12.513 1.00 21.67 ? 84  ILE A CD1 1 
ATOM   672  N N   . GLN A 1 85  ? -7.300  5.866   -11.393 1.00 16.84 ? 85  GLN A N   1 
ATOM   673  C CA  . GLN A 1 85  ? -6.154  4.973   -11.245 1.00 16.28 ? 85  GLN A CA  1 
ATOM   674  C C   . GLN A 1 85  ? -6.262  4.183   -9.946  1.00 15.82 ? 85  GLN A C   1 
ATOM   675  O O   . GLN A 1 85  ? -6.650  4.728   -8.920  1.00 16.89 ? 85  GLN A O   1 
ATOM   676  C CB  . GLN A 1 85  ? -4.859  5.792   -11.244 1.00 17.62 ? 85  GLN A CB  1 
ATOM   677  C CG  . GLN A 1 85  ? -4.673  6.624   -12.509 1.00 18.05 ? 85  GLN A CG  1 
ATOM   678  C CD  . GLN A 1 85  ? -3.505  7.590   -12.432 1.00 20.65 ? 85  GLN A CD  1 
ATOM   679  O OE1 . GLN A 1 85  ? -3.220  8.307   -13.393 1.00 22.66 ? 85  GLN A OE1 1 
ATOM   680  N NE2 . GLN A 1 85  ? -2.824  7.619   -11.290 1.00 19.64 ? 85  GLN A NE2 1 
ATOM   681  N N   . TYR A 1 86  ? -5.926  2.898   -9.991  1.00 15.70 ? 86  TYR A N   1 
ATOM   682  C CA  . TYR A 1 86  ? -5.996  2.079   -8.789  1.00 14.00 ? 86  TYR A CA  1 
ATOM   683  C C   . TYR A 1 86  ? -5.342  0.719   -8.956  1.00 13.14 ? 86  TYR A C   1 
ATOM   684  O O   . TYR A 1 86  ? -5.094  0.266   -10.075 1.00 12.39 ? 86  TYR A O   1 
ATOM   685  C CB  . TYR A 1 86  ? -7.461  1.898   -8.361  1.00 13.88 ? 86  TYR A CB  1 
ATOM   686  C CG  . TYR A 1 86  ? -8.348  1.223   -9.391  1.00 15.12 ? 86  TYR A CG  1 
ATOM   687  C CD1 . TYR A 1 86  ? -8.334  -0.162  -9.559  1.00 14.30 ? 86  TYR A CD1 1 
ATOM   688  C CD2 . TYR A 1 86  ? -9.206  1.975   -10.200 1.00 15.25 ? 86  TYR A CD2 1 
ATOM   689  C CE1 . TYR A 1 86  ? -9.153  -0.783  -10.502 1.00 13.51 ? 86  TYR A CE1 1 
ATOM   690  C CE2 . TYR A 1 86  ? -10.026 1.366   -11.145 1.00 15.14 ? 86  TYR A CE2 1 
ATOM   691  C CZ  . TYR A 1 86  ? -9.996  -0.015  -11.290 1.00 16.13 ? 86  TYR A CZ  1 
ATOM   692  O OH  . TYR A 1 86  ? -10.810 -0.620  -12.222 1.00 16.48 ? 86  TYR A OH  1 
ATOM   693  N N   . VAL A 1 87  ? -5.035  0.089   -7.828  1.00 11.40 ? 87  VAL A N   1 
ATOM   694  C CA  . VAL A 1 87  ? -4.454  -1.247  -7.823  1.00 12.98 ? 87  VAL A CA  1 
ATOM   695  C C   . VAL A 1 87  ? -5.646  -2.191  -7.658  1.00 13.83 ? 87  VAL A C   1 
ATOM   696  O O   . VAL A 1 87  ? -6.410  -2.077  -6.692  1.00 12.96 ? 87  VAL A O   1 
ATOM   697  C CB  . VAL A 1 87  ? -3.459  -1.424  -6.649  1.00 11.57 ? 87  VAL A CB  1 
ATOM   698  C CG1 . VAL A 1 87  ? -3.080  -2.897  -6.490  1.00 13.39 ? 87  VAL A CG1 1 
ATOM   699  C CG2 . VAL A 1 87  ? -2.210  -0.596  -6.912  1.00 10.49 ? 87  VAL A CG2 1 
ATOM   700  N N   . ALA A 1 88  ? -5.803  -3.107  -8.611  1.00 13.75 ? 88  ALA A N   1 
ATOM   701  C CA  . ALA A 1 88  ? -6.917  -4.054  -8.621  1.00 12.88 ? 88  ALA A CA  1 
ATOM   702  C C   . ALA A 1 88  ? -6.665  -5.368  -7.893  1.00 12.65 ? 88  ALA A C   1 
ATOM   703  O O   . ALA A 1 88  ? -7.612  -6.054  -7.521  1.00 12.17 ? 88  ALA A O   1 
ATOM   704  C CB  . ALA A 1 88  ? -7.333  -4.341  -10.069 1.00 12.58 ? 88  ALA A CB  1 
ATOM   705  N N   . ALA A 1 89  ? -5.398  -5.720  -7.700  1.00 12.18 ? 89  ALA A N   1 
ATOM   706  C CA  . ALA A 1 89  ? -5.037  -6.956  -7.003  1.00 11.21 ? 89  ALA A CA  1 
ATOM   707  C C   . ALA A 1 89  ? -3.616  -6.806  -6.495  1.00 10.52 ? 89  ALA A C   1 
ATOM   708  O O   . ALA A 1 89  ? -2.795  -6.150  -7.137  1.00 12.47 ? 89  ALA A O   1 
ATOM   709  C CB  . ALA A 1 89  ? -5.131  -8.147  -7.945  1.00 12.76 ? 89  ALA A CB  1 
ATOM   710  N N   . TYR A 1 90  ? -3.313  -7.421  -5.358  1.00 11.68 ? 90  TYR A N   1 
ATOM   711  C CA  . TYR A 1 90  ? -1.977  -7.287  -4.791  1.00 11.65 ? 90  TYR A CA  1 
ATOM   712  C C   . TYR A 1 90  ? -1.606  -8.385  -3.812  1.00 12.24 ? 90  TYR A C   1 
ATOM   713  O O   . TYR A 1 90  ? -2.475  -9.047  -3.242  1.00 13.13 ? 90  TYR A O   1 
ATOM   714  C CB  . TYR A 1 90  ? -1.859  -5.935  -4.073  1.00 11.26 ? 90  TYR A CB  1 
ATOM   715  C CG  . TYR A 1 90  ? -2.860  -5.723  -2.949  1.00 11.29 ? 90  TYR A CG  1 
ATOM   716  C CD1 . TYR A 1 90  ? -2.658  -6.278  -1.683  1.00 11.65 ? 90  TYR A CD1 1 
ATOM   717  C CD2 . TYR A 1 90  ? -4.007  -4.948  -3.150  1.00 10.94 ? 90  TYR A CD2 1 
ATOM   718  C CE1 . TYR A 1 90  ? -3.572  -6.062  -0.640  1.00 13.17 ? 90  TYR A CE1 1 
ATOM   719  C CE2 . TYR A 1 90  ? -4.922  -4.728  -2.120  1.00 10.62 ? 90  TYR A CE2 1 
ATOM   720  C CZ  . TYR A 1 90  ? -4.700  -5.285  -0.871  1.00 11.48 ? 90  TYR A CZ  1 
ATOM   721  O OH  . TYR A 1 90  ? -5.606  -5.073  0.145   1.00 12.67 ? 90  TYR A OH  1 
ATOM   722  N N   . ARG A 1 91  ? -0.301  -8.577  -3.632  1.00 11.96 ? 91  ARG A N   1 
ATOM   723  C CA  . ARG A 1 91  ? 0.199   -9.552  -2.671  1.00 14.08 ? 91  ARG A CA  1 
ATOM   724  C C   . ARG A 1 91  ? 0.690   -8.738  -1.473  1.00 13.61 ? 91  ARG A C   1 
ATOM   725  O O   . ARG A 1 91  ? 0.775   -7.511  -1.549  1.00 14.78 ? 91  ARG A O   1 
ATOM   726  C CB  . ARG A 1 91  ? 1.367   -10.346 -3.254  1.00 17.15 ? 91  ARG A CB  1 
ATOM   727  C CG  . ARG A 1 91  ? 0.990   -11.323 -4.360  1.00 20.95 ? 91  ARG A CG  1 
ATOM   728  C CD  . ARG A 1 91  ? 2.250   -11.958 -4.935  1.00 27.43 ? 91  ARG A CD  1 
ATOM   729  N NE  . ARG A 1 91  ? 3.135   -10.939 -5.497  1.00 32.50 ? 91  ARG A NE  1 
ATOM   730  C CZ  . ARG A 1 91  ? 4.427   -11.121 -5.758  1.00 35.18 ? 91  ARG A CZ  1 
ATOM   731  N NH1 . ARG A 1 91  ? 5.001   -12.290 -5.508  1.00 36.43 ? 91  ARG A NH1 1 
ATOM   732  N NH2 . ARG A 1 91  ? 5.147   -10.127 -6.264  1.00 35.31 ? 91  ARG A NH2 1 
ATOM   733  N N   . VAL A 1 92  ? 1.008   -9.417  -0.375  1.00 12.54 ? 92  VAL A N   1 
ATOM   734  C CA  . VAL A 1 92  ? 1.500   -8.756  0.831   1.00 12.26 ? 92  VAL A CA  1 
ATOM   735  C C   . VAL A 1 92  ? 2.709   -9.523  1.362   1.00 12.59 ? 92  VAL A C   1 
ATOM   736  O O   . VAL A 1 92  ? 2.727   -10.753 1.347   1.00 13.38 ? 92  VAL A O   1 
ATOM   737  C CB  . VAL A 1 92  ? 0.412   -8.721  1.936   1.00 12.24 ? 92  VAL A CB  1 
ATOM   738  C CG1 . VAL A 1 92  ? 0.993   -8.162  3.235   1.00 14.27 ? 92  VAL A CG1 1 
ATOM   739  C CG2 . VAL A 1 92  ? -0.769  -7.873  1.480   1.00 14.00 ? 92  VAL A CG2 1 
ATOM   740  N N   . ALA A 1 93  ? 3.724   -8.789  1.809   1.00 12.37 ? 93  ALA A N   1 
ATOM   741  C CA  . ALA A 1 93  ? 4.929   -9.388  2.372   1.00 11.77 ? 93  ALA A CA  1 
ATOM   742  C C   . ALA A 1 93  ? 5.237   -8.646  3.666   1.00 13.28 ? 93  ALA A C   1 
ATOM   743  O O   . ALA A 1 93  ? 4.872   -7.483  3.815   1.00 13.26 ? 93  ALA A O   1 
ATOM   744  C CB  . ALA A 1 93  ? 6.094   -9.263  1.398   1.00 14.22 ? 93  ALA A CB  1 
ATOM   745  N N   . TYR A 1 94  ? 5.905   -9.311  4.602   1.00 13.25 ? 94  TYR A N   1 
ATOM   746  C CA  . TYR A 1 94  ? 6.213   -8.675  5.877   1.00 13.15 ? 94  TYR A CA  1 
ATOM   747  C C   . TYR A 1 94  ? 7.529   -9.148  6.468   1.00 13.14 ? 94  TYR A C   1 
ATOM   748  O O   . TYR A 1 94  ? 8.042   -10.207 6.107   1.00 13.35 ? 94  TYR A O   1 
ATOM   749  C CB  . TYR A 1 94  ? 5.091   -8.940  6.882   1.00 11.99 ? 94  TYR A CB  1 
ATOM   750  C CG  . TYR A 1 94  ? 4.755   -10.409 7.052   1.00 13.78 ? 94  TYR A CG  1 
ATOM   751  C CD1 . TYR A 1 94  ? 3.857   -11.040 6.197   1.00 13.08 ? 94  TYR A CD1 1 
ATOM   752  C CD2 . TYR A 1 94  ? 5.368   -11.176 8.046   1.00 14.10 ? 94  TYR A CD2 1 
ATOM   753  C CE1 . TYR A 1 94  ? 3.570   -12.398 6.318   1.00 15.75 ? 94  TYR A CE1 1 
ATOM   754  C CE2 . TYR A 1 94  ? 5.088   -12.546 8.177   1.00 15.28 ? 94  TYR A CE2 1 
ATOM   755  C CZ  . TYR A 1 94  ? 4.188   -13.147 7.307   1.00 16.77 ? 94  TYR A CZ  1 
ATOM   756  O OH  . TYR A 1 94  ? 3.909   -14.492 7.409   1.00 17.15 ? 94  TYR A OH  1 
ATOM   757  N N   . GLY A 1 95  ? 8.063   -8.358  7.394   1.00 12.87 ? 95  GLY A N   1 
ATOM   758  C CA  . GLY A 1 95  ? 9.316   -8.709  8.027   1.00 13.19 ? 95  GLY A CA  1 
ATOM   759  C C   . GLY A 1 95  ? 9.612   -7.812  9.212   1.00 14.05 ? 95  GLY A C   1 
ATOM   760  O O   . GLY A 1 95  ? 8.807   -6.946  9.559   1.00 12.93 ? 95  GLY A O   1 
ATOM   761  N N   . ASP A 1 96  ? 10.780  -8.002  9.822   1.00 14.95 ? 96  ASP A N   1 
ATOM   762  C CA  . ASP A 1 96  ? 11.163  -7.222  10.994  1.00 16.45 ? 96  ASP A CA  1 
ATOM   763  C C   . ASP A 1 96  ? 12.420  -6.370  10.840  1.00 17.31 ? 96  ASP A C   1 
ATOM   764  O O   . ASP A 1 96  ? 12.625  -5.429  11.607  1.00 16.54 ? 96  ASP A O   1 
ATOM   765  C CB  . ASP A 1 96  ? 11.347  -8.162  12.182  1.00 18.97 ? 96  ASP A CB  1 
ATOM   766  C CG  . ASP A 1 96  ? 10.059  -8.847  12.576  1.00 19.04 ? 96  ASP A CG  1 
ATOM   767  O OD1 . ASP A 1 96  ? 10.084  -10.068 12.820  1.00 22.80 ? 96  ASP A OD1 1 
ATOM   768  O OD2 . ASP A 1 96  ? 9.023   -8.153  12.648  1.00 23.61 ? 96  ASP A OD2 1 
ATOM   769  N N   . ASP A 1 97  ? 13.257  -6.700  9.860   1.00 18.25 ? 97  ASP A N   1 
ATOM   770  C CA  . ASP A 1 97  ? 14.504  -5.970  9.639   1.00 20.85 ? 97  ASP A CA  1 
ATOM   771  C C   . ASP A 1 97  ? 14.458  -5.011  8.454   1.00 22.00 ? 97  ASP A C   1 
ATOM   772  O O   . ASP A 1 97  ? 15.386  -4.225  8.256   1.00 24.27 ? 97  ASP A O   1 
ATOM   773  C CB  . ASP A 1 97  ? 15.661  -6.955  9.438   1.00 23.49 ? 97  ASP A CB  1 
ATOM   774  C CG  . ASP A 1 97  ? 15.409  -7.923  8.303   1.00 23.73 ? 97  ASP A CG  1 
ATOM   775  O OD1 . ASP A 1 97  ? 14.602  -7.590  7.410   1.00 24.18 ? 97  ASP A OD1 1 
ATOM   776  O OD2 . ASP A 1 97  ? 16.023  -9.015  8.291   1.00 27.34 ? 97  ASP A OD2 1 
ATOM   777  N N   . GLY A 1 98  ? 13.391  -5.080  7.665   1.00 20.41 ? 98  GLY A N   1 
ATOM   778  C CA  . GLY A 1 98  ? 13.269  -4.207  6.512   1.00 20.34 ? 98  GLY A CA  1 
ATOM   779  C C   . GLY A 1 98  ? 14.047  -4.678  5.291   1.00 20.96 ? 98  GLY A C   1 
ATOM   780  O O   . GLY A 1 98  ? 14.061  -3.998  4.263   1.00 21.44 ? 98  GLY A O   1 
ATOM   781  N N   . VAL A 1 99  ? 14.696  -5.835  5.394   1.00 20.03 ? 99  VAL A N   1 
ATOM   782  C CA  . VAL A 1 99  ? 15.467  -6.367  4.273   1.00 21.36 ? 99  VAL A CA  1 
ATOM   783  C C   . VAL A 1 99  ? 15.147  -7.821  3.913   1.00 20.17 ? 99  VAL A C   1 
ATOM   784  O O   . VAL A 1 99  ? 15.391  -8.238  2.784   1.00 20.96 ? 99  VAL A O   1 
ATOM   785  C CB  . VAL A 1 99  ? 16.992  -6.217  4.515   1.00 21.82 ? 99  VAL A CB  1 
ATOM   786  C CG1 . VAL A 1 99  ? 17.352  -4.738  4.601   1.00 23.68 ? 99  VAL A CG1 1 
ATOM   787  C CG2 . VAL A 1 99  ? 17.402  -6.935  5.785   1.00 24.00 ? 99  VAL A CG2 1 
ATOM   788  N N   . THR A 1 100 ? 14.630  -8.597  4.864   1.00 19.71 ? 100 THR A N   1 
ATOM   789  C CA  . THR A 1 100 ? 14.239  -9.979  4.570   1.00 19.79 ? 100 THR A CA  1 
ATOM   790  C C   . THR A 1 100 ? 12.724  -10.026 4.706   1.00 19.06 ? 100 THR A C   1 
ATOM   791  O O   . THR A 1 100 ? 12.151  -9.396  5.605   1.00 16.24 ? 100 THR A O   1 
ATOM   792  C CB  . THR A 1 100 ? 14.892  -11.013 5.519   1.00 21.03 ? 100 THR A CB  1 
ATOM   793  O OG1 . THR A 1 100 ? 14.522  -10.743 6.873   1.00 24.05 ? 100 THR A OG1 1 
ATOM   794  C CG2 . THR A 1 100 ? 16.408  -10.969 5.375   1.00 22.21 ? 100 THR A CG2 1 
ATOM   795  N N   . TRP A 1 101 ? 12.077  -10.775 3.821   1.00 17.53 ? 101 TRP A N   1 
ATOM   796  C CA  . TRP A 1 101 ? 10.625  -10.822 3.807   1.00 16.65 ? 101 TRP A CA  1 
ATOM   797  C C   . TRP A 1 101 ? 9.985   -12.193 3.738   1.00 16.99 ? 101 TRP A C   1 
ATOM   798  O O   . TRP A 1 101 ? 10.615  -13.177 3.363   1.00 19.64 ? 101 TRP A O   1 
ATOM   799  C CB  . TRP A 1 101 ? 10.112  -10.006 2.617   1.00 15.31 ? 101 TRP A CB  1 
ATOM   800  C CG  . TRP A 1 101 ? 10.707  -8.651  2.529   1.00 14.91 ? 101 TRP A CG  1 
ATOM   801  C CD1 . TRP A 1 101 ? 11.872  -8.300  1.908   1.00 15.23 ? 101 TRP A CD1 1 
ATOM   802  C CD2 . TRP A 1 101 ? 10.200  -7.464  3.138   1.00 13.18 ? 101 TRP A CD2 1 
ATOM   803  N NE1 . TRP A 1 101 ? 12.124  -6.962  2.096   1.00 15.16 ? 101 TRP A NE1 1 
ATOM   804  C CE2 . TRP A 1 101 ? 11.112  -6.424  2.850   1.00 15.09 ? 101 TRP A CE2 1 
ATOM   805  C CE3 . TRP A 1 101 ? 9.061   -7.178  3.905   1.00 12.85 ? 101 TRP A CE3 1 
ATOM   806  C CZ2 . TRP A 1 101 ? 10.921  -5.114  3.302   1.00 15.38 ? 101 TRP A CZ2 1 
ATOM   807  C CZ3 . TRP A 1 101 ? 8.873   -5.873  4.358   1.00 12.83 ? 101 TRP A CZ3 1 
ATOM   808  C CH2 . TRP A 1 101 ? 9.801   -4.858  4.053   1.00 13.84 ? 101 TRP A CH2 1 
ATOM   809  N N   . THR A 1 102 ? 8.705   -12.225 4.099   1.00 16.17 ? 102 THR A N   1 
ATOM   810  C CA  . THR A 1 102 ? 7.902   -13.431 4.043   1.00 15.34 ? 102 THR A CA  1 
ATOM   811  C C   . THR A 1 102 ? 6.652   -13.025 3.277   1.00 15.27 ? 102 THR A C   1 
ATOM   812  O O   . THR A 1 102 ? 5.963   -12.084 3.666   1.00 14.36 ? 102 THR A O   1 
ATOM   813  C CB  . THR A 1 102 ? 7.479   -13.931 5.443   1.00 16.18 ? 102 THR A CB  1 
ATOM   814  O OG1 . THR A 1 102 ? 8.635   -14.376 6.167   1.00 16.25 ? 102 THR A OG1 1 
ATOM   815  C CG2 . THR A 1 102 ? 6.483   -15.088 5.319   1.00 16.14 ? 102 THR A CG2 1 
ATOM   816  N N   . GLU A 1 103 ? 6.374   -13.707 2.172   1.00 16.55 ? 103 GLU A N   1 
ATOM   817  C CA  . GLU A 1 103 ? 5.185   -13.389 1.395   1.00 16.57 ? 103 GLU A CA  1 
ATOM   818  C C   . GLU A 1 103 ? 4.004   -14.071 2.072   1.00 16.55 ? 103 GLU A C   1 
ATOM   819  O O   . GLU A 1 103 ? 4.086   -15.242 2.453   1.00 15.14 ? 103 GLU A O   1 
ATOM   820  C CB  . GLU A 1 103 ? 5.345   -13.873 -0.050  1.00 17.54 ? 103 GLU A CB  1 
ATOM   821  C CG  . GLU A 1 103 ? 6.572   -13.294 -0.755  1.00 19.73 ? 103 GLU A CG  1 
ATOM   822  C CD  . GLU A 1 103 ? 6.535   -13.485 -2.263  1.00 24.33 ? 103 GLU A CD  1 
ATOM   823  O OE1 . GLU A 1 103 ? 5.977   -14.503 -2.723  1.00 23.95 ? 103 GLU A OE1 1 
ATOM   824  O OE2 . GLU A 1 103 ? 7.074   -12.617 -2.987  1.00 26.20 ? 103 GLU A OE2 1 
ATOM   825  N N   . TYR A 1 104 ? 2.913   -13.331 2.247   1.00 14.64 ? 104 TYR A N   1 
ATOM   826  C CA  . TYR A 1 104 ? 1.728   -13.867 2.903   1.00 15.41 ? 104 TYR A CA  1 
ATOM   827  C C   . TYR A 1 104 ? 1.125   -15.055 2.159   1.00 16.04 ? 104 TYR A C   1 
ATOM   828  O O   . TYR A 1 104 ? 0.777   -14.950 0.982   1.00 14.24 ? 104 TYR A O   1 
ATOM   829  C CB  . TYR A 1 104 ? 0.664   -12.779 3.045   1.00 16.07 ? 104 TYR A CB  1 
ATOM   830  C CG  . TYR A 1 104 ? -0.549  -13.228 3.824   1.00 17.55 ? 104 TYR A CG  1 
ATOM   831  C CD1 . TYR A 1 104 ? -0.616  -13.053 5.204   1.00 18.77 ? 104 TYR A CD1 1 
ATOM   832  C CD2 . TYR A 1 104 ? -1.620  -13.853 3.186   1.00 17.72 ? 104 TYR A CD2 1 
ATOM   833  C CE1 . TYR A 1 104 ? -1.722  -13.485 5.934   1.00 20.85 ? 104 TYR A CE1 1 
ATOM   834  C CE2 . TYR A 1 104 ? -2.731  -14.291 3.905   1.00 20.46 ? 104 TYR A CE2 1 
ATOM   835  C CZ  . TYR A 1 104 ? -2.774  -14.101 5.278   1.00 20.83 ? 104 TYR A CZ  1 
ATOM   836  O OH  . TYR A 1 104 ? -3.877  -14.514 5.987   1.00 25.08 ? 104 TYR A OH  1 
ATOM   837  N N   . LYS A 1 105 ? 0.993   -16.176 2.868   1.00 16.25 ? 105 LYS A N   1 
ATOM   838  C CA  . LYS A 1 105 ? 0.425   -17.410 2.324   1.00 16.95 ? 105 LYS A CA  1 
ATOM   839  C C   . LYS A 1 105 ? -0.542  -18.028 3.332   1.00 18.71 ? 105 LYS A C   1 
ATOM   840  O O   . LYS A 1 105 ? -0.313  -17.954 4.541   1.00 18.73 ? 105 LYS A O   1 
ATOM   841  C CB  . LYS A 1 105 ? 1.528   -18.440 2.050   1.00 17.35 ? 105 LYS A CB  1 
ATOM   842  C CG  . LYS A 1 105 ? 2.465   -18.114 0.910   1.00 15.87 ? 105 LYS A CG  1 
ATOM   843  C CD  . LYS A 1 105 ? 3.552   -19.185 0.800   1.00 16.31 ? 105 LYS A CD  1 
ATOM   844  C CE  . LYS A 1 105 ? 4.336   -19.055 -0.496  1.00 14.18 ? 105 LYS A CE  1 
ATOM   845  N NZ  . LYS A 1 105 ? 4.944   -17.706 -0.658  1.00 16.60 ? 105 LYS A NZ  1 
ATOM   846  N N   . ASP A 1 106 ? -1.620  -18.635 2.846   1.00 19.55 ? 106 ASP A N   1 
ATOM   847  C CA  . ASP A 1 106 ? -2.553  -19.301 3.750   1.00 21.14 ? 106 ASP A CA  1 
ATOM   848  C C   . ASP A 1 106 ? -1.763  -20.477 4.306   1.00 21.99 ? 106 ASP A C   1 
ATOM   849  O O   . ASP A 1 106 ? -0.819  -20.943 3.669   1.00 22.50 ? 106 ASP A O   1 
ATOM   850  C CB  . ASP A 1 106 ? -3.776  -19.846 3.006   1.00 22.17 ? 106 ASP A CB  1 
ATOM   851  C CG  . ASP A 1 106 ? -4.679  -18.756 2.473   1.00 23.51 ? 106 ASP A CG  1 
ATOM   852  O OD1 . ASP A 1 106 ? -4.908  -17.765 3.194   1.00 23.87 ? 106 ASP A OD1 1 
ATOM   853  O OD2 . ASP A 1 106 ? -5.180  -18.906 1.339   1.00 25.77 ? 106 ASP A OD2 1 
ATOM   854  N N   . PRO A 1 107 ? -2.124  -20.968 5.499   1.00 22.22 ? 107 PRO A N   1 
ATOM   855  C CA  . PRO A 1 107 ? -1.371  -22.103 6.040   1.00 23.54 ? 107 PRO A CA  1 
ATOM   856  C C   . PRO A 1 107 ? -1.383  -23.280 5.062   1.00 24.28 ? 107 PRO A C   1 
ATOM   857  O O   . PRO A 1 107 ? -2.432  -23.644 4.530   1.00 25.18 ? 107 PRO A O   1 
ATOM   858  C CB  . PRO A 1 107 ? -2.111  -22.414 7.340   1.00 23.58 ? 107 PRO A CB  1 
ATOM   859  C CG  . PRO A 1 107 ? -2.599  -21.056 7.773   1.00 24.39 ? 107 PRO A CG  1 
ATOM   860  C CD  . PRO A 1 107 ? -3.121  -20.482 6.471   1.00 24.90 ? 107 PRO A CD  1 
ATOM   861  N N   . GLY A 1 108 ? -0.207  -23.852 4.815   1.00 25.62 ? 108 GLY A N   1 
ATOM   862  C CA  . GLY A 1 108 ? -0.101  -24.984 3.910   1.00 25.68 ? 108 GLY A CA  1 
ATOM   863  C C   . GLY A 1 108 ? -0.097  -24.677 2.422   1.00 26.42 ? 108 GLY A C   1 
ATOM   864  O O   . GLY A 1 108 ? 0.047   -25.590 1.606   1.00 27.87 ? 108 GLY A O   1 
ATOM   865  N N   . ALA A 1 109 ? -0.248  -23.408 2.053   1.00 24.94 ? 109 ALA A N   1 
ATOM   866  C CA  . ALA A 1 109 ? -0.265  -23.024 0.643   1.00 23.03 ? 109 ALA A CA  1 
ATOM   867  C C   . ALA A 1 109 ? 1.142   -22.836 0.085   1.00 22.38 ? 109 ALA A C   1 
ATOM   868  O O   . ALA A 1 109 ? 2.041   -22.366 0.785   1.00 22.40 ? 109 ALA A O   1 
ATOM   869  C CB  . ALA A 1 109 ? -1.072  -21.741 0.458   1.00 25.09 ? 109 ALA A CB  1 
ATOM   870  N N   . SER A 1 110 ? 1.323   -23.199 -1.182  1.00 20.98 ? 110 SER A N   1 
ATOM   871  C CA  . SER A 1 110 ? 2.621   -23.072 -1.842  1.00 21.03 ? 110 SER A CA  1 
ATOM   872  C C   . SER A 1 110 ? 2.725   -21.779 -2.652  1.00 19.85 ? 110 SER A C   1 
ATOM   873  O O   . SER A 1 110 ? 3.810   -21.403 -3.100  1.00 18.25 ? 110 SER A O   1 
ATOM   874  C CB  . SER A 1 110 ? 2.861   -24.270 -2.763  1.00 24.01 ? 110 SER A CB  1 
ATOM   875  O OG  . SER A 1 110 ? 1.919   -24.288 -3.825  1.00 28.27 ? 110 SER A OG  1 
ATOM   876  N N   . GLU A 1 111 ? 1.591   -21.106 -2.836  1.00 18.41 ? 111 GLU A N   1 
ATOM   877  C CA  . GLU A 1 111 ? 1.541   -19.853 -3.586  1.00 18.95 ? 111 GLU A CA  1 
ATOM   878  C C   . GLU A 1 111 ? 1.120   -18.698 -2.683  1.00 16.92 ? 111 GLU A C   1 
ATOM   879  O O   . GLU A 1 111 ? 0.276   -18.865 -1.805  1.00 16.47 ? 111 GLU A O   1 
ATOM   880  C CB  . GLU A 1 111 ? 0.541   -19.970 -4.738  1.00 23.01 ? 111 GLU A CB  1 
ATOM   881  C CG  . GLU A 1 111 ? 0.910   -20.995 -5.791  1.00 30.18 ? 111 GLU A CG  1 
ATOM   882  C CD  . GLU A 1 111 ? -0.230  -21.262 -6.758  1.00 34.49 ? 111 GLU A CD  1 
ATOM   883  O OE1 . GLU A 1 111 ? -1.250  -21.840 -6.325  1.00 38.67 ? 111 GLU A OE1 1 
ATOM   884  O OE2 . GLU A 1 111 ? -0.112  -20.890 -7.946  1.00 37.64 ? 111 GLU A OE2 1 
ATOM   885  N N   . SER A 1 112 ? 1.715   -17.530 -2.899  1.00 16.45 ? 112 SER A N   1 
ATOM   886  C CA  . SER A 1 112 ? 1.375   -16.357 -2.106  1.00 14.82 ? 112 SER A CA  1 
ATOM   887  C C   . SER A 1 112 ? -0.040  -15.919 -2.454  1.00 14.74 ? 112 SER A C   1 
ATOM   888  O O   . SER A 1 112 ? -0.449  -15.986 -3.612  1.00 16.07 ? 112 SER A O   1 
ATOM   889  C CB  . SER A 1 112 ? 2.365   -15.231 -2.384  1.00 15.63 ? 112 SER A CB  1 
ATOM   890  O OG  . SER A 1 112 ? 3.676   -15.636 -2.029  1.00 17.27 ? 112 SER A OG  1 
ATOM   891  N N   . LYS A 1 113 ? -0.786  -15.475 -1.449  1.00 13.70 ? 113 LYS A N   1 
ATOM   892  C CA  . LYS A 1 113 ? -2.162  -15.049 -1.662  1.00 13.48 ? 113 LYS A CA  1 
ATOM   893  C C   . LYS A 1 113 ? -2.262  -13.732 -2.417  1.00 12.95 ? 113 LYS A C   1 
ATOM   894  O O   . LYS A 1 113 ? -1.500  -12.799 -2.167  1.00 12.76 ? 113 LYS A O   1 
ATOM   895  C CB  . LYS A 1 113 ? -2.892  -14.908 -0.323  1.00 15.02 ? 113 LYS A CB  1 
ATOM   896  C CG  . LYS A 1 113 ? -4.359  -14.486 -0.462  1.00 16.47 ? 113 LYS A CG  1 
ATOM   897  C CD  . LYS A 1 113 ? -5.077  -14.497 0.879   1.00 19.73 ? 113 LYS A CD  1 
ATOM   898  C CE  . LYS A 1 113 ? -6.540  -14.081 0.752   1.00 18.45 ? 113 LYS A CE  1 
ATOM   899  N NZ  . LYS A 1 113 ? -7.365  -15.087 0.020   1.00 20.74 ? 113 LYS A NZ  1 
ATOM   900  N N   . ILE A 1 114 ? -3.198  -13.669 -3.356  1.00 12.97 ? 114 ILE A N   1 
ATOM   901  C CA  . ILE A 1 114 ? -3.430  -12.444 -4.104  1.00 12.95 ? 114 ILE A CA  1 
ATOM   902  C C   . ILE A 1 114 ? -4.756  -11.898 -3.582  1.00 12.84 ? 114 ILE A C   1 
ATOM   903  O O   . ILE A 1 114 ? -5.787  -12.584 -3.615  1.00 12.99 ? 114 ILE A O   1 
ATOM   904  C CB  . ILE A 1 114 ? -3.511  -12.708 -5.624  1.00 13.97 ? 114 ILE A CB  1 
ATOM   905  C CG1 . ILE A 1 114 ? -2.149  -13.201 -6.130  1.00 15.34 ? 114 ILE A CG1 1 
ATOM   906  C CG2 . ILE A 1 114 ? -3.914  -11.431 -6.355  1.00 12.46 ? 114 ILE A CG2 1 
ATOM   907  C CD1 . ILE A 1 114 ? -2.138  -13.601 -7.596  1.00 15.65 ? 114 ILE A CD1 1 
ATOM   908  N N   . PHE A 1 115 ? -4.713  -10.675 -3.064  1.00 12.42 ? 115 PHE A N   1 
ATOM   909  C CA  . PHE A 1 115 ? -5.897  -10.036 -2.511  1.00 11.62 ? 115 PHE A CA  1 
ATOM   910  C C   . PHE A 1 115 ? -6.594  -9.161  -3.531  1.00 11.46 ? 115 PHE A C   1 
ATOM   911  O O   . PHE A 1 115 ? -5.945  -8.477  -4.320  1.00 11.23 ? 115 PHE A O   1 
ATOM   912  C CB  . PHE A 1 115 ? -5.531  -9.157  -1.309  1.00 11.01 ? 115 PHE A CB  1 
ATOM   913  C CG  . PHE A 1 115 ? -4.884  -9.900  -0.181  1.00 12.41 ? 115 PHE A CG  1 
ATOM   914  C CD1 . PHE A 1 115 ? -3.508  -10.105 -0.166  1.00 12.47 ? 115 PHE A CD1 1 
ATOM   915  C CD2 . PHE A 1 115 ? -5.653  -10.393 0.870   1.00 14.40 ? 115 PHE A CD2 1 
ATOM   916  C CE1 . PHE A 1 115 ? -2.905  -10.790 0.882   1.00 13.78 ? 115 PHE A CE1 1 
ATOM   917  C CE2 . PHE A 1 115 ? -5.063  -11.080 1.924   1.00 15.35 ? 115 PHE A CE2 1 
ATOM   918  C CZ  . PHE A 1 115 ? -3.687  -11.280 1.931   1.00 13.52 ? 115 PHE A CZ  1 
ATOM   919  N N   . PRO A 1 116 ? -7.938  -9.174  -3.525  1.00 13.34 ? 116 PRO A N   1 
ATOM   920  C CA  . PRO A 1 116 ? -8.715  -8.358  -4.459  1.00 12.57 ? 116 PRO A CA  1 
ATOM   921  C C   . PRO A 1 116 ? -8.607  -6.906  -4.005  1.00 11.25 ? 116 PRO A C   1 
ATOM   922  O O   . PRO A 1 116 ? -8.799  -6.595  -2.823  1.00 12.90 ? 116 PRO A O   1 
ATOM   923  C CB  . PRO A 1 116 ? -10.127 -8.924  -4.322  1.00 12.70 ? 116 PRO A CB  1 
ATOM   924  C CG  . PRO A 1 116 ? -10.169 -9.379  -2.906  1.00 13.89 ? 116 PRO A CG  1 
ATOM   925  C CD  . PRO A 1 116 ? -8.821  -10.037 -2.722  1.00 14.67 ? 116 PRO A CD  1 
ATOM   926  N N   . GLY A 1 117 ? -8.287  -6.025  -4.944  1.00 10.95 ? 117 GLY A N   1 
ATOM   927  C CA  . GLY A 1 117 ? -8.120  -4.624  -4.617  1.00 11.15 ? 117 GLY A CA  1 
ATOM   928  C C   . GLY A 1 117 ? -9.294  -3.746  -4.985  1.00 10.18 ? 117 GLY A C   1 
ATOM   929  O O   . GLY A 1 117 ? -10.445 -4.176  -4.952  1.00 11.07 ? 117 GLY A O   1 
ATOM   930  N N   . ASN A 1 118 ? -8.992  -2.504  -5.337  1.00 10.60 ? 118 ASN A N   1 
ATOM   931  C CA  . ASN A 1 118 ? -10.024 -1.539  -5.689  1.00 11.30 ? 118 ASN A CA  1 
ATOM   932  C C   . ASN A 1 118 ? -10.588 -1.726  -7.088  1.00 12.68 ? 118 ASN A C   1 
ATOM   933  O O   . ASN A 1 118 ? -10.057 -2.495  -7.892  1.00 13.68 ? 118 ASN A O   1 
ATOM   934  C CB  . ASN A 1 118 ? -9.469  -0.119  -5.548  1.00 10.95 ? 118 ASN A CB  1 
ATOM   935  C CG  . ASN A 1 118 ? -9.072  0.208   -4.121  1.00 12.54 ? 118 ASN A CG  1 
ATOM   936  O OD1 . ASN A 1 118 ? -7.892  0.188   -3.771  1.00 12.00 ? 118 ASN A OD1 1 
ATOM   937  N ND2 . ASN A 1 118 ? -10.063 0.499   -3.286  1.00 13.00 ? 118 ASN A ND2 1 
ATOM   938  N N   . MET A 1 119 ? -11.680 -1.013  -7.358  1.00 13.93 ? 119 MET A N   1 
ATOM   939  C CA  . MET A 1 119 ? -12.330 -1.040  -8.665  1.00 14.58 ? 119 MET A CA  1 
ATOM   940  C C   . MET A 1 119 ? -12.714 0.383   -9.073  1.00 16.18 ? 119 MET A C   1 
ATOM   941  O O   . MET A 1 119 ? -13.429 0.594   -10.054 1.00 15.63 ? 119 MET A O   1 
ATOM   942  C CB  . MET A 1 119 ? -13.558 -1.961  -8.653  1.00 16.80 ? 119 MET A CB  1 
ATOM   943  C CG  . MET A 1 119 ? -14.510 -1.786  -7.477  1.00 19.96 ? 119 MET A CG  1 
ATOM   944  S SD  . MET A 1 119 ? -15.322 -0.181  -7.405  1.00 22.73 ? 119 MET A SD  1 
ATOM   945  C CE  . MET A 1 119 ? -16.443 -0.294  -8.797  1.00 23.71 ? 119 MET A CE  1 
ATOM   946  N N   . ASP A 1 120 ? -12.227 1.353   -8.303  1.00 14.11 ? 120 ASP A N   1 
ATOM   947  C CA  . ASP A 1 120 ? -12.464 2.767   -8.580  1.00 14.99 ? 120 ASP A CA  1 
ATOM   948  C C   . ASP A 1 120 ? -11.442 3.616   -7.826  1.00 15.01 ? 120 ASP A C   1 
ATOM   949  O O   . ASP A 1 120 ? -10.539 3.078   -7.184  1.00 15.64 ? 120 ASP A O   1 
ATOM   950  C CB  . ASP A 1 120 ? -13.900 3.183   -8.217  1.00 14.76 ? 120 ASP A CB  1 
ATOM   951  C CG  . ASP A 1 120 ? -14.222 3.012   -6.742  1.00 15.31 ? 120 ASP A CG  1 
ATOM   952  O OD1 . ASP A 1 120 ? -13.293 2.968   -5.904  1.00 13.83 ? 120 ASP A OD1 1 
ATOM   953  O OD2 . ASP A 1 120 ? -15.427 2.940   -6.417  1.00 16.58 ? 120 ASP A OD2 1 
ATOM   954  N N   . ASN A 1 121 ? -11.584 4.934   -7.896  1.00 14.37 ? 121 ASN A N   1 
ATOM   955  C CA  . ASN A 1 121 ? -10.624 5.818   -7.248  1.00 15.46 ? 121 ASN A CA  1 
ATOM   956  C C   . ASN A 1 121 ? -10.835 6.187   -5.782  1.00 16.63 ? 121 ASN A C   1 
ATOM   957  O O   . ASN A 1 121 ? -9.862  6.481   -5.094  1.00 18.01 ? 121 ASN A O   1 
ATOM   958  C CB  . ASN A 1 121 ? -10.473 7.108   -8.071  1.00 16.49 ? 121 ASN A CB  1 
ATOM   959  C CG  . ASN A 1 121 ? -11.798 7.815   -8.299  1.00 17.26 ? 121 ASN A CG  1 
ATOM   960  O OD1 . ASN A 1 121 ? -12.003 8.945   -7.846  1.00 23.49 ? 121 ASN A OD1 1 
ATOM   961  N ND2 . ASN A 1 121 ? -12.703 7.154   -9.003  1.00 17.20 ? 121 ASN A ND2 1 
ATOM   962  N N   . ASN A 1 122 ? -12.072 6.162   -5.292  1.00 15.50 ? 122 ASN A N   1 
ATOM   963  C CA  . ASN A 1 122 ? -12.322 6.563   -3.901  1.00 17.85 ? 122 ASN A CA  1 
ATOM   964  C C   . ASN A 1 122 ? -12.915 5.564   -2.911  1.00 15.52 ? 122 ASN A C   1 
ATOM   965  O O   . ASN A 1 122 ? -12.822 5.773   -1.698  1.00 14.01 ? 122 ASN A O   1 
ATOM   966  C CB  . ASN A 1 122 ? -13.199 7.820   -3.875  1.00 21.06 ? 122 ASN A CB  1 
ATOM   967  C CG  . ASN A 1 122 ? -12.454 9.060   -4.322  1.00 26.42 ? 122 ASN A CG  1 
ATOM   968  O OD1 . ASN A 1 122 ? -11.368 9.355   -3.824  1.00 29.68 ? 122 ASN A OD1 1 
ATOM   969  N ND2 . ASN A 1 122 ? -13.038 9.801   -5.258  1.00 27.90 ? 122 ASN A ND2 1 
ATOM   970  N N   . SER A 1 123 ? -13.540 4.498   -3.392  1.00 14.08 ? 123 SER A N   1 
ATOM   971  C CA  . SER A 1 123 ? -14.129 3.533   -2.466  1.00 13.99 ? 123 SER A CA  1 
ATOM   972  C C   . SER A 1 123 ? -13.073 2.817   -1.626  1.00 14.64 ? 123 SER A C   1 
ATOM   973  O O   . SER A 1 123 ? -11.995 2.480   -2.118  1.00 14.13 ? 123 SER A O   1 
ATOM   974  C CB  . SER A 1 123 ? -14.945 2.481   -3.223  1.00 14.61 ? 123 SER A CB  1 
ATOM   975  O OG  . SER A 1 123 ? -16.036 3.060   -3.914  1.00 15.64 ? 123 SER A OG  1 
ATOM   976  N N   . HIS A 1 124 ? -13.387 2.595   -0.357  1.00 13.85 ? 124 HIS A N   1 
ATOM   977  C CA  . HIS A 1 124 ? -12.475 1.877   0.528   1.00 15.00 ? 124 HIS A CA  1 
ATOM   978  C C   . HIS A 1 124 ? -12.666 0.383   0.283   1.00 15.11 ? 124 HIS A C   1 
ATOM   979  O O   . HIS A 1 124 ? -13.798 -0.098  0.221   1.00 15.55 ? 124 HIS A O   1 
ATOM   980  C CB  . HIS A 1 124 ? -12.796 2.153   2.000   1.00 15.75 ? 124 HIS A CB  1 
ATOM   981  C CG  . HIS A 1 124 ? -12.447 3.532   2.462   1.00 14.78 ? 124 HIS A CG  1 
ATOM   982  N ND1 . HIS A 1 124 ? -12.360 3.862   3.797   1.00 15.81 ? 124 HIS A ND1 1 
ATOM   983  C CD2 . HIS A 1 124 ? -12.169 4.665   1.774   1.00 13.99 ? 124 HIS A CD2 1 
ATOM   984  C CE1 . HIS A 1 124 ? -12.040 5.139   3.914   1.00 13.11 ? 124 HIS A CE1 1 
ATOM   985  N NE2 . HIS A 1 124 ? -11.917 5.650   2.702   1.00 13.57 ? 124 HIS A NE2 1 
ATOM   986  N N   . LYS A 1 125 ? -11.569 -0.354  0.149   1.00 14.01 ? 125 LYS A N   1 
ATOM   987  C CA  . LYS A 1 125 ? -11.649 -1.796  -0.051  1.00 13.98 ? 125 LYS A CA  1 
ATOM   988  C C   . LYS A 1 125 ? -10.852 -2.430  1.083   1.00 11.83 ? 125 LYS A C   1 
ATOM   989  O O   . LYS A 1 125 ? -9.630  -2.296  1.136   1.00 12.84 ? 125 LYS A O   1 
ATOM   990  C CB  . LYS A 1 125 ? -11.039 -2.191  -1.397  1.00 15.00 ? 125 LYS A CB  1 
ATOM   991  C CG  . LYS A 1 125 ? -11.596 -3.480  -1.994  1.00 21.08 ? 125 LYS A CG  1 
ATOM   992  C CD  . LYS A 1 125 ? -11.547 -4.642  -1.031  1.00 21.69 ? 125 LYS A CD  1 
ATOM   993  C CE  . LYS A 1 125 ? -12.057 -5.919  -1.685  1.00 21.82 ? 125 LYS A CE  1 
ATOM   994  N NZ  . LYS A 1 125 ? -12.095 -7.041  -0.710  1.00 25.13 ? 125 LYS A NZ  1 
ATOM   995  N N   . LYS A 1 126 ? -11.545 -3.107  1.992   1.00 12.82 ? 126 LYS A N   1 
ATOM   996  C CA  . LYS A 1 126 ? -10.889 -3.742  3.131   1.00 12.65 ? 126 LYS A CA  1 
ATOM   997  C C   . LYS A 1 126 ? -10.727 -5.248  2.997   1.00 14.40 ? 126 LYS A C   1 
ATOM   998  O O   . LYS A 1 126 ? -11.653 -5.949  2.597   1.00 14.42 ? 126 LYS A O   1 
ATOM   999  C CB  . LYS A 1 126 ? -11.671 -3.456  4.417   1.00 16.52 ? 126 LYS A CB  1 
ATOM   1000 C CG  . LYS A 1 126 ? -11.090 -4.138  5.653   1.00 18.92 ? 126 LYS A CG  1 
ATOM   1001 C CD  . LYS A 1 126 ? -11.828 -3.743  6.930   1.00 22.35 ? 126 LYS A CD  1 
ATOM   1002 C CE  . LYS A 1 126 ? -13.275 -4.214  6.911   1.00 26.96 ? 126 LYS A CE  1 
ATOM   1003 N NZ  . LYS A 1 126 ? -14.006 -3.818  8.147   1.00 28.30 ? 126 LYS A NZ  1 
ATOM   1004 N N   . ASN A 1 127 ? -9.537  -5.739  3.328   1.00 12.39 ? 127 ASN A N   1 
ATOM   1005 C CA  . ASN A 1 127 ? -9.271  -7.170  3.309   1.00 14.71 ? 127 ASN A CA  1 
ATOM   1006 C C   . ASN A 1 127 ? -8.776  -7.544  4.697   1.00 16.71 ? 127 ASN A C   1 
ATOM   1007 O O   . ASN A 1 127 ? -7.969  -6.830  5.283   1.00 14.32 ? 127 ASN A O   1 
ATOM   1008 C CB  . ASN A 1 127 ? -8.204  -7.537  2.275   1.00 14.84 ? 127 ASN A CB  1 
ATOM   1009 C CG  . ASN A 1 127 ? -8.748  -7.549  0.863   1.00 14.03 ? 127 ASN A CG  1 
ATOM   1010 O OD1 . ASN A 1 127 ? -9.741  -8.218  0.580   1.00 17.08 ? 127 ASN A OD1 1 
ATOM   1011 N ND2 . ASN A 1 127 ? -8.102  -6.816  -0.030  1.00 12.62 ? 127 ASN A ND2 1 
ATOM   1012 N N   . ILE A 1 128 ? -9.278  -8.655  5.224   1.00 21.55 ? 128 ILE A N   1 
ATOM   1013 C CA  . ILE A 1 128 ? -8.875  -9.126  6.547   1.00 25.21 ? 128 ILE A CA  1 
ATOM   1014 C C   . ILE A 1 128 ? -8.040  -10.388 6.381   1.00 27.08 ? 128 ILE A C   1 
ATOM   1015 O O   . ILE A 1 128 ? -8.449  -11.316 5.678   1.00 29.81 ? 128 ILE A O   1 
ATOM   1016 C CB  . ILE A 1 128 ? -10.106 -9.460  7.428   1.00 25.52 ? 128 ILE A CB  1 
ATOM   1017 C CG1 . ILE A 1 128 ? -10.959 -8.207  7.646   1.00 27.64 ? 128 ILE A CG1 1 
ATOM   1018 C CG2 . ILE A 1 128 ? -9.652  -10.035 8.766   1.00 27.82 ? 128 ILE A CG2 1 
ATOM   1019 C CD1 . ILE A 1 128 ? -10.247 -7.079  8.372   1.00 28.42 ? 128 ILE A CD1 1 
ATOM   1020 N N   . PHE A 1 129 ? -6.872  -10.420 7.018   1.00 25.16 ? 129 PHE A N   1 
ATOM   1021 C CA  . PHE A 1 129 ? -5.986  -11.576 6.938   1.00 24.61 ? 129 PHE A CA  1 
ATOM   1022 C C   . PHE A 1 129 ? -6.507  -12.660 7.873   1.00 24.67 ? 129 PHE A C   1 
ATOM   1023 O O   . PHE A 1 129 ? -6.453  -12.509 9.096   1.00 25.63 ? 129 PHE A O   1 
ATOM   1024 C CB  . PHE A 1 129 ? -4.562  -11.200 7.358   1.00 24.01 ? 129 PHE A CB  1 
ATOM   1025 C CG  . PHE A 1 129 ? -3.977  -10.052 6.582   1.00 23.21 ? 129 PHE A CG  1 
ATOM   1026 C CD1 . PHE A 1 129 ? -3.822  -10.129 5.201   1.00 26.53 ? 129 PHE A CD1 1 
ATOM   1027 C CD2 . PHE A 1 129 ? -3.576  -8.893  7.233   1.00 21.48 ? 129 PHE A CD2 1 
ATOM   1028 C CE1 . PHE A 1 129 ? -3.275  -9.064  4.484   1.00 25.11 ? 129 PHE A CE1 1 
ATOM   1029 C CE2 . PHE A 1 129 ? -3.031  -7.827  6.526   1.00 19.55 ? 129 PHE A CE2 1 
ATOM   1030 C CZ  . PHE A 1 129 ? -2.880  -7.910  5.150   1.00 21.32 ? 129 PHE A CZ  1 
ATOM   1031 N N   . GLU A 1 130 ? -7.012  -13.749 7.302   1.00 21.64 ? 130 GLU A N   1 
ATOM   1032 C CA  . GLU A 1 130 ? -7.541  -14.842 8.113   1.00 21.04 ? 130 GLU A CA  1 
ATOM   1033 C C   . GLU A 1 130 ? -6.485  -15.328 9.097   1.00 19.35 ? 130 GLU A C   1 
ATOM   1034 O O   . GLU A 1 130 ? -6.808  -15.815 10.182  1.00 19.75 ? 130 GLU A O   1 
ATOM   1035 C CB  . GLU A 1 130 ? -7.985  -16.007 7.225   1.00 19.30 ? 130 GLU A CB  1 
ATOM   1036 C CG  . GLU A 1 130 ? -8.999  -15.633 6.167   1.00 24.03 ? 130 GLU A CG  1 
ATOM   1037 C CD  . GLU A 1 130 ? -9.468  -16.832 5.376   1.00 25.82 ? 130 GLU A CD  1 
ATOM   1038 O OE1 . GLU A 1 130 ? -9.829  -16.658 4.194   1.00 27.21 ? 130 GLU A OE1 1 
ATOM   1039 O OE2 . GLU A 1 130 ? -9.487  -17.950 5.937   1.00 28.05 ? 130 GLU A OE2 1 
ATOM   1040 N N   . THR A 1 131 ? -5.222  -15.198 8.706   1.00 18.79 ? 131 THR A N   1 
ATOM   1041 C CA  . THR A 1 131 ? -4.107  -15.609 9.551   1.00 17.75 ? 131 THR A CA  1 
ATOM   1042 C C   . THR A 1 131 ? -3.221  -14.389 9.790   1.00 16.39 ? 131 THR A C   1 
ATOM   1043 O O   . THR A 1 131 ? -2.284  -14.138 9.038   1.00 16.95 ? 131 THR A O   1 
ATOM   1044 C CB  . THR A 1 131 ? -3.269  -16.721 8.871   1.00 19.67 ? 131 THR A CB  1 
ATOM   1045 O OG1 . THR A 1 131 ? -4.124  -17.813 8.516   1.00 22.56 ? 131 THR A OG1 1 
ATOM   1046 C CG2 . THR A 1 131 ? -2.198  -17.237 9.815   1.00 21.05 ? 131 THR A CG2 1 
ATOM   1047 N N   . PRO A 1 132 ? -3.523  -13.605 10.839  1.00 15.63 ? 132 PRO A N   1 
ATOM   1048 C CA  . PRO A 1 132 ? -2.746  -12.407 11.165  1.00 14.86 ? 132 PRO A CA  1 
ATOM   1049 C C   . PRO A 1 132 ? -1.261  -12.708 11.319  1.00 15.61 ? 132 PRO A C   1 
ATOM   1050 O O   . PRO A 1 132 ? -0.872  -13.822 11.672  1.00 16.11 ? 132 PRO A O   1 
ATOM   1051 C CB  . PRO A 1 132 ? -3.373  -11.938 12.477  1.00 13.92 ? 132 PRO A CB  1 
ATOM   1052 C CG  . PRO A 1 132 ? -4.789  -12.390 12.357  1.00 15.19 ? 132 PRO A CG  1 
ATOM   1053 C CD  . PRO A 1 132 ? -4.635  -13.779 11.789  1.00 15.85 ? 132 PRO A CD  1 
ATOM   1054 N N   . PHE A 1 133 ? -0.428  -11.712 11.044  1.00 14.67 ? 133 PHE A N   1 
ATOM   1055 C CA  . PHE A 1 133 ? 1.005   -11.895 11.196  1.00 14.14 ? 133 PHE A CA  1 
ATOM   1056 C C   . PHE A 1 133 ? 1.564   -10.800 12.081  1.00 14.23 ? 133 PHE A C   1 
ATOM   1057 O O   . PHE A 1 133 ? 0.970   -9.729  12.216  1.00 14.56 ? 133 PHE A O   1 
ATOM   1058 C CB  . PHE A 1 133 ? 1.701   -11.893 9.831   1.00 13.84 ? 133 PHE A CB  1 
ATOM   1059 C CG  . PHE A 1 133 ? 1.420   -10.675 9.003   1.00 14.27 ? 133 PHE A CG  1 
ATOM   1060 C CD1 . PHE A 1 133 ? 2.137   -9.498  9.200   1.00 12.05 ? 133 PHE A CD1 1 
ATOM   1061 C CD2 . PHE A 1 133 ? 0.436   -10.704 8.018   1.00 12.13 ? 133 PHE A CD2 1 
ATOM   1062 C CE1 . PHE A 1 133 ? 1.881   -8.371  8.426   1.00 12.72 ? 133 PHE A CE1 1 
ATOM   1063 C CE2 . PHE A 1 133 ? 0.176   -9.585  7.246   1.00 14.65 ? 133 PHE A CE2 1 
ATOM   1064 C CZ  . PHE A 1 133 ? 0.900   -8.415  7.449   1.00 13.38 ? 133 PHE A CZ  1 
ATOM   1065 N N   . GLN A 1 134 ? 2.697   -11.092 12.703  1.00 12.92 ? 134 GLN A N   1 
ATOM   1066 C CA  . GLN A 1 134 ? 3.365   -10.148 13.575  1.00 12.38 ? 134 GLN A CA  1 
ATOM   1067 C C   . GLN A 1 134 ? 4.543   -9.606  12.783  1.00 13.34 ? 134 GLN A C   1 
ATOM   1068 O O   . GLN A 1 134 ? 5.346   -10.380 12.254  1.00 13.05 ? 134 GLN A O   1 
ATOM   1069 C CB  . GLN A 1 134 ? 3.860   -10.860 14.831  1.00 13.04 ? 134 GLN A CB  1 
ATOM   1070 C CG  . GLN A 1 134 ? 4.471   -9.929  15.862  1.00 12.22 ? 134 GLN A CG  1 
ATOM   1071 C CD  . GLN A 1 134 ? 4.912   -10.675 17.098  1.00 14.02 ? 134 GLN A CD  1 
ATOM   1072 O OE1 . GLN A 1 134 ? 5.745   -11.578 17.020  1.00 15.47 ? 134 GLN A OE1 1 
ATOM   1073 N NE2 . GLN A 1 134 ? 4.353   -10.310 18.245  1.00 13.87 ? 134 GLN A NE2 1 
ATOM   1074 N N   . ALA A 1 135 ? 4.654   -8.285  12.698  1.00 10.47 ? 135 ALA A N   1 
ATOM   1075 C CA  . ALA A 1 135 ? 5.742   -7.689  11.935  1.00 12.02 ? 135 ALA A CA  1 
ATOM   1076 C C   . ALA A 1 135 ? 5.875   -6.191  12.151  1.00 12.77 ? 135 ALA A C   1 
ATOM   1077 O O   . ALA A 1 135 ? 4.947   -5.534  12.621  1.00 12.82 ? 135 ALA A O   1 
ATOM   1078 C CB  . ALA A 1 135 ? 5.539   -7.970  10.448  1.00 14.59 ? 135 ALA A CB  1 
ATOM   1079 N N   . ARG A 1 136 ? 7.044   -5.658  11.806  1.00 12.83 ? 136 ARG A N   1 
ATOM   1080 C CA  . ARG A 1 136 ? 7.277   -4.226  11.906  1.00 13.57 ? 136 ARG A CA  1 
ATOM   1081 C C   . ARG A 1 136 ? 7.117   -3.603  10.521  1.00 12.74 ? 136 ARG A C   1 
ATOM   1082 O O   . ARG A 1 136 ? 6.619   -2.487  10.390  1.00 12.72 ? 136 ARG A O   1 
ATOM   1083 C CB  . ARG A 1 136 ? 8.682   -3.913  12.437  1.00 13.84 ? 136 ARG A CB  1 
ATOM   1084 C CG  . ARG A 1 136 ? 9.014   -2.427  12.296  1.00 13.10 ? 136 ARG A CG  1 
ATOM   1085 C CD  . ARG A 1 136 ? 10.310  -1.996  12.958  1.00 13.62 ? 136 ARG A CD  1 
ATOM   1086 N NE  . ARG A 1 136 ? 10.591  -0.615  12.569  1.00 12.99 ? 136 ARG A NE  1 
ATOM   1087 C CZ  . ARG A 1 136 ? 11.538  0.154   13.095  1.00 15.89 ? 136 ARG A CZ  1 
ATOM   1088 N NH1 . ARG A 1 136 ? 12.323  -0.310  14.056  1.00 15.10 ? 136 ARG A NH1 1 
ATOM   1089 N NH2 . ARG A 1 136 ? 11.699  1.393   12.646  1.00 14.99 ? 136 ARG A NH2 1 
ATOM   1090 N N   . PHE A 1 137 ? 7.544   -4.334  9.491   1.00 11.14 ? 137 PHE A N   1 
ATOM   1091 C CA  . PHE A 1 137 ? 7.466   -3.853  8.113   1.00 12.47 ? 137 PHE A CA  1 
ATOM   1092 C C   . PHE A 1 137 ? 6.477   -4.627  7.259   1.00 12.24 ? 137 PHE A C   1 
ATOM   1093 O O   . PHE A 1 137 ? 6.388   -5.849  7.347   1.00 12.93 ? 137 PHE A O   1 
ATOM   1094 C CB  . PHE A 1 137 ? 8.823   -3.950  7.417   1.00 12.93 ? 137 PHE A CB  1 
ATOM   1095 C CG  . PHE A 1 137 ? 9.895   -3.118  8.044   1.00 13.67 ? 137 PHE A CG  1 
ATOM   1096 C CD1 . PHE A 1 137 ? 10.561  -3.556  9.184   1.00 14.65 ? 137 PHE A CD1 1 
ATOM   1097 C CD2 . PHE A 1 137 ? 10.253  -1.899  7.480   1.00 14.48 ? 137 PHE A CD2 1 
ATOM   1098 C CE1 . PHE A 1 137 ? 11.576  -2.787  9.755   1.00 13.56 ? 137 PHE A CE1 1 
ATOM   1099 C CE2 . PHE A 1 137 ? 11.263  -1.126  8.040   1.00 14.73 ? 137 PHE A CE2 1 
ATOM   1100 C CZ  . PHE A 1 137 ? 11.926  -1.571  9.179   1.00 14.45 ? 137 PHE A CZ  1 
ATOM   1101 N N   . VAL A 1 138 ? 5.776   -3.904  6.394   1.00 12.59 ? 138 VAL A N   1 
ATOM   1102 C CA  . VAL A 1 138 ? 4.801   -4.506  5.499   1.00 12.34 ? 138 VAL A CA  1 
ATOM   1103 C C   . VAL A 1 138 ? 4.956   -3.921  4.101   1.00 12.33 ? 138 VAL A C   1 
ATOM   1104 O O   . VAL A 1 138 ? 5.097   -2.710  3.946   1.00 13.26 ? 138 VAL A O   1 
ATOM   1105 C CB  . VAL A 1 138 ? 3.346   -4.207  5.961   1.00 13.05 ? 138 VAL A CB  1 
ATOM   1106 C CG1 . VAL A 1 138 ? 2.350   -4.776  4.959   1.00 13.93 ? 138 VAL A CG1 1 
ATOM   1107 C CG2 . VAL A 1 138 ? 3.099   -4.781  7.344   1.00 14.19 ? 138 VAL A CG2 1 
ATOM   1108 N N   . ARG A 1 139 ? 4.987   -4.762  3.077   1.00 12.38 ? 139 ARG A N   1 
ATOM   1109 C CA  . ARG A 1 139 ? 5.018   -4.188  1.745   1.00 13.06 ? 139 ARG A CA  1 
ATOM   1110 C C   . ARG A 1 139 ? 3.849   -4.719  0.937   1.00 13.03 ? 139 ARG A C   1 
ATOM   1111 O O   . ARG A 1 139 ? 3.424   -5.868  1.090   1.00 13.26 ? 139 ARG A O   1 
ATOM   1112 C CB  . ARG A 1 139 ? 6.370   -4.372  1.019   1.00 20.21 ? 139 ARG A CB  1 
ATOM   1113 C CG  . ARG A 1 139 ? 6.946   -5.752  0.868   1.00 24.22 ? 139 ARG A CG  1 
ATOM   1114 C CD  . ARG A 1 139 ? 8.191   -5.679  -0.050  1.00 26.18 ? 139 ARG A CD  1 
ATOM   1115 N NE  . ARG A 1 139 ? 9.217   -4.736  0.413   1.00 25.54 ? 139 ARG A NE  1 
ATOM   1116 C CZ  . ARG A 1 139 ? 10.390  -4.537  -0.195  1.00 24.73 ? 139 ARG A CZ  1 
ATOM   1117 N NH1 . ARG A 1 139 ? 10.698  -5.202  -1.299  1.00 21.37 ? 139 ARG A NH1 1 
ATOM   1118 N NH2 . ARG A 1 139 ? 11.272  -3.686  0.309   1.00 27.69 ? 139 ARG A NH2 1 
ATOM   1119 N N   . ILE A 1 140 ? 3.283   -3.828  0.137   1.00 12.71 ? 140 ILE A N   1 
ATOM   1120 C CA  . ILE A 1 140 ? 2.157   -4.142  -0.723  1.00 12.92 ? 140 ILE A CA  1 
ATOM   1121 C C   . ILE A 1 140 ? 2.742   -4.282  -2.116  1.00 13.45 ? 140 ILE A C   1 
ATOM   1122 O O   . ILE A 1 140 ? 3.402   -3.370  -2.616  1.00 14.73 ? 140 ILE A O   1 
ATOM   1123 C CB  . ILE A 1 140 ? 1.120   -3.012  -0.693  1.00 14.72 ? 140 ILE A CB  1 
ATOM   1124 C CG1 . ILE A 1 140 ? 0.574   -2.863  0.730   1.00 16.91 ? 140 ILE A CG1 1 
ATOM   1125 C CG2 . ILE A 1 140 ? -0.003  -3.302  -1.677  1.00 13.66 ? 140 ILE A CG2 1 
ATOM   1126 C CD1 . ILE A 1 140 ? -0.283  -1.630  0.936   1.00 23.04 ? 140 ILE A CD1 1 
ATOM   1127 N N   . GLN A 1 141 ? 2.508   -5.437  -2.727  1.00 13.33 ? 141 GLN A N   1 
ATOM   1128 C CA  . GLN A 1 141 ? 3.037   -5.747  -4.046  1.00 14.66 ? 141 GLN A CA  1 
ATOM   1129 C C   . GLN A 1 141 ? 1.940   -5.847  -5.105  1.00 13.43 ? 141 GLN A C   1 
ATOM   1130 O O   . GLN A 1 141 ? 1.298   -6.885  -5.248  1.00 13.66 ? 141 GLN A O   1 
ATOM   1131 C CB  . GLN A 1 141 ? 3.808   -7.067  -3.958  1.00 17.00 ? 141 GLN A CB  1 
ATOM   1132 C CG  . GLN A 1 141 ? 4.858   -7.064  -2.839  1.00 19.87 ? 141 GLN A CG  1 
ATOM   1133 C CD  . GLN A 1 141 ? 5.269   -8.459  -2.395  1.00 22.86 ? 141 GLN A CD  1 
ATOM   1134 O OE1 . GLN A 1 141 ? 4.438   -9.256  -1.955  1.00 23.05 ? 141 GLN A OE1 1 
ATOM   1135 N NE2 . GLN A 1 141 ? 6.559   -8.752  -2.493  1.00 24.93 ? 141 GLN A NE2 1 
ATOM   1136 N N   . PRO A 1 142 ? 1.711   -4.759  -5.860  1.00 14.58 ? 142 PRO A N   1 
ATOM   1137 C CA  . PRO A 1 142 ? 0.683   -4.735  -6.908  1.00 15.04 ? 142 PRO A CA  1 
ATOM   1138 C C   . PRO A 1 142 ? 0.856   -5.838  -7.956  1.00 15.38 ? 142 PRO A C   1 
ATOM   1139 O O   . PRO A 1 142 ? 1.957   -6.064  -8.454  1.00 16.50 ? 142 PRO A O   1 
ATOM   1140 C CB  . PRO A 1 142 ? 0.836   -3.338  -7.510  1.00 14.48 ? 142 PRO A CB  1 
ATOM   1141 C CG  . PRO A 1 142 ? 1.309   -2.523  -6.337  1.00 16.51 ? 142 PRO A CG  1 
ATOM   1142 C CD  . PRO A 1 142 ? 2.343   -3.434  -5.720  1.00 15.12 ? 142 PRO A CD  1 
ATOM   1143 N N   . VAL A 1 143 ? -0.245  -6.516  -8.279  1.00 14.37 ? 143 VAL A N   1 
ATOM   1144 C CA  . VAL A 1 143 ? -0.248  -7.595  -9.267  1.00 16.24 ? 143 VAL A CA  1 
ATOM   1145 C C   . VAL A 1 143 ? -1.061  -7.182  -10.498 1.00 15.16 ? 143 VAL A C   1 
ATOM   1146 O O   . VAL A 1 143 ? -0.794  -7.629  -11.617 1.00 15.48 ? 143 VAL A O   1 
ATOM   1147 C CB  . VAL A 1 143 ? -0.861  -8.888  -8.664  1.00 18.48 ? 143 VAL A CB  1 
ATOM   1148 C CG1 . VAL A 1 143 ? -0.999  -9.958  -9.739  1.00 20.52 ? 143 VAL A CG1 1 
ATOM   1149 C CG2 . VAL A 1 143 ? 0.011   -9.392  -7.525  1.00 21.41 ? 143 VAL A CG2 1 
ATOM   1150 N N   . ALA A 1 144 ? -2.068  -6.339  -10.286 1.00 13.87 ? 144 ALA A N   1 
ATOM   1151 C CA  . ALA A 1 144 ? -2.906  -5.862  -11.384 1.00 13.84 ? 144 ALA A CA  1 
ATOM   1152 C C   . ALA A 1 144 ? -3.338  -4.446  -11.046 1.00 14.21 ? 144 ALA A C   1 
ATOM   1153 O O   . ALA A 1 144 ? -3.444  -4.091  -9.873  1.00 14.02 ? 144 ALA A O   1 
ATOM   1154 C CB  . ALA A 1 144 ? -4.118  -6.762  -11.565 1.00 15.11 ? 144 ALA A CB  1 
ATOM   1155 N N   . TRP A 1 145 ? -3.602  -3.646  -12.071 1.00 13.70 ? 145 TRP A N   1 
ATOM   1156 C CA  . TRP A 1 145 ? -3.972  -2.250  -11.859 1.00 15.01 ? 145 TRP A CA  1 
ATOM   1157 C C   . TRP A 1 145 ? -4.770  -1.686  -13.028 1.00 15.15 ? 145 TRP A C   1 
ATOM   1158 O O   . TRP A 1 145 ? -4.863  -2.305  -14.083 1.00 16.48 ? 145 TRP A O   1 
ATOM   1159 C CB  . TRP A 1 145 ? -2.687  -1.435  -11.684 1.00 14.78 ? 145 TRP A CB  1 
ATOM   1160 C CG  . TRP A 1 145 ? -1.707  -1.701  -12.795 1.00 16.46 ? 145 TRP A CG  1 
ATOM   1161 C CD1 . TRP A 1 145 ? -1.689  -1.123  -14.035 1.00 17.97 ? 145 TRP A CD1 1 
ATOM   1162 C CD2 . TRP A 1 145 ? -0.659  -2.679  -12.796 1.00 17.43 ? 145 TRP A CD2 1 
ATOM   1163 N NE1 . TRP A 1 145 ? -0.699  -1.685  -14.808 1.00 18.93 ? 145 TRP A NE1 1 
ATOM   1164 C CE2 . TRP A 1 145 ? -0.053  -2.643  -14.073 1.00 18.36 ? 145 TRP A CE2 1 
ATOM   1165 C CE3 . TRP A 1 145 ? -0.176  -3.586  -11.843 1.00 18.62 ? 145 TRP A CE3 1 
ATOM   1166 C CZ2 . TRP A 1 145 ? 1.014   -3.480  -14.421 1.00 20.67 ? 145 TRP A CZ2 1 
ATOM   1167 C CZ3 . TRP A 1 145 ? 0.887   -4.420  -12.191 1.00 19.43 ? 145 TRP A CZ3 1 
ATOM   1168 C CH2 . TRP A 1 145 ? 1.468   -4.359  -13.469 1.00 19.42 ? 145 TRP A CH2 1 
ATOM   1169 N N   . HIS A 1 146 ? -5.336  -0.501  -12.824 1.00 15.02 ? 146 HIS A N   1 
ATOM   1170 C CA  . HIS A 1 146 ? -6.099  0.184   -13.859 1.00 16.22 ? 146 HIS A CA  1 
ATOM   1171 C C   . HIS A 1 146 ? -5.427  1.532   -14.116 1.00 16.64 ? 146 HIS A C   1 
ATOM   1172 O O   . HIS A 1 146 ? -5.327  2.363   -13.214 1.00 18.17 ? 146 HIS A O   1 
ATOM   1173 C CB  . HIS A 1 146 ? -7.541  0.405   -13.403 1.00 16.70 ? 146 HIS A CB  1 
ATOM   1174 C CG  . HIS A 1 146 ? -8.414  1.020   -14.450 1.00 18.63 ? 146 HIS A CG  1 
ATOM   1175 N ND1 . HIS A 1 146 ? -8.826  0.332   -15.572 1.00 19.43 ? 146 HIS A ND1 1 
ATOM   1176 C CD2 . HIS A 1 146 ? -8.924  2.269   -14.565 1.00 21.33 ? 146 HIS A CD2 1 
ATOM   1177 C CE1 . HIS A 1 146 ? -9.553  1.131   -16.332 1.00 19.60 ? 146 HIS A CE1 1 
ATOM   1178 N NE2 . HIS A 1 146 ? -9.628  2.312   -15.744 1.00 19.71 ? 146 HIS A NE2 1 
ATOM   1179 N N   . ASN A 1 147 ? -4.974  1.731   -15.353 1.00 18.58 ? 147 ASN A N   1 
ATOM   1180 C CA  . ASN A 1 147 ? -4.285  2.948   -15.783 1.00 17.89 ? 147 ASN A CA  1 
ATOM   1181 C C   . ASN A 1 147 ? -2.915  3.130   -15.131 1.00 18.28 ? 147 ASN A C   1 
ATOM   1182 O O   . ASN A 1 147 ? -1.899  3.171   -15.822 1.00 19.30 ? 147 ASN A O   1 
ATOM   1183 C CB  . ASN A 1 147 ? -5.155  4.192   -15.546 1.00 19.36 ? 147 ASN A CB  1 
ATOM   1184 C CG  . ASN A 1 147 ? -6.239  4.353   -16.602 1.00 22.15 ? 147 ASN A CG  1 
ATOM   1185 O OD1 . ASN A 1 147 ? -6.035  4.015   -17.771 1.00 24.67 ? 147 ASN A OD1 1 
ATOM   1186 N ND2 . ASN A 1 147 ? -7.388  4.885   -16.201 1.00 22.73 ? 147 ASN A ND2 1 
ATOM   1187 N N   . ARG A 1 148 ? -2.887  3.235   -13.807 1.00 17.69 ? 148 ARG A N   1 
ATOM   1188 C CA  . ARG A 1 148 ? -1.629  3.403   -13.086 1.00 17.22 ? 148 ARG A CA  1 
ATOM   1189 C C   . ARG A 1 148 ? -1.658  2.702   -11.734 1.00 16.52 ? 148 ARG A C   1 
ATOM   1190 O O   . ARG A 1 148 ? -2.722  2.465   -11.173 1.00 15.47 ? 148 ARG A O   1 
ATOM   1191 C CB  . ARG A 1 148 ? -1.347  4.892   -12.856 1.00 20.32 ? 148 ARG A CB  1 
ATOM   1192 C CG  . ARG A 1 148 ? -0.812  5.646   -14.058 1.00 25.43 ? 148 ARG A CG  1 
ATOM   1193 C CD  . ARG A 1 148 ? 0.699   5.556   -14.092 1.00 32.34 ? 148 ARG A CD  1 
ATOM   1194 N NE  . ARG A 1 148 ? 1.289   6.455   -15.074 1.00 38.04 ? 148 ARG A NE  1 
ATOM   1195 C CZ  . ARG A 1 148 ? 2.595   6.661   -15.193 1.00 39.21 ? 148 ARG A CZ  1 
ATOM   1196 N NH1 . ARG A 1 148 ? 3.440   6.031   -14.388 1.00 40.36 ? 148 ARG A NH1 1 
ATOM   1197 N NH2 . ARG A 1 148 ? 3.055   7.492   -16.118 1.00 41.43 ? 148 ARG A NH2 1 
ATOM   1198 N N   . ILE A 1 149 ? -0.478  2.367   -11.223 1.00 16.30 ? 149 ILE A N   1 
ATOM   1199 C CA  . ILE A 1 149 ? -0.369  1.736   -9.914  1.00 15.31 ? 149 ILE A CA  1 
ATOM   1200 C C   . ILE A 1 149 ? -0.441  2.891   -8.920  1.00 15.86 ? 149 ILE A C   1 
ATOM   1201 O O   . ILE A 1 149 ? 0.537   3.615   -8.720  1.00 16.38 ? 149 ILE A O   1 
ATOM   1202 C CB  . ILE A 1 149 ? 0.968   0.987   -9.770  1.00 16.41 ? 149 ILE A CB  1 
ATOM   1203 C CG1 . ILE A 1 149 ? 0.953   -0.250  -10.674 1.00 17.37 ? 149 ILE A CG1 1 
ATOM   1204 C CG2 . ILE A 1 149 ? 1.210   0.602   -8.312  1.00 15.31 ? 149 ILE A CG2 1 
ATOM   1205 C CD1 . ILE A 1 149 ? 2.276   -0.999  -10.732 1.00 17.91 ? 149 ILE A CD1 1 
ATOM   1206 N N   . THR A 1 150 ? -1.608  3.065   -8.311  1.00 14.67 ? 150 THR A N   1 
ATOM   1207 C CA  . THR A 1 150 ? -1.827  4.156   -7.367  1.00 14.65 ? 150 THR A CA  1 
ATOM   1208 C C   . THR A 1 150 ? -2.475  3.649   -6.085  1.00 14.61 ? 150 THR A C   1 
ATOM   1209 O O   . THR A 1 150 ? -3.435  2.880   -6.126  1.00 14.85 ? 150 THR A O   1 
ATOM   1210 C CB  . THR A 1 150 ? -2.711  5.242   -8.016  1.00 15.20 ? 150 THR A CB  1 
ATOM   1211 O OG1 . THR A 1 150 ? -2.053  5.750   -9.186  1.00 16.37 ? 150 THR A OG1 1 
ATOM   1212 C CG2 . THR A 1 150 ? -2.966  6.381   -7.046  1.00 17.50 ? 150 THR A CG2 1 
ATOM   1213 N N   . LEU A 1 151 ? -1.957  4.094   -4.944  1.00 14.66 ? 151 LEU A N   1 
ATOM   1214 C CA  . LEU A 1 151 ? -2.471  3.637   -3.659  1.00 12.86 ? 151 LEU A CA  1 
ATOM   1215 C C   . LEU A 1 151 ? -2.577  4.665   -2.541  1.00 13.39 ? 151 LEU A C   1 
ATOM   1216 O O   . LEU A 1 151 ? -1.793  5.603   -2.454  1.00 15.04 ? 151 LEU A O   1 
ATOM   1217 C CB  . LEU A 1 151 ? -1.578  2.522   -3.106  1.00 14.89 ? 151 LEU A CB  1 
ATOM   1218 C CG  . LEU A 1 151 ? -1.553  1.088   -3.609  1.00 14.88 ? 151 LEU A CG  1 
ATOM   1219 C CD1 . LEU A 1 151 ? -0.386  0.362   -2.922  1.00 13.34 ? 151 LEU A CD1 1 
ATOM   1220 C CD2 . LEU A 1 151 ? -2.877  0.404   -3.295  1.00 13.84 ? 151 LEU A CD2 1 
ATOM   1221 N N   . ARG A 1 152 ? -3.567  4.441   -1.687  1.00 13.57 ? 152 ARG A N   1 
ATOM   1222 C CA  . ARG A 1 152 ? -3.786  5.199   -0.463  1.00 13.23 ? 152 ARG A CA  1 
ATOM   1223 C C   . ARG A 1 152 ? -4.056  4.009   0.447   1.00 13.83 ? 152 ARG A C   1 
ATOM   1224 O O   . ARG A 1 152 ? -4.829  3.120   0.085   1.00 13.34 ? 152 ARG A O   1 
ATOM   1225 C CB  . ARG A 1 152 ? -4.991  6.125   -0.566  1.00 13.06 ? 152 ARG A CB  1 
ATOM   1226 C CG  . ARG A 1 152 ? -4.606  7.519   -1.040  1.00 12.43 ? 152 ARG A CG  1 
ATOM   1227 C CD  . ARG A 1 152 ? -5.797  8.459   -1.003  1.00 12.98 ? 152 ARG A CD  1 
ATOM   1228 N NE  . ARG A 1 152 ? -6.813  8.098   -1.987  1.00 12.69 ? 152 ARG A NE  1 
ATOM   1229 C CZ  . ARG A 1 152 ? -8.016  8.660   -2.049  1.00 12.92 ? 152 ARG A CZ  1 
ATOM   1230 N NH1 . ARG A 1 152 ? -8.350  9.607   -1.181  1.00 14.43 ? 152 ARG A NH1 1 
ATOM   1231 N NH2 . ARG A 1 152 ? -8.887  8.277   -2.975  1.00 16.33 ? 152 ARG A NH2 1 
ATOM   1232 N N   . VAL A 1 153 ? -3.408  3.970   1.607   1.00 13.36 ? 153 VAL A N   1 
ATOM   1233 C CA  . VAL A 1 153 ? -3.537  2.813   2.482   1.00 14.10 ? 153 VAL A CA  1 
ATOM   1234 C C   . VAL A 1 153 ? -3.693  3.081   3.971   1.00 13.15 ? 153 VAL A C   1 
ATOM   1235 O O   . VAL A 1 153 ? -3.402  4.166   4.465   1.00 14.46 ? 153 VAL A O   1 
ATOM   1236 C CB  . VAL A 1 153 ? -2.277  1.905   2.324   1.00 14.94 ? 153 VAL A CB  1 
ATOM   1237 C CG1 . VAL A 1 153 ? -2.402  0.646   3.168   1.00 16.35 ? 153 VAL A CG1 1 
ATOM   1238 C CG2 . VAL A 1 153 ? -2.061  1.556   0.863   1.00 17.14 ? 153 VAL A CG2 1 
ATOM   1239 N N   . GLU A 1 154 ? -4.175  2.057   4.666   1.00 14.04 ? 154 GLU A N   1 
ATOM   1240 C CA  . GLU A 1 154 ? -4.286  2.040   6.116   1.00 12.98 ? 154 GLU A CA  1 
ATOM   1241 C C   . GLU A 1 154 ? -4.130  0.572   6.483   1.00 12.15 ? 154 GLU A C   1 
ATOM   1242 O O   . GLU A 1 154 ? -4.664  -0.309  5.800   1.00 11.12 ? 154 GLU A O   1 
ATOM   1243 C CB  . GLU A 1 154 ? -5.635  2.544   6.625   1.00 13.77 ? 154 GLU A CB  1 
ATOM   1244 C CG  . GLU A 1 154 ? -5.712  2.567   8.156   1.00 14.25 ? 154 GLU A CG  1 
ATOM   1245 C CD  . GLU A 1 154 ? -4.576  3.360   8.796   1.00 16.69 ? 154 GLU A CD  1 
ATOM   1246 O OE1 . GLU A 1 154 ? -3.467  2.808   8.973   1.00 15.53 ? 154 GLU A OE1 1 
ATOM   1247 O OE2 . GLU A 1 154 ? -4.788  4.546   9.115   1.00 19.35 ? 154 GLU A OE2 1 
ATOM   1248 N N   . LEU A 1 155 ? -3.361  0.301   7.528   1.00 12.15 ? 155 LEU A N   1 
ATOM   1249 C CA  . LEU A 1 155 ? -3.184  -1.068  7.983   1.00 11.32 ? 155 LEU A CA  1 
ATOM   1250 C C   . LEU A 1 155 ? -3.941  -1.208  9.297   1.00 13.18 ? 155 LEU A C   1 
ATOM   1251 O O   . LEU A 1 155 ? -4.031  -0.255  10.073  1.00 14.38 ? 155 LEU A O   1 
ATOM   1252 C CB  . LEU A 1 155 ? -1.696  -1.394  8.156   1.00 13.65 ? 155 LEU A CB  1 
ATOM   1253 C CG  . LEU A 1 155 ? -0.909  -1.483  6.843   1.00 14.39 ? 155 LEU A CG  1 
ATOM   1254 C CD1 . LEU A 1 155 ? 0.567   -1.691  7.145   1.00 17.20 ? 155 LEU A CD1 1 
ATOM   1255 C CD2 . LEU A 1 155 ? -1.444  -2.628  5.993   1.00 16.12 ? 155 LEU A CD2 1 
ATOM   1256 N N   . LEU A 1 156 ? -4.511  -2.384  9.526   1.00 11.19 ? 156 LEU A N   1 
ATOM   1257 C CA  . LEU A 1 156 ? -5.299  -2.633  10.730  1.00 13.13 ? 156 LEU A CA  1 
ATOM   1258 C C   . LEU A 1 156 ? -4.639  -3.663  11.636  1.00 13.63 ? 156 LEU A C   1 
ATOM   1259 O O   . LEU A 1 156 ? -3.989  -4.595  11.165  1.00 13.74 ? 156 LEU A O   1 
ATOM   1260 C CB  . LEU A 1 156 ? -6.695  -3.122  10.336  1.00 13.84 ? 156 LEU A CB  1 
ATOM   1261 C CG  . LEU A 1 156 ? -7.461  -2.225  9.361   1.00 14.12 ? 156 LEU A CG  1 
ATOM   1262 C CD1 . LEU A 1 156 ? -8.767  -2.900  8.952   1.00 15.17 ? 156 LEU A CD1 1 
ATOM   1263 C CD2 . LEU A 1 156 ? -7.728  -0.878  10.018  1.00 14.49 ? 156 LEU A CD2 1 
ATOM   1264 N N   . GLY A 1 157 ? -4.813  -3.497  12.942  1.00 13.98 ? 157 GLY A N   1 
ATOM   1265 C CA  . GLY A 1 157 ? -4.218  -4.434  13.873  1.00 13.82 ? 157 GLY A CA  1 
ATOM   1266 C C   . GLY A 1 157 ? -4.106  -3.855  15.266  1.00 13.95 ? 157 GLY A C   1 
ATOM   1267 O O   . GLY A 1 157 ? -4.960  -3.075  15.695  1.00 16.45 ? 157 GLY A O   1 
ATOM   1268 N N   . CYS A 1 158 ? -3.046  -4.226  15.975  1.00 13.94 ? 158 CYS A N   1 
ATOM   1269 C CA  . CYS A 1 158 ? -2.841  -3.736  17.332  1.00 14.24 ? 158 CYS A CA  1 
ATOM   1270 C C   . CYS A 1 158 ? -1.419  -3.994  17.808  1.00 14.19 ? 158 CYS A C   1 
ATOM   1271 O O   . CYS A 1 158 ? -0.983  -3.298  18.752  1.00 15.23 ? 158 CYS A O   1 
ATOM   1272 C CB  . CYS A 1 158 ? -3.837  -4.400  18.290  1.00 16.69 ? 158 CYS A CB  1 
ATOM   1273 S SG  . CYS A 1 158 ? -3.708  -6.215  18.439  1.00 17.33 ? 158 CYS A SG  1 
ATOM   1274 O OXT . CYS A 1 158 ? -0.769  -4.896  17.242  1.00 15.28 ? 158 CYS A OXT 1 
HETATM 1275 O O   . HOH B 2 .   ? 9.701   21.562  -9.515  1.00 13.98 ? 159 HOH A O   1 
HETATM 1276 O O   . HOH B 2 .   ? -5.715  1.130   -5.337  1.00 13.11 ? 160 HOH A O   1 
HETATM 1277 O O   . HOH B 2 .   ? -10.517 3.448   -4.356  1.00 16.06 ? 161 HOH A O   1 
HETATM 1278 O O   . HOH B 2 .   ? -9.451  -7.998  -8.038  1.00 12.46 ? 162 HOH A O   1 
HETATM 1279 O O   . HOH B 2 .   ? 1.082   -6.284  18.822  1.00 15.62 ? 163 HOH A O   1 
HETATM 1280 O O   . HOH B 2 .   ? 9.724   -12.140 7.292   1.00 15.61 ? 164 HOH A O   1 
HETATM 1281 O O   . HOH B 2 .   ? -12.534 0.468   -5.066  1.00 12.54 ? 165 HOH A O   1 
HETATM 1282 O O   . HOH B 2 .   ? 0.589   -12.411 -0.521  1.00 16.45 ? 166 HOH A O   1 
HETATM 1283 O O   . HOH B 2 .   ? -7.573  -3.471  -0.494  1.00 15.25 ? 167 HOH A O   1 
HETATM 1284 O O   . HOH B 2 .   ? -4.643  -16.086 -4.285  1.00 14.57 ? 168 HOH A O   1 
HETATM 1285 O O   . HOH B 2 .   ? 9.440   11.972  8.188   1.00 17.31 ? 169 HOH A O   1 
HETATM 1286 O O   . HOH B 2 .   ? -13.909 7.625   5.087   1.00 17.39 ? 170 HOH A O   1 
HETATM 1287 O O   . HOH B 2 .   ? 13.472  -11.820 1.784   1.00 19.73 ? 171 HOH A O   1 
HETATM 1288 O O   . HOH B 2 .   ? -1.873  -18.384 -0.083  1.00 18.14 ? 172 HOH A O   1 
HETATM 1289 O O   . HOH B 2 .   ? 13.894  -1.409  3.565   1.00 20.36 ? 173 HOH A O   1 
HETATM 1290 O O   . HOH B 2 .   ? 0.819   -10.984 16.500  1.00 15.67 ? 174 HOH A O   1 
HETATM 1291 O O   . HOH B 2 .   ? -6.436  -11.287 16.108  1.00 15.39 ? 175 HOH A O   1 
HETATM 1292 O O   . HOH B 2 .   ? 11.290  -6.787  6.629   1.00 13.95 ? 176 HOH A O   1 
HETATM 1293 O O   . HOH B 2 .   ? 1.471   -3.561  19.745  1.00 17.32 ? 177 HOH A O   1 
HETATM 1294 O O   . HOH B 2 .   ? -13.260 -3.606  -4.870  1.00 15.87 ? 178 HOH A O   1 
HETATM 1295 O O   . HOH B 2 .   ? 9.693   2.043   4.718   1.00 16.74 ? 179 HOH A O   1 
HETATM 1296 O O   . HOH B 2 .   ? -6.315  -14.089 4.284   1.00 20.82 ? 180 HOH A O   1 
HETATM 1297 O O   . HOH B 2 .   ? -14.784 6.183   -6.426  1.00 17.52 ? 181 HOH A O   1 
HETATM 1298 O O   . HOH B 2 .   ? 3.963   16.684  -5.432  1.00 18.40 ? 182 HOH A O   1 
HETATM 1299 O O   . HOH B 2 .   ? -16.437 7.422   -2.003  1.00 22.76 ? 183 HOH A O   1 
HETATM 1300 O O   . HOH B 2 .   ? 10.821  2.997   15.915  1.00 22.97 ? 184 HOH A O   1 
HETATM 1301 O O   . HOH B 2 .   ? -9.268  -10.920 0.828   1.00 19.23 ? 185 HOH A O   1 
HETATM 1302 O O   . HOH B 2 .   ? -15.123 -1.816  -1.444  1.00 21.88 ? 186 HOH A O   1 
HETATM 1303 O O   . HOH B 2 .   ? -14.463 -3.322  1.864   1.00 23.02 ? 187 HOH A O   1 
HETATM 1304 O O   . HOH B 2 .   ? -11.042 -3.980  -10.098 1.00 19.32 ? 188 HOH A O   1 
HETATM 1305 O O   . HOH B 2 .   ? 4.667   -2.348  19.232  1.00 21.74 ? 189 HOH A O   1 
HETATM 1306 O O   . HOH B 2 .   ? -12.227 0.583   -14.170 1.00 22.40 ? 190 HOH A O   1 
HETATM 1307 O O   . HOH B 2 .   ? -14.150 -0.815  -12.211 1.00 19.52 ? 191 HOH A O   1 
HETATM 1308 O O   . HOH B 2 .   ? 2.290   -15.951 5.815   1.00 20.06 ? 192 HOH A O   1 
HETATM 1309 O O   . HOH B 2 .   ? 3.864   -13.767 12.255  1.00 23.16 ? 193 HOH A O   1 
HETATM 1310 O O   . HOH B 2 .   ? -16.608 5.674   -4.115  1.00 16.73 ? 194 HOH A O   1 
HETATM 1311 O O   . HOH B 2 .   ? -1.694  -16.039 13.050  1.00 21.62 ? 195 HOH A O   1 
HETATM 1312 O O   . HOH B 2 .   ? -2.970  -4.911  -14.600 1.00 21.30 ? 196 HOH A O   1 
HETATM 1313 O O   . HOH B 2 .   ? 11.014  5.783   -1.243  1.00 20.88 ? 197 HOH A O   1 
HETATM 1314 O O   . HOH B 2 .   ? 5.953   4.887   13.846  1.00 23.38 ? 198 HOH A O   1 
HETATM 1315 O O   . HOH B 2 .   ? 12.670  -9.837  8.749   1.00 19.55 ? 199 HOH A O   1 
HETATM 1316 O O   . HOH B 2 .   ? 8.807   -6.740  -2.763  1.00 21.19 ? 200 HOH A O   1 
HETATM 1317 O O   . HOH B 2 .   ? 7.773   -10.385 10.851  1.00 20.93 ? 201 HOH A O   1 
HETATM 1318 O O   . HOH B 2 .   ? 5.249   2.028   16.310  1.00 26.29 ? 202 HOH A O   1 
HETATM 1319 O O   . HOH B 2 .   ? 0.801   -15.576 -5.989  1.00 22.63 ? 203 HOH A O   1 
HETATM 1320 O O   . HOH B 2 .   ? -10.376 -14.924 0.455   1.00 26.73 ? 204 HOH A O   1 
HETATM 1321 O O   . HOH B 2 .   ? -4.360  5.998   11.324  1.00 22.81 ? 205 HOH A O   1 
HETATM 1322 O O   . HOH B 2 .   ? 7.572   -12.074 15.040  1.00 25.79 ? 206 HOH A O   1 
HETATM 1323 O O   . HOH B 2 .   ? -4.892  -0.090  -17.522 1.00 25.42 ? 207 HOH A O   1 
HETATM 1324 O O   . HOH B 2 .   ? 14.420  -6.443  0.359   1.00 24.27 ? 208 HOH A O   1 
HETATM 1325 O O   . HOH B 2 .   ? -7.820  5.156   9.148   1.00 30.01 ? 209 HOH A O   1 
HETATM 1326 O O   . HOH B 2 .   ? -11.511 4.482   -16.203 1.00 35.87 ? 210 HOH A O   1 
HETATM 1327 O O   . HOH B 2 .   ? 12.561  2.893   8.574   1.00 21.24 ? 211 HOH A O   1 
HETATM 1328 O O   . HOH B 2 .   ? -4.925  10.668  5.450   1.00 22.00 ? 212 HOH A O   1 
HETATM 1329 O O   . HOH B 2 .   ? 10.714  5.773   -3.947  1.00 25.54 ? 213 HOH A O   1 
HETATM 1330 O O   . HOH B 2 .   ? 1.706   -20.376 5.319   1.00 24.44 ? 214 HOH A O   1 
HETATM 1331 O O   . HOH B 2 .   ? 3.145   -15.349 10.264  1.00 27.35 ? 215 HOH A O   1 
HETATM 1332 O O   . HOH B 2 .   ? -0.178  -1.384  -17.798 1.00 27.43 ? 216 HOH A O   1 
HETATM 1333 O O   . HOH B 2 .   ? 9.296   -10.825 18.743  1.00 25.40 ? 217 HOH A O   1 
HETATM 1334 O O   . HOH B 2 .   ? 3.893   -11.865 -1.503  1.00 22.16 ? 218 HOH A O   1 
HETATM 1335 O O   . HOH B 2 .   ? -7.707  11.824  -6.281  1.00 25.30 ? 219 HOH A O   1 
HETATM 1336 O O   . HOH B 2 .   ? -4.826  -17.554 5.921   1.00 32.31 ? 220 HOH A O   1 
HETATM 1337 O O   . HOH B 2 .   ? -7.736  2.685   -19.381 1.00 47.15 ? 221 HOH A O   1 
HETATM 1338 O O   . HOH B 2 .   ? -4.863  15.361  3.331   1.00 38.89 ? 222 HOH A O   1 
HETATM 1339 O O   . HOH B 2 .   ? -13.750 2.924   -11.736 1.00 25.46 ? 223 HOH A O   1 
HETATM 1340 O O   . HOH B 2 .   ? 16.428  -11.276 9.736   1.00 33.50 ? 224 HOH A O   1 
HETATM 1341 O O   . HOH B 2 .   ? -0.676  -7.382  -14.509 1.00 35.74 ? 225 HOH A O   1 
HETATM 1342 O O   . HOH B 2 .   ? -5.169  -23.016 4.678   1.00 31.27 ? 226 HOH A O   1 
HETATM 1343 O O   . HOH B 2 .   ? 12.381  -12.848 7.203   1.00 27.08 ? 227 HOH A O   1 
HETATM 1344 O O   . HOH B 2 .   ? 6.365   13.126  8.933   1.00 27.50 ? 228 HOH A O   1 
HETATM 1345 O O   . HOH B 2 .   ? -10.320 -6.228  19.824  1.00 32.31 ? 229 HOH A O   1 
HETATM 1346 O O   . HOH B 2 .   ? 2.860   13.884  12.503  1.00 48.39 ? 230 HOH A O   1 
HETATM 1347 O O   . HOH B 2 .   ? 12.959  -3.845  -5.814  1.00 34.14 ? 231 HOH A O   1 
HETATM 1348 O O   . HOH B 2 .   ? 6.424   -17.096 -2.971  1.00 23.78 ? 232 HOH A O   1 
HETATM 1349 O O   . HOH B 2 .   ? -7.581  -4.301  19.658  1.00 32.81 ? 233 HOH A O   1 
HETATM 1350 O O   . HOH B 2 .   ? -1.093  -0.795  19.158  1.00 28.00 ? 234 HOH A O   1 
HETATM 1351 O O   . HOH B 2 .   ? -4.142  -2.811  -16.566 1.00 32.81 ? 235 HOH A O   1 
HETATM 1352 O O   . HOH B 2 .   ? -12.733 2.245   6.069   1.00 27.35 ? 236 HOH A O   1 
HETATM 1353 O O   . HOH B 2 .   ? 12.350  17.161  -15.347 1.00 29.89 ? 237 HOH A O   1 
HETATM 1354 O O   . HOH B 2 .   ? 5.289   12.023  -17.289 1.00 34.31 ? 238 HOH A O   1 
HETATM 1355 O O   . HOH B 2 .   ? -10.813 7.023   -16.061 1.00 27.24 ? 239 HOH A O   1 
HETATM 1356 O O   . HOH B 2 .   ? 10.331  14.772  -6.282  1.00 39.63 ? 240 HOH A O   1 
HETATM 1357 O O   . HOH B 2 .   ? -10.517 -3.054  -13.424 1.00 27.01 ? 241 HOH A O   1 
HETATM 1358 O O   . HOH B 2 .   ? -10.105 -14.276 2.909   1.00 27.57 ? 242 HOH A O   1 
HETATM 1359 O O   . HOH B 2 .   ? -0.545  9.646   -10.650 1.00 23.89 ? 243 HOH A O   1 
HETATM 1360 O O   . HOH B 2 .   ? -2.596  2.542   16.230  1.00 40.36 ? 244 HOH A O   1 
HETATM 1361 O O   . HOH B 2 .   ? -10.117 -8.151  17.246  1.00 36.75 ? 245 HOH A O   1 
HETATM 1362 O O   . HOH B 2 .   ? -14.622 -6.378  0.726   1.00 25.36 ? 246 HOH A O   1 
HETATM 1363 O O   . HOH B 2 .   ? -5.896  4.188   15.719  1.00 36.03 ? 247 HOH A O   1 
HETATM 1364 O O   . HOH B 2 .   ? 1.113   -18.760 -8.703  1.00 30.35 ? 248 HOH A O   1 
HETATM 1365 O O   . HOH B 2 .   ? -8.322  14.616  -11.783 1.00 40.87 ? 249 HOH A O   1 
HETATM 1366 O O   . HOH B 2 .   ? 10.276  1.713   -11.424 1.00 50.36 ? 250 HOH A O   1 
HETATM 1367 O O   . HOH B 2 .   ? 11.633  6.772   -8.233  1.00 32.37 ? 251 HOH A O   1 
HETATM 1368 O O   . HOH B 2 .   ? -16.417 9.714   -3.637  1.00 33.10 ? 252 HOH A O   1 
HETATM 1369 O O   . HOH B 2 .   ? 9.502   5.744   -16.440 1.00 43.15 ? 253 HOH A O   1 
HETATM 1370 O O   . HOH B 2 .   ? -10.672 -18.229 8.556   1.00 43.26 ? 254 HOH A O   1 
HETATM 1371 O O   . HOH B 2 .   ? 2.579   -22.224 3.453   1.00 31.02 ? 255 HOH A O   1 
HETATM 1372 O O   . HOH B 2 .   ? 2.218   3.756   -12.338 1.00 29.84 ? 256 HOH A O   1 
HETATM 1373 O O   . HOH B 2 .   ? -17.720 3.162   -7.978  1.00 27.33 ? 257 HOH A O   1 
HETATM 1374 O O   . HOH B 2 .   ? 4.530   -6.573  -14.886 1.00 35.18 ? 258 HOH A O   1 
HETATM 1375 O O   . HOH B 2 .   ? -10.712 -0.220  12.281  1.00 28.98 ? 259 HOH A O   1 
HETATM 1376 O O   . HOH B 2 .   ? 0.080   -15.347 8.101   1.00 30.41 ? 260 HOH A O   1 
HETATM 1377 O O   . HOH B 2 .   ? 12.951  15.275  -7.021  1.00 35.94 ? 261 HOH A O   1 
HETATM 1378 O O   . HOH B 2 .   ? 2.029   12.868  4.848   1.00 40.88 ? 262 HOH A O   1 
HETATM 1379 O O   . HOH B 2 .   ? 4.618   2.449   -17.361 1.00 34.83 ? 263 HOH A O   1 
HETATM 1380 O O   . HOH B 2 .   ? -11.175 10.856  -1.518  1.00 35.43 ? 264 HOH A O   1 
HETATM 1381 O O   . HOH B 2 .   ? 10.131  18.557  -16.657 1.00 35.75 ? 265 HOH A O   1 
HETATM 1382 O O   . HOH B 2 .   ? -8.587  -2.307  -16.324 1.00 33.08 ? 266 HOH A O   1 
HETATM 1383 O O   . HOH B 2 .   ? -7.738  -14.240 -2.607  1.00 34.27 ? 267 HOH A O   1 
HETATM 1384 O O   . HOH B 2 .   ? 9.998   7.963   1.949   1.00 31.99 ? 268 HOH A O   1 
HETATM 1385 O O   . HOH B 2 .   ? -15.436 6.935   -9.264  1.00 36.65 ? 269 HOH A O   1 
HETATM 1386 O O   . HOH B 2 .   ? 14.856  1.343   -2.663  1.00 36.27 ? 270 HOH A O   1 
HETATM 1387 O O   . HOH B 2 .   ? 11.016  -5.512  -7.267  1.00 32.94 ? 271 HOH A O   1 
HETATM 1388 O O   . HOH B 2 .   ? 13.675  11.355  -4.668  1.00 35.82 ? 272 HOH A O   1 
HETATM 1389 O O   . HOH B 2 .   ? -3.611  5.234   14.347  1.00 44.84 ? 273 HOH A O   1 
HETATM 1390 O O   . HOH B 2 .   ? 12.673  7.241   4.014   1.00 28.47 ? 274 HOH A O   1 
HETATM 1391 O O   . HOH B 2 .   ? -14.213 -1.408  -3.933  1.00 16.02 ? 275 HOH A O   1 
HETATM 1392 O O   . HOH B 2 .   ? 8.743   -12.746 9.784   1.00 23.93 ? 276 HOH A O   1 
HETATM 1393 O O   . HOH B 2 .   ? -13.000 -3.313  -11.886 1.00 19.20 ? 277 HOH A O   1 
HETATM 1394 O O   . HOH B 2 .   ? -15.800 8.983   -6.251  1.00 25.56 ? 278 HOH A O   1 
HETATM 1395 O O   . HOH B 2 .   ? 3.577   -18.323 5.570   1.00 23.77 ? 279 HOH A O   1 
HETATM 1396 O O   . HOH B 2 .   ? 10.323  11.959  11.001  1.00 23.92 ? 280 HOH A O   1 
HETATM 1397 O O   . HOH B 2 .   ? -15.965 4.584   -11.063 1.00 25.46 ? 281 HOH A O   1 
HETATM 1398 O O   . HOH B 2 .   ? -14.206 5.929   7.146   1.00 20.44 ? 282 HOH A O   1 
HETATM 1399 O O   . HOH B 2 .   ? -10.795 -12.558 -0.925  1.00 28.58 ? 283 HOH A O   1 
HETATM 1400 O O   . HOH B 2 .   ? -16.194 -8.130  -0.776  1.00 24.92 ? 284 HOH A O   1 
HETATM 1401 O O   . HOH B 2 .   ? -9.737  10.189  -5.808  1.00 25.99 ? 285 HOH A O   1 
HETATM 1402 O O   . HOH B 2 .   ? 6.364   -13.527 12.768  1.00 32.29 ? 286 HOH A O   1 
HETATM 1403 O O   . HOH B 2 .   ? -14.905 3.238   7.043   1.00 27.23 ? 287 HOH A O   1 
HETATM 1404 O O   . HOH B 2 .   ? 14.100  17.205  -8.209  1.00 34.22 ? 288 HOH A O   1 
HETATM 1405 O O   . HOH B 2 .   ? -11.712 -4.747  18.251  1.00 40.89 ? 289 HOH A O   1 
HETATM 1406 O O   . HOH B 2 .   ? 15.089  -0.665  -4.337  1.00 29.28 ? 290 HOH A O   1 
HETATM 1407 O O   . HOH B 2 .   ? -0.469  -18.103 7.172   1.00 33.52 ? 291 HOH A O   1 
HETATM 1408 O O   . HOH B 2 .   ? -12.965 3.113   -14.302 1.00 32.43 ? 292 HOH A O   1 
HETATM 1409 O O   . HOH B 2 .   ? -13.417 -0.484  5.256   1.00 32.64 ? 293 HOH A O   1 
HETATM 1410 O O   . HOH B 2 .   ? 8.578   -6.715  19.269  1.00 29.43 ? 294 HOH A O   1 
HETATM 1411 O O   . HOH B 2 .   ? 15.364  6.879   7.857   1.00 30.30 ? 295 HOH A O   1 
HETATM 1412 O O   . HOH B 2 .   ? 8.634   -6.856  -5.322  1.00 33.79 ? 296 HOH A O   1 
HETATM 1413 O O   . HOH B 2 .   ? 15.428  -4.337  -6.643  1.00 31.21 ? 297 HOH A O   1 
HETATM 1414 O O   . HOH B 2 .   ? 9.624   5.137   17.228  1.00 45.82 ? 298 HOH A O   1 
HETATM 1415 O O   . HOH B 2 .   ? 12.657  6.537   -5.683  1.00 30.28 ? 299 HOH A O   1 
HETATM 1416 O O   . HOH B 2 .   ? -8.660  -11.973 3.300   1.00 35.43 ? 300 HOH A O   1 
HETATM 1417 O O   . HOH B 2 .   ? -5.143  14.914  -8.762  1.00 36.44 ? 301 HOH A O   1 
HETATM 1418 O O   . HOH B 2 .   ? 12.740  1.193   1.458   1.00 31.13 ? 302 HOH A O   1 
HETATM 1419 O O   . HOH B 2 .   ? -0.264  12.912  13.510  1.00 36.48 ? 303 HOH A O   1 
HETATM 1420 O O   . HOH B 2 .   ? -8.991  14.894  -3.137  1.00 33.80 ? 304 HOH A O   1 
HETATM 1421 O O   . HOH B 2 .   ? -2.688  12.199  4.858   1.00 30.60 ? 305 HOH A O   1 
HETATM 1422 O O   . HOH B 2 .   ? -17.742 2.585   -10.629 1.00 38.05 ? 306 HOH A O   1 
HETATM 1423 O O   . HOH B 2 .   ? 3.206   15.303  5.040   1.00 34.41 ? 307 HOH A O   1 
HETATM 1424 O O   . HOH B 2 .   ? 11.754  3.247   5.805   1.00 32.66 ? 308 HOH A O   1 
HETATM 1425 O O   . HOH B 2 .   ? -7.176  -16.295 3.024   1.00 20.07 ? 309 HOH A O   1 
HETATM 1426 O O   . HOH B 2 .   ? -0.136  -16.578 -8.296  1.00 38.71 ? 310 HOH A O   1 
HETATM 1427 O O   . HOH B 2 .   ? -12.625 -0.973  -16.564 1.00 33.95 ? 311 HOH A O   1 
HETATM 1428 O O   . HOH B 2 .   ? 6.904   3.751   17.394  1.00 46.25 ? 312 HOH A O   1 
HETATM 1429 O O   . HOH B 2 .   ? -2.573  -17.630 -4.746  1.00 34.25 ? 313 HOH A O   1 
HETATM 1430 O O   . HOH B 2 .   ? 3.824   14.730  8.222   1.00 25.93 ? 314 HOH A O   1 
HETATM 1431 O O   . HOH B 2 .   ? -7.101  -17.831 0.043   1.00 35.72 ? 315 HOH A O   1 
HETATM 1432 O O   . HOH B 2 .   ? 11.615  -10.708 20.262  1.00 36.35 ? 316 HOH A O   1 
HETATM 1433 O O   . HOH B 2 .   ? -12.196 -7.389  18.536  1.00 45.14 ? 317 HOH A O   1 
HETATM 1434 O O   . HOH B 2 .   ? -10.674 7.536   6.868   1.00 34.21 ? 318 HOH A O   1 
HETATM 1435 O O   . HOH B 2 .   ? -11.812 -9.579  14.005  1.00 48.03 ? 319 HOH A O   1 
HETATM 1436 O O   . HOH B 2 .   ? 12.174  -15.164 8.892   1.00 33.86 ? 320 HOH A O   1 
HETATM 1437 O O   . HOH B 2 .   ? -0.570  1.223   16.951  1.00 36.51 ? 321 HOH A O   1 
HETATM 1438 O O   . HOH B 2 .   ? -1.575  17.920  -2.932  1.00 36.09 ? 322 HOH A O   1 
HETATM 1439 O O   . HOH B 2 .   ? 0.031   14.623  -11.866 1.00 34.43 ? 323 HOH A O   1 
HETATM 1440 O O   . HOH B 2 .   ? 18.415  -8.936  2.123   1.00 35.81 ? 324 HOH A O   1 
HETATM 1441 O O   . HOH B 2 .   ? -11.823 -2.407  11.054  1.00 41.72 ? 325 HOH A O   1 
HETATM 1442 O O   . HOH B 2 .   ? -16.959 -1.147  -12.178 1.00 41.83 ? 326 HOH A O   1 
HETATM 1443 O O   . HOH B 2 .   ? -3.729  7.517   -16.136 1.00 42.04 ? 327 HOH A O   1 
HETATM 1444 O O   . HOH B 2 .   ? -11.912 -1.356  15.683  1.00 49.61 ? 328 HOH A O   1 
HETATM 1445 O O   . HOH B 2 .   ? -7.844  14.887  -8.460  1.00 44.67 ? 329 HOH A O   1 
HETATM 1446 O O   . HOH B 2 .   ? 13.048  12.994  10.789  1.00 11.35 ? 330 HOH A O   1 
HETATM 1447 O O   . HOH B 2 .   ? -11.698 5.676   8.293   1.00 28.03 ? 331 HOH A O   1 
HETATM 1448 O O   . HOH B 2 .   ? 12.741  -17.754 8.709   1.00 28.91 ? 332 HOH A O   1 
HETATM 1449 O O   . HOH B 2 .   ? -11.944 0.871   -18.988 1.00 34.64 ? 333 HOH A O   1 
HETATM 1450 O O   . HOH B 2 .   ? 13.293  -0.947  -6.699  1.00 32.69 ? 334 HOH A O   1 
HETATM 1451 O O   . HOH B 2 .   ? -6.255  16.034  -10.671 1.00 38.83 ? 335 HOH A O   1 
HETATM 1452 O O   . HOH B 2 .   ? 11.679  3.783   -12.166 1.00 39.91 ? 336 HOH A O   1 
HETATM 1453 O O   . HOH B 2 .   ? -2.254  -17.813 -7.562  1.00 44.63 ? 337 HOH A O   1 
HETATM 1454 O O   . HOH B 2 .   ? 1.010   -19.275 8.987   1.00 38.87 ? 338 HOH A O   1 
HETATM 1455 O O   . HOH B 2 .   ? 2.066   1.560   13.980  1.00 32.13 ? 339 HOH A O   1 
HETATM 1456 O O   . HOH B 2 .   ? 5.184   -18.279 7.979   1.00 39.74 ? 340 HOH A O   1 
HETATM 1457 O O   . HOH B 2 .   ? -16.973 -1.578  -4.845  1.00 36.98 ? 341 HOH A O   1 
HETATM 1458 O O   . HOH B 2 .   ? -10.958 1.645   10.376  1.00 42.98 ? 342 HOH A O   1 
HETATM 1459 O O   . HOH B 2 .   ? -11.327 -17.337 0.178   1.00 32.06 ? 343 HOH A O   1 
HETATM 1460 O O   . HOH B 2 .   ? 11.315  11.258  -13.073 1.00 38.67 ? 344 HOH A O   1 
HETATM 1461 O O   . HOH B 2 .   ? 17.337  -0.243  -6.481  1.00 47.06 ? 345 HOH A O   1 
HETATM 1462 O O   . HOH B 2 .   ? -0.982  -24.912 -2.715  1.00 45.26 ? 346 HOH A O   1 
HETATM 1463 O O   . HOH B 2 .   ? -0.327  15.506  14.371  1.00 34.52 ? 347 HOH A O   1 
HETATM 1464 O O   . HOH B 2 .   ? -18.024 11.653  -4.686  1.00 43.75 ? 348 HOH A O   1 
HETATM 1465 O O   . HOH B 2 .   ? 1.719   -4.911  -18.072 1.00 38.91 ? 349 HOH A O   1 
HETATM 1466 O O   . HOH B 2 .   ? -8.552  -12.692 12.142  1.00 48.72 ? 350 HOH A O   1 
HETATM 1467 O O   . HOH B 2 .   ? -10.434 3.362   8.497   1.00 35.88 ? 351 HOH A O   1 
HETATM 1468 O O   . HOH B 2 .   ? 11.401  -2.148  -8.610  1.00 40.63 ? 352 HOH A O   1 
HETATM 1469 O O   . HOH B 2 .   ? 2.267   17.539  -3.269  1.00 33.40 ? 353 HOH A O   1 
HETATM 1470 O O   . HOH B 2 .   ? -1.469  -22.452 -3.290  1.00 36.06 ? 354 HOH A O   1 
HETATM 1471 O O   . HOH B 2 .   ? -11.970 5.918   10.874  1.00 47.52 ? 355 HOH A O   1 
HETATM 1472 O O   . HOH B 2 .   ? 13.744  -1.116  0.959   1.00 50.09 ? 356 HOH A O   1 
HETATM 1473 O O   . HOH B 2 .   ? 7.583   -15.665 8.825   1.00 46.63 ? 357 HOH A O   1 
HETATM 1474 O O   . HOH B 2 .   ? 2.784   15.468  10.468  1.00 39.94 ? 358 HOH A O   1 
HETATM 1475 O O   . HOH B 2 .   ? 14.943  -4.273  1.395   1.00 29.88 ? 359 HOH A O   1 
HETATM 1476 O O   . HOH B 2 .   ? -10.635 -5.673  22.301  1.00 51.88 ? 360 HOH A O   1 
HETATM 1477 O O   . HOH B 2 .   ? -9.219  -5.112  24.236  1.00 33.12 ? 361 HOH A O   1 
HETATM 1478 O O   . HOH B 2 .   ? 13.730  -11.808 10.220  1.00 33.79 ? 362 HOH A O   1 
HETATM 1479 O O   . HOH B 2 .   ? 7.699   10.875  -15.638 1.00 38.59 ? 363 HOH A O   1 
HETATM 1480 O O   . HOH B 2 .   ? -13.998 -1.043  8.428   1.00 35.88 ? 364 HOH A O   1 
HETATM 1481 O O   . HOH B 2 .   ? 0.219   12.944  2.949   1.00 33.22 ? 365 HOH A O   1 
HETATM 1482 O O   . HOH B 2 .   ? 12.974  5.492   9.893   1.00 40.38 ? 366 HOH A O   1 
HETATM 1483 O O   . HOH B 2 .   ? -4.260  -18.668 -1.480  1.00 34.90 ? 367 HOH A O   1 
HETATM 1484 O O   . HOH B 2 .   ? -8.516  -6.254  10.656  1.00 40.26 ? 368 HOH A O   1 
HETATM 1485 O O   . HOH B 2 .   ? 18.598  -4.740  8.737   1.00 32.47 ? 369 HOH A O   1 
HETATM 1486 O O   . HOH B 2 .   ? 1.935   -23.483 -6.901  1.00 29.32 ? 370 HOH A O   1 
HETATM 1487 O O   . HOH B 2 .   ? -12.380 -5.422  10.446  1.00 36.71 ? 371 HOH A O   1 
HETATM 1488 O O   . HOH B 2 .   ? -13.115 1.652   8.646   1.00 40.27 ? 372 HOH A O   1 
HETATM 1489 O O   . HOH B 2 .   ? 12.041  -7.018  -9.424  1.00 41.17 ? 373 HOH A O   1 
HETATM 1490 O O   . HOH B 2 .   ? 16.883  2.885   -3.770  1.00 44.12 ? 374 HOH A O   1 
HETATM 1491 O O   . HOH B 2 .   ? 15.013  14.104  -5.336  1.00 45.78 ? 375 HOH A O   1 
HETATM 1492 O O   . HOH B 2 .   ? -10.748 -20.121 4.727   1.00 47.03 ? 376 HOH A O   1 
HETATM 1493 O O   . HOH B 2 .   ? 6.642   -9.902  -9.519  1.00 38.37 ? 377 HOH A O   1 
HETATM 1494 O O   . HOH B 2 .   ? -13.365 -19.818 3.663   1.00 47.55 ? 378 HOH A O   1 
HETATM 1495 O O   . HOH B 2 .   ? -15.293 2.388   10.035  1.00 41.48 ? 379 HOH A O   1 
HETATM 1496 O O   . HOH B 2 .   ? -2.621  -6.499  -18.554 1.00 49.42 ? 380 HOH A O   1 
HETATM 1497 O O   . HOH B 2 .   ? 13.786  14.900  -16.268 1.00 42.29 ? 381 HOH A O   1 
HETATM 1498 O O   . HOH B 2 .   ? -17.557 -1.549  -2.277  1.00 45.34 ? 382 HOH A O   1 
HETATM 1499 O O   . HOH B 2 .   ? -8.274  -19.779 2.624   1.00 40.78 ? 383 HOH A O   1 
HETATM 1500 O O   . HOH B 2 .   ? -5.797  -21.746 1.183   1.00 44.41 ? 384 HOH A O   1 
HETATM 1501 O O   . HOH B 2 .   ? -1.928  -4.033  -17.329 1.00 41.95 ? 385 HOH A O   1 
HETATM 1502 O O   . HOH B 2 .   ? -10.648 -0.781  -20.984 1.00 42.98 ? 386 HOH A O   1 
HETATM 1503 O O   . HOH B 2 .   ? -6.913  -19.486 5.394   1.00 47.84 ? 387 HOH A O   1 
HETATM 1504 O O   . HOH B 2 .   ? -17.404 -3.978  -3.917  1.00 47.28 ? 388 HOH A O   1 
HETATM 1505 O O   . HOH B 2 .   ? 2.085   -24.097 6.352   1.00 48.25 ? 389 HOH A O   1 
HETATM 1506 O O   . HOH B 2 .   ? 15.536  8.944   9.361   1.00 48.78 ? 390 HOH A O   1 
HETATM 1507 O O   . HOH B 2 .   ? 0.874   -24.397 8.923   1.00 48.06 ? 391 HOH A O   1 
# 
